data_1W2I
# 
_entry.id   1W2I 
# 
_audit_conform.dict_name       mmcif_pdbx.dic 
_audit_conform.dict_version    5.382 
_audit_conform.dict_location   http://mmcif.pdb.org/dictionaries/ascii/mmcif_pdbx.dic 
# 
loop_
_database_2.database_id 
_database_2.database_code 
_database_2.pdbx_database_accession 
_database_2.pdbx_DOI 
PDB   1W2I         pdb_00001w2i 10.2210/pdb1w2i/pdb 
PDBE  EBI-20326    ?            ?                   
WWPDB D_1290020326 ?            ?                   
# 
_pdbx_database_status.status_code                     REL 
_pdbx_database_status.entry_id                        1W2I 
_pdbx_database_status.deposit_site                    PDBE 
_pdbx_database_status.process_site                    PDBE 
_pdbx_database_status.SG_entry                        . 
_pdbx_database_status.recvd_initial_deposition_date   2004-07-06 
_pdbx_database_status.pdb_format_compatible           Y 
_pdbx_database_status.status_code_sf                  REL 
_pdbx_database_status.status_code_mr                  ? 
_pdbx_database_status.status_code_cs                  ? 
_pdbx_database_status.methods_development_category    ? 
_pdbx_database_status.status_code_nmr_data            ? 
# 
loop_
_audit_author.name 
_audit_author.pdbx_ordinal 
'Cheung, Y.Y.' 1 
'Lam, S.Y.'    2 
'Chu, W.K.'    3 
'Allen, M.D.'  4 
'Bycroft, M.'  5 
'Wong, K.B.'   6 
# 
loop_
_citation.id 
_citation.title 
_citation.journal_abbrev 
_citation.journal_volume 
_citation.page_first 
_citation.page_last 
_citation.year 
_citation.journal_id_ASTM 
_citation.country 
_citation.journal_id_ISSN 
_citation.journal_id_CSD 
_citation.book_publisher 
_citation.pdbx_database_id_PubMed 
_citation.pdbx_database_id_DOI 
primary 
;Crystal Structure of a Hyperthermophilic Archaeal Acylphosphatase from Pyrococcus Horikoshii-Structural Insights Into Enzymatic Catalysis, Thermostability, and Dimerization
;
Biochemistry               44 4601 ? 2005 BICHAW US 0006-2960 0033 ? 15779887 10.1021/BI047832K         
1       
;Crystallization and Preliminary Crystallographic Analysis of an Acylphosphatase from the Hyperthermophilic Archaeon Pyrococcus Horikoshii
;
'Acta Crystallogr.,Sect.D' 60 1308 ? 2004 ABCRE6 DK 0907-4449 0766 ? 15213401 10.1107/S0907444904010996 
# 
loop_
_citation_author.citation_id 
_citation_author.name 
_citation_author.ordinal 
_citation_author.identifier_ORCID 
primary 'Cheung, Y.Y.' 1  ? 
primary 'Lam, S.Y.'    2  ? 
primary 'Chu, W.K.'    3  ? 
primary 'Allen, M.D.'  4  ? 
primary 'Bycroft, M.'  5  ? 
primary 'Wong, K.B.'   6  ? 
1       'Cheung, Y.Y.' 7  ? 
1       'Allen, M.D.'  8  ? 
1       'Bycroft, M.'  9  ? 
1       'Wong, K.B.'   10 ? 
# 
_cell.entry_id           1W2I 
_cell.length_a           85.336 
_cell.length_b           85.336 
_cell.length_c           75.650 
_cell.angle_alpha        90.00 
_cell.angle_beta         90.00 
_cell.angle_gamma        120.00 
_cell.Z_PDB              12 
_cell.pdbx_unique_axis   ? 
# 
_symmetry.entry_id                         1W2I 
_symmetry.space_group_name_H-M             'P 32 2 1' 
_symmetry.pdbx_full_space_group_name_H-M   ? 
_symmetry.cell_setting                     ? 
_symmetry.Int_Tables_number                154 
# 
loop_
_entity.id 
_entity.type 
_entity.src_method 
_entity.pdbx_description 
_entity.formula_weight 
_entity.pdbx_number_of_molecules 
_entity.pdbx_ec 
_entity.pdbx_mutation 
_entity.pdbx_fragment 
_entity.details 
1 polymer     man ACYLPHOSPHATASE 10276.852 2   3.6.1.7 ? ? ? 
2 non-polymer syn 'FORMIC ACID'   46.025    4   ?       ? ? ? 
3 water       nat water           18.015    209 ?       ? ? ? 
# 
_entity_poly.entity_id                      1 
_entity_poly.type                           'polypeptide(L)' 
_entity_poly.nstd_linkage                   no 
_entity_poly.nstd_monomer                   no 
_entity_poly.pdbx_seq_one_letter_code       
;MAIVRAHLKIYGRVQGVGFRWSMQREARKLGVNGWVRNLPDGSVEAVLEGDEERVEALIGWAHQGPPLARVTRVEVKWEQ
PKGEKGFRIVG
;
_entity_poly.pdbx_seq_one_letter_code_can   
;MAIVRAHLKIYGRVQGVGFRWSMQREARKLGVNGWVRNLPDGSVEAVLEGDEERVEALIGWAHQGPPLARVTRVEVKWEQ
PKGEKGFRIVG
;
_entity_poly.pdbx_strand_id                 A,B 
_entity_poly.pdbx_target_identifier         ? 
# 
loop_
_entity_poly_seq.entity_id 
_entity_poly_seq.num 
_entity_poly_seq.mon_id 
_entity_poly_seq.hetero 
1 1  MET n 
1 2  ALA n 
1 3  ILE n 
1 4  VAL n 
1 5  ARG n 
1 6  ALA n 
1 7  HIS n 
1 8  LEU n 
1 9  LYS n 
1 10 ILE n 
1 11 TYR n 
1 12 GLY n 
1 13 ARG n 
1 14 VAL n 
1 15 GLN n 
1 16 GLY n 
1 17 VAL n 
1 18 GLY n 
1 19 PHE n 
1 20 ARG n 
1 21 TRP n 
1 22 SER n 
1 23 MET n 
1 24 GLN n 
1 25 ARG n 
1 26 GLU n 
1 27 ALA n 
1 28 ARG n 
1 29 LYS n 
1 30 LEU n 
1 31 GLY n 
1 32 VAL n 
1 33 ASN n 
1 34 GLY n 
1 35 TRP n 
1 36 VAL n 
1 37 ARG n 
1 38 ASN n 
1 39 LEU n 
1 40 PRO n 
1 41 ASP n 
1 42 GLY n 
1 43 SER n 
1 44 VAL n 
1 45 GLU n 
1 46 ALA n 
1 47 VAL n 
1 48 LEU n 
1 49 GLU n 
1 50 GLY n 
1 51 ASP n 
1 52 GLU n 
1 53 GLU n 
1 54 ARG n 
1 55 VAL n 
1 56 GLU n 
1 57 ALA n 
1 58 LEU n 
1 59 ILE n 
1 60 GLY n 
1 61 TRP n 
1 62 ALA n 
1 63 HIS n 
1 64 GLN n 
1 65 GLY n 
1 66 PRO n 
1 67 PRO n 
1 68 LEU n 
1 69 ALA n 
1 70 ARG n 
1 71 VAL n 
1 72 THR n 
1 73 ARG n 
1 74 VAL n 
1 75 GLU n 
1 76 VAL n 
1 77 LYS n 
1 78 TRP n 
1 79 GLU n 
1 80 GLN n 
1 81 PRO n 
1 82 LYS n 
1 83 GLY n 
1 84 GLU n 
1 85 LYS n 
1 86 GLY n 
1 87 PHE n 
1 88 ARG n 
1 89 ILE n 
1 90 VAL n 
1 91 GLY n 
# 
_entity_src_gen.entity_id                          1 
_entity_src_gen.pdbx_src_id                        1 
_entity_src_gen.pdbx_alt_source_flag               sample 
_entity_src_gen.pdbx_seq_type                      ? 
_entity_src_gen.pdbx_beg_seq_num                   ? 
_entity_src_gen.pdbx_end_seq_num                   ? 
_entity_src_gen.gene_src_common_name               ? 
_entity_src_gen.gene_src_genus                     ? 
_entity_src_gen.pdbx_gene_src_gene                 ? 
_entity_src_gen.gene_src_species                   ? 
_entity_src_gen.gene_src_strain                    ? 
_entity_src_gen.gene_src_tissue                    ? 
_entity_src_gen.gene_src_tissue_fraction           ? 
_entity_src_gen.gene_src_details                   ? 
_entity_src_gen.pdbx_gene_src_fragment             ? 
_entity_src_gen.pdbx_gene_src_scientific_name      'PYROCOCCUS HORIKOSHII' 
_entity_src_gen.pdbx_gene_src_ncbi_taxonomy_id     53953 
_entity_src_gen.pdbx_gene_src_variant              ? 
_entity_src_gen.pdbx_gene_src_cell_line            ? 
_entity_src_gen.pdbx_gene_src_atcc                 ? 
_entity_src_gen.pdbx_gene_src_organ                ? 
_entity_src_gen.pdbx_gene_src_organelle            ? 
_entity_src_gen.pdbx_gene_src_cell                 ? 
_entity_src_gen.pdbx_gene_src_cellular_location    ? 
_entity_src_gen.host_org_common_name               ? 
_entity_src_gen.pdbx_host_org_scientific_name      'ESCHERICHIA COLI BL21(DE3)' 
_entity_src_gen.pdbx_host_org_ncbi_taxonomy_id     469008 
_entity_src_gen.host_org_genus                     ? 
_entity_src_gen.pdbx_host_org_gene                 ? 
_entity_src_gen.pdbx_host_org_organ                ? 
_entity_src_gen.host_org_species                   ? 
_entity_src_gen.pdbx_host_org_tissue               ? 
_entity_src_gen.pdbx_host_org_tissue_fraction      ? 
_entity_src_gen.pdbx_host_org_strain               ? 
_entity_src_gen.pdbx_host_org_variant              C41 
_entity_src_gen.pdbx_host_org_cell_line            ? 
_entity_src_gen.pdbx_host_org_atcc                 ? 
_entity_src_gen.pdbx_host_org_culture_collection   ? 
_entity_src_gen.pdbx_host_org_cell                 ? 
_entity_src_gen.pdbx_host_org_organelle            ? 
_entity_src_gen.pdbx_host_org_cellular_location    ? 
_entity_src_gen.pdbx_host_org_vector_type          ? 
_entity_src_gen.pdbx_host_org_vector               ? 
_entity_src_gen.host_org_details                   ? 
_entity_src_gen.expression_system_id               ? 
_entity_src_gen.plasmid_name                       PET 
_entity_src_gen.plasmid_details                    ? 
_entity_src_gen.pdbx_description                   ? 
# 
_struct_ref.id                         1 
_struct_ref.db_name                    PDB 
_struct_ref.db_code                    1W2I 
_struct_ref.entity_id                  1 
_struct_ref.pdbx_seq_one_letter_code   ? 
_struct_ref.pdbx_align_begin           ? 
_struct_ref.pdbx_db_accession          1W2I 
_struct_ref.pdbx_db_isoform            ? 
# 
loop_
_struct_ref_seq.align_id 
_struct_ref_seq.ref_id 
_struct_ref_seq.pdbx_PDB_id_code 
_struct_ref_seq.pdbx_strand_id 
_struct_ref_seq.seq_align_beg 
_struct_ref_seq.pdbx_seq_align_beg_ins_code 
_struct_ref_seq.seq_align_end 
_struct_ref_seq.pdbx_seq_align_end_ins_code 
_struct_ref_seq.pdbx_db_accession 
_struct_ref_seq.db_align_beg 
_struct_ref_seq.pdbx_db_align_beg_ins_code 
_struct_ref_seq.db_align_end 
_struct_ref_seq.pdbx_db_align_end_ins_code 
_struct_ref_seq.pdbx_auth_seq_align_beg 
_struct_ref_seq.pdbx_auth_seq_align_end 
1 1 1W2I A 1 ? 91 ? 1W2I 1 ? 91 ? 1 91 
2 1 1W2I B 1 ? 91 ? 1W2I 1 ? 91 ? 1 91 
# 
loop_
_chem_comp.id 
_chem_comp.type 
_chem_comp.mon_nstd_flag 
_chem_comp.name 
_chem_comp.pdbx_synonyms 
_chem_comp.formula 
_chem_comp.formula_weight 
ALA 'L-peptide linking' y ALANINE         ? 'C3 H7 N O2'     89.093  
ARG 'L-peptide linking' y ARGININE        ? 'C6 H15 N4 O2 1' 175.209 
ASN 'L-peptide linking' y ASPARAGINE      ? 'C4 H8 N2 O3'    132.118 
ASP 'L-peptide linking' y 'ASPARTIC ACID' ? 'C4 H7 N O4'     133.103 
FMT non-polymer         . 'FORMIC ACID'   ? 'C H2 O2'        46.025  
GLN 'L-peptide linking' y GLUTAMINE       ? 'C5 H10 N2 O3'   146.144 
GLU 'L-peptide linking' y 'GLUTAMIC ACID' ? 'C5 H9 N O4'     147.129 
GLY 'peptide linking'   y GLYCINE         ? 'C2 H5 N O2'     75.067  
HIS 'L-peptide linking' y HISTIDINE       ? 'C6 H10 N3 O2 1' 156.162 
HOH non-polymer         . WATER           ? 'H2 O'           18.015  
ILE 'L-peptide linking' y ISOLEUCINE      ? 'C6 H13 N O2'    131.173 
LEU 'L-peptide linking' y LEUCINE         ? 'C6 H13 N O2'    131.173 
LYS 'L-peptide linking' y LYSINE          ? 'C6 H15 N2 O2 1' 147.195 
MET 'L-peptide linking' y METHIONINE      ? 'C5 H11 N O2 S'  149.211 
PHE 'L-peptide linking' y PHENYLALANINE   ? 'C9 H11 N O2'    165.189 
PRO 'L-peptide linking' y PROLINE         ? 'C5 H9 N O2'     115.130 
SER 'L-peptide linking' y SERINE          ? 'C3 H7 N O3'     105.093 
THR 'L-peptide linking' y THREONINE       ? 'C4 H9 N O3'     119.119 
TRP 'L-peptide linking' y TRYPTOPHAN      ? 'C11 H12 N2 O2'  204.225 
TYR 'L-peptide linking' y TYROSINE        ? 'C9 H11 N O3'    181.189 
VAL 'L-peptide linking' y VALINE          ? 'C5 H11 N O2'    117.146 
# 
_exptl.entry_id          1W2I 
_exptl.method            'X-RAY DIFFRACTION' 
_exptl.crystals_number   1 
# 
_exptl_crystal.id                    1 
_exptl_crystal.density_meas          ? 
_exptl_crystal.density_Matthews      3.9 
_exptl_crystal.density_percent_sol   68.6 
_exptl_crystal.description           ? 
# 
_exptl_crystal_grow.crystal_id      1 
_exptl_crystal_grow.method          ? 
_exptl_crystal_grow.temp            290 
_exptl_crystal_grow.temp_details    ? 
_exptl_crystal_grow.pH              6.00 
_exptl_crystal_grow.pdbx_pH_range   ? 
_exptl_crystal_grow.pdbx_details    '0.1M MES PH6 1.4M SODIUM FORMATE 17C, pH 6.00' 
# 
_diffrn.id                     1 
_diffrn.ambient_temp           100.0 
_diffrn.ambient_temp_details   ? 
_diffrn.crystal_id             1 
# 
_diffrn_detector.diffrn_id              1 
_diffrn_detector.detector               CCD 
_diffrn_detector.type                   'ADSC CCD' 
_diffrn_detector.pdbx_collection_date   2003-05-24 
_diffrn_detector.details                ? 
# 
_diffrn_radiation.diffrn_id                        1 
_diffrn_radiation.wavelength_id                    1 
_diffrn_radiation.pdbx_monochromatic_or_laue_m_l   M 
_diffrn_radiation.monochromator                    ? 
_diffrn_radiation.pdbx_diffrn_protocol             'SINGLE WAVELENGTH' 
_diffrn_radiation.pdbx_scattering_type             x-ray 
# 
_diffrn_radiation_wavelength.id           1 
_diffrn_radiation_wavelength.wavelength   0.977433 
_diffrn_radiation_wavelength.wt           1.0 
# 
_diffrn_source.diffrn_id                   1 
_diffrn_source.source                      SYNCHROTRON 
_diffrn_source.type                        'SRS BEAMLINE PX14.1' 
_diffrn_source.pdbx_synchrotron_site       SRS 
_diffrn_source.pdbx_synchrotron_beamline   PX14.1 
_diffrn_source.pdbx_wavelength             0.977433 
_diffrn_source.pdbx_wavelength_list        ? 
# 
_reflns.pdbx_diffrn_id               1 
_reflns.pdbx_ordinal                 1 
_reflns.entry_id                     1W2I 
_reflns.observed_criterion_sigma_I   2.000 
_reflns.observed_criterion_sigma_F   ? 
_reflns.d_resolution_low             16.950 
_reflns.d_resolution_high            1.500 
_reflns.number_obs                   51268 
_reflns.number_all                   ? 
_reflns.percent_possible_obs         99.9 
_reflns.pdbx_Rmerge_I_obs            0.08000 
_reflns.pdbx_Rsym_value              ? 
_reflns.pdbx_netI_over_sigmaI        22.5000 
_reflns.B_iso_Wilson_estimate        15.88 
_reflns.pdbx_redundancy              9.700 
# 
_reflns_shell.pdbx_diffrn_id         1 
_reflns_shell.pdbx_ordinal           1 
_reflns_shell.d_res_high             1.50 
_reflns_shell.d_res_low              1.58 
_reflns_shell.percent_possible_all   99.9 
_reflns_shell.Rmerge_I_obs           0.39000 
_reflns_shell.pdbx_Rsym_value        ? 
_reflns_shell.meanI_over_sigI_obs    5.200 
_reflns_shell.pdbx_redundancy        9.20 
# 
_refine.pdbx_refine_id                           'X-RAY DIFFRACTION' 
_refine.entry_id                                 1W2I 
_refine.pdbx_diffrn_id                           1 
_refine.pdbx_TLS_residual_ADP_flag               ? 
_refine.ls_number_reflns_obs                     48655 
_refine.ls_number_reflns_all                     ? 
_refine.pdbx_ls_sigma_I                          ? 
_refine.pdbx_ls_sigma_F                          ? 
_refine.pdbx_data_cutoff_high_absF               ? 
_refine.pdbx_data_cutoff_low_absF                ? 
_refine.pdbx_data_cutoff_high_rms_absF           ? 
_refine.ls_d_res_low                             73.92 
_refine.ls_d_res_high                            1.50 
_refine.ls_percent_reflns_obs                    99.9 
_refine.ls_R_factor_obs                          0.167 
_refine.ls_R_factor_all                          ? 
_refine.ls_R_factor_R_work                       0.166 
_refine.ls_R_factor_R_free                       0.174 
_refine.ls_R_factor_R_free_error                 ? 
_refine.ls_R_factor_R_free_error_details         ? 
_refine.ls_percent_reflns_R_free                 5.100 
_refine.ls_number_reflns_R_free                  2601 
_refine.ls_number_parameters                     ? 
_refine.ls_number_restraints                     ? 
_refine.occupancy_min                            ? 
_refine.occupancy_max                            ? 
_refine.correlation_coeff_Fo_to_Fc               0.967 
_refine.correlation_coeff_Fo_to_Fc_free          0.963 
_refine.B_iso_mean                               13.80 
_refine.aniso_B[1][1]                            0.41000 
_refine.aniso_B[2][2]                            0.41000 
_refine.aniso_B[3][3]                            -0.61000 
_refine.aniso_B[1][2]                            0.20000 
_refine.aniso_B[1][3]                            0.00000 
_refine.aniso_B[2][3]                            0.00000 
_refine.solvent_model_details                    MASK 
_refine.solvent_model_param_ksol                 ? 
_refine.solvent_model_param_bsol                 ? 
_refine.pdbx_solvent_vdw_probe_radii             1.20 
_refine.pdbx_solvent_ion_probe_radii             0.80 
_refine.pdbx_solvent_shrinkage_radii             0.80 
_refine.pdbx_ls_cross_valid_method               THROUGHOUT 
_refine.details                                  'HYDROGENS HAVE BEEN ADDED IN THE RIDING POSITIONS.' 
_refine.pdbx_starting_model                      'PDB ENTRY 2ACY' 
_refine.pdbx_method_to_determine_struct          'MOLECULAR REPLACEMENT' 
_refine.pdbx_isotropic_thermal_model             ? 
_refine.pdbx_stereochemistry_target_values       'MAXIMUM LIKELIHOOD' 
_refine.pdbx_stereochem_target_val_spec_case     ? 
_refine.pdbx_R_Free_selection_details            RANDOM 
_refine.pdbx_overall_ESU_R                       0.052 
_refine.pdbx_overall_ESU_R_Free                  0.050 
_refine.overall_SU_ML                            0.030 
_refine.pdbx_overall_phase_error                 ? 
_refine.overall_SU_B                             0.780 
_refine.overall_SU_R_Cruickshank_DPI             ? 
_refine.pdbx_overall_SU_R_free_Cruickshank_DPI   ? 
_refine.pdbx_overall_SU_R_Blow_DPI               ? 
_refine.pdbx_overall_SU_R_free_Blow_DPI          ? 
# 
_refine_hist.pdbx_refine_id                   'X-RAY DIFFRACTION' 
_refine_hist.cycle_id                         LAST 
_refine_hist.pdbx_number_atoms_protein        1434 
_refine_hist.pdbx_number_atoms_nucleic_acid   0 
_refine_hist.pdbx_number_atoms_ligand         12 
_refine_hist.number_atoms_solvent             209 
_refine_hist.number_atoms_total               1655 
_refine_hist.d_res_high                       1.50 
_refine_hist.d_res_low                        73.92 
# 
loop_
_refine_ls_restr.type 
_refine_ls_restr.dev_ideal 
_refine_ls_restr.dev_ideal_target 
_refine_ls_restr.weight 
_refine_ls_restr.number 
_refine_ls_restr.pdbx_refine_id 
_refine_ls_restr.pdbx_restraint_function 
r_bond_refined_d             0.009  0.021  ? 1566 'X-RAY DIFFRACTION' ? 
r_bond_other_d               0.001  0.020  ? 1517 'X-RAY DIFFRACTION' ? 
r_angle_refined_deg          1.199  1.932  ? 2104 'X-RAY DIFFRACTION' ? 
r_angle_other_deg            0.770  3.000  ? 3501 'X-RAY DIFFRACTION' ? 
r_dihedral_angle_1_deg       5.764  5.000  ? 178  'X-RAY DIFFRACTION' ? 
r_dihedral_angle_2_deg       34.969 21.667 ? 84   'X-RAY DIFFRACTION' ? 
r_dihedral_angle_3_deg       11.483 15.000 ? 298  'X-RAY DIFFRACTION' ? 
r_dihedral_angle_4_deg       13.261 15.000 ? 26   'X-RAY DIFFRACTION' ? 
r_chiral_restr               0.078  0.200  ? 220  'X-RAY DIFFRACTION' ? 
r_gen_planes_refined         0.005  0.020  ? 1700 'X-RAY DIFFRACTION' ? 
r_gen_planes_other           0.001  0.020  ? 350  'X-RAY DIFFRACTION' ? 
r_nbd_refined                0.194  0.200  ? 234  'X-RAY DIFFRACTION' ? 
r_nbd_other                  0.190  0.200  ? 1488 'X-RAY DIFFRACTION' ? 
r_nbtor_refined              0.171  0.200  ? 724  'X-RAY DIFFRACTION' ? 
r_nbtor_other                0.076  0.200  ? 975  'X-RAY DIFFRACTION' ? 
r_xyhbond_nbd_refined        0.159  0.200  ? 129  'X-RAY DIFFRACTION' ? 
r_xyhbond_nbd_other          ?      ?      ? ?    'X-RAY DIFFRACTION' ? 
r_metal_ion_refined          ?      ?      ? ?    'X-RAY DIFFRACTION' ? 
r_metal_ion_other            ?      ?      ? ?    'X-RAY DIFFRACTION' ? 
r_symmetry_vdw_refined       0.090  0.200  ? 6    'X-RAY DIFFRACTION' ? 
r_symmetry_vdw_other         0.252  0.200  ? 42   'X-RAY DIFFRACTION' ? 
r_symmetry_hbond_refined     0.113  0.200  ? 7    'X-RAY DIFFRACTION' ? 
r_symmetry_hbond_other       ?      ?      ? ?    'X-RAY DIFFRACTION' ? 
r_symmetry_metal_ion_refined ?      ?      ? ?    'X-RAY DIFFRACTION' ? 
r_symmetry_metal_ion_other   ?      ?      ? ?    'X-RAY DIFFRACTION' ? 
r_mcbond_it                  1.124  1.500  ? 1203 'X-RAY DIFFRACTION' ? 
r_mcbond_other               ?      ?      ? ?    'X-RAY DIFFRACTION' ? 
r_mcangle_it                 1.135  2.000  ? 1458 'X-RAY DIFFRACTION' ? 
r_mcangle_other              ?      ?      ? ?    'X-RAY DIFFRACTION' ? 
r_scbond_it                  2.150  3.000  ? 780  'X-RAY DIFFRACTION' ? 
r_scbond_other               ?      ?      ? ?    'X-RAY DIFFRACTION' ? 
r_scangle_it                 2.964  4.500  ? 646  'X-RAY DIFFRACTION' ? 
r_scangle_other              ?      ?      ? ?    'X-RAY DIFFRACTION' ? 
r_long_range_B_refined       ?      ?      ? ?    'X-RAY DIFFRACTION' ? 
r_long_range_B_other         ?      ?      ? ?    'X-RAY DIFFRACTION' ? 
r_rigid_bond_restr           ?      ?      ? ?    'X-RAY DIFFRACTION' ? 
r_sphericity_free            ?      ?      ? ?    'X-RAY DIFFRACTION' ? 
r_sphericity_bonded          ?      ?      ? ?    'X-RAY DIFFRACTION' ? 
# 
_refine_ls_shell.pdbx_refine_id                   'X-RAY DIFFRACTION' 
_refine_ls_shell.pdbx_total_number_of_bins_used   20 
_refine_ls_shell.d_res_high                       1.50 
_refine_ls_shell.d_res_low                        1.54 
_refine_ls_shell.number_reflns_R_work             3601 
_refine_ls_shell.R_factor_R_work                  0.1900 
_refine_ls_shell.percent_reflns_obs               ? 
_refine_ls_shell.R_factor_R_free                  0.2160 
_refine_ls_shell.R_factor_R_free_error            ? 
_refine_ls_shell.percent_reflns_R_free            ? 
_refine_ls_shell.number_reflns_R_free             161 
_refine_ls_shell.number_reflns_all                ? 
_refine_ls_shell.R_factor_all                     ? 
# 
_struct.entry_id                  1W2I 
_struct.title                     'Crystal structuore of acylphosphatase from Pyrococcus horikoshii complexed with formate' 
_struct.pdbx_model_details        ? 
_struct.pdbx_CASP_flag            ? 
_struct.pdbx_model_type_details   ? 
# 
_struct_keywords.entry_id        1W2I 
_struct_keywords.pdbx_keywords   HYDROLASE 
_struct_keywords.text            'HYDROLASE, THERMOPHILIC, STABILITY, AMYLOID, PHOSPHATASE' 
# 
loop_
_struct_asym.id 
_struct_asym.pdbx_blank_PDB_chainid_flag 
_struct_asym.pdbx_modified 
_struct_asym.entity_id 
_struct_asym.details 
A N N 1 ? 
B N N 1 ? 
C N N 2 ? 
D N N 2 ? 
E N N 2 ? 
F N N 2 ? 
G N N 3 ? 
H N N 3 ? 
# 
_struct_biol.id   1 
# 
loop_
_struct_conf.conf_type_id 
_struct_conf.id 
_struct_conf.pdbx_PDB_helix_id 
_struct_conf.beg_label_comp_id 
_struct_conf.beg_label_asym_id 
_struct_conf.beg_label_seq_id 
_struct_conf.pdbx_beg_PDB_ins_code 
_struct_conf.end_label_comp_id 
_struct_conf.end_label_asym_id 
_struct_conf.end_label_seq_id 
_struct_conf.pdbx_end_PDB_ins_code 
_struct_conf.beg_auth_comp_id 
_struct_conf.beg_auth_asym_id 
_struct_conf.beg_auth_seq_id 
_struct_conf.end_auth_comp_id 
_struct_conf.end_auth_asym_id 
_struct_conf.end_auth_seq_id 
_struct_conf.pdbx_PDB_helix_class 
_struct_conf.details 
_struct_conf.pdbx_PDB_helix_length 
HELX_P HELX_P1 1 GLY A 18 ? GLY A 31 ? GLY A 18 GLY A 31 1 ? 14 
HELX_P HELX_P2 2 GLU A 52 ? ALA A 62 ? GLU A 52 ALA A 62 1 ? 11 
HELX_P HELX_P3 3 GLY B 18 ? GLY B 31 ? GLY B 18 GLY B 31 1 ? 14 
HELX_P HELX_P4 4 GLU B 52 ? HIS B 63 ? GLU B 52 HIS B 63 1 ? 12 
# 
_struct_conf_type.id          HELX_P 
_struct_conf_type.criteria    ? 
_struct_conf_type.reference   ? 
# 
_struct_sheet.id               AA 
_struct_sheet.type             ? 
_struct_sheet.number_strands   10 
_struct_sheet.details          ? 
# 
loop_
_struct_sheet_order.sheet_id 
_struct_sheet_order.range_id_1 
_struct_sheet_order.range_id_2 
_struct_sheet_order.offset 
_struct_sheet_order.sense 
AA 1 2  ? parallel      
AA 2 3  ? anti-parallel 
AA 3 4  ? anti-parallel 
AA 4 5  ? anti-parallel 
AA 5 6  ? anti-parallel 
AA 6 7  ? anti-parallel 
AA 7 8  ? anti-parallel 
AA 8 9  ? anti-parallel 
AA 9 10 ? parallel      
# 
loop_
_struct_sheet_range.sheet_id 
_struct_sheet_range.id 
_struct_sheet_range.beg_label_comp_id 
_struct_sheet_range.beg_label_asym_id 
_struct_sheet_range.beg_label_seq_id 
_struct_sheet_range.pdbx_beg_PDB_ins_code 
_struct_sheet_range.end_label_comp_id 
_struct_sheet_range.end_label_asym_id 
_struct_sheet_range.end_label_seq_id 
_struct_sheet_range.pdbx_end_PDB_ins_code 
_struct_sheet_range.beg_auth_comp_id 
_struct_sheet_range.beg_auth_asym_id 
_struct_sheet_range.beg_auth_seq_id 
_struct_sheet_range.end_auth_comp_id 
_struct_sheet_range.end_auth_asym_id 
_struct_sheet_range.end_auth_seq_id 
AA 1  PHE A 87 ? ILE A 89 ? PHE A 87 ILE A 89 
AA 2  ASN A 33 ? ASN A 38 ? ASN A 33 ASN A 38 
AA 3  VAL A 44 ? ASP A 51 ? VAL A 44 ASP A 51 
AA 4  ILE A 3  ? ARG A 13 ? ILE A 3  ARG A 13 
AA 5  ARG A 70 ? GLU A 79 ? ARG A 70 GLU A 79 
AA 6  ARG B 70 ? GLU B 79 ? ARG B 70 GLU B 79 
AA 7  ILE B 3  ? ARG B 13 ? ILE B 3  ARG B 13 
AA 8  VAL B 44 ? ASP B 51 ? VAL B 44 ASP B 51 
AA 9  ASN B 33 ? ASN B 38 ? ASN B 33 ASN B 38 
AA 10 PHE B 87 ? GLY B 91 ? PHE B 87 GLY B 91 
# 
loop_
_pdbx_struct_sheet_hbond.sheet_id 
_pdbx_struct_sheet_hbond.range_id_1 
_pdbx_struct_sheet_hbond.range_id_2 
_pdbx_struct_sheet_hbond.range_1_label_atom_id 
_pdbx_struct_sheet_hbond.range_1_label_comp_id 
_pdbx_struct_sheet_hbond.range_1_label_asym_id 
_pdbx_struct_sheet_hbond.range_1_label_seq_id 
_pdbx_struct_sheet_hbond.range_1_PDB_ins_code 
_pdbx_struct_sheet_hbond.range_1_auth_atom_id 
_pdbx_struct_sheet_hbond.range_1_auth_comp_id 
_pdbx_struct_sheet_hbond.range_1_auth_asym_id 
_pdbx_struct_sheet_hbond.range_1_auth_seq_id 
_pdbx_struct_sheet_hbond.range_2_label_atom_id 
_pdbx_struct_sheet_hbond.range_2_label_comp_id 
_pdbx_struct_sheet_hbond.range_2_label_asym_id 
_pdbx_struct_sheet_hbond.range_2_label_seq_id 
_pdbx_struct_sheet_hbond.range_2_PDB_ins_code 
_pdbx_struct_sheet_hbond.range_2_auth_atom_id 
_pdbx_struct_sheet_hbond.range_2_auth_comp_id 
_pdbx_struct_sheet_hbond.range_2_auth_asym_id 
_pdbx_struct_sheet_hbond.range_2_auth_seq_id 
AA 1 2  N ARG A 88 ? N ARG A 88 O GLY A 34 ? O GLY A 34 
AA 2 3  N ARG A 37 ? N ARG A 37 O GLU A 45 ? O GLU A 45 
AA 3 4  N GLY A 50 ? N GLY A 50 O VAL A 4  ? O VAL A 4  
AA 4 5  N ARG A 13 ? N ARG A 13 O ARG A 70 ? O ARG A 70 
AA 5 6  N VAL A 74 ? N VAL A 74 O VAL B 74 ? O VAL B 74 
AA 6 7  N GLU B 79 ? N GLU B 79 O ARG B 5  ? O ARG B 5  
AA 7 8  N ILE B 10 ? N ILE B 10 O VAL B 44 ? O VAL B 44 
AA 8 9  N GLU B 49 ? N GLU B 49 O ASN B 33 ? O ASN B 33 
AA 9 10 N VAL B 36 ? N VAL B 36 O ARG B 88 ? O ARG B 88 
# 
loop_
_struct_site.id 
_struct_site.pdbx_evidence_code 
_struct_site.pdbx_auth_asym_id 
_struct_site.pdbx_auth_comp_id 
_struct_site.pdbx_auth_seq_id 
_struct_site.pdbx_auth_ins_code 
_struct_site.pdbx_num_residues 
_struct_site.details 
AC1 Software ? ? ? ? 6 'BINDING SITE FOR RESIDUE FMT A1092' 
AC2 Software ? ? ? ? 6 'BINDING SITE FOR RESIDUE FMT A1093' 
AC3 Software ? ? ? ? 6 'BINDING SITE FOR RESIDUE FMT B1092' 
AC4 Software ? ? ? ? 1 'BINDING SITE FOR RESIDUE FMT B1093' 
# 
loop_
_struct_site_gen.id 
_struct_site_gen.site_id 
_struct_site_gen.pdbx_num_res 
_struct_site_gen.label_comp_id 
_struct_site_gen.label_asym_id 
_struct_site_gen.label_seq_id 
_struct_site_gen.pdbx_auth_ins_code 
_struct_site_gen.auth_comp_id 
_struct_site_gen.auth_asym_id 
_struct_site_gen.auth_seq_id 
_struct_site_gen.label_atom_id 
_struct_site_gen.label_alt_id 
_struct_site_gen.symmetry 
_struct_site_gen.details 
1  AC1 6 GLY A 18 ? GLY A 18   . ? 1_555 ? 
2  AC1 6 PHE A 19 ? PHE A 19   . ? 1_555 ? 
3  AC1 6 ARG A 20 ? ARG A 20   . ? 1_555 ? 
4  AC1 6 TRP A 21 ? TRP A 21   . ? 1_555 ? 
5  AC1 6 HOH G .  ? HOH A 2022 . ? 1_555 ? 
6  AC1 6 HOH G .  ? HOH A 2026 . ? 1_555 ? 
7  AC2 6 ARG A 20 ? ARG A 20   . ? 1_555 ? 
8  AC2 6 GLN A 80 ? GLN A 80   . ? 1_555 ? 
9  AC2 6 HOH G .  ? HOH A 2107 . ? 1_555 ? 
10 AC2 6 GLY B 18 ? GLY B 18   . ? 1_555 ? 
11 AC2 6 TRP B 21 ? TRP B 21   . ? 1_555 ? 
12 AC2 6 SER B 22 ? SER B 22   . ? 1_555 ? 
13 AC3 6 GLY B 18 ? GLY B 18   . ? 1_555 ? 
14 AC3 6 PHE B 19 ? PHE B 19   . ? 1_555 ? 
15 AC3 6 ARG B 20 ? ARG B 20   . ? 1_555 ? 
16 AC3 6 TRP B 21 ? TRP B 21   . ? 1_555 ? 
17 AC3 6 HOH H .  ? HOH B 2021 . ? 1_555 ? 
18 AC3 6 HOH H .  ? HOH B 2025 . ? 1_555 ? 
19 AC4 1 ARG B 88 ? ARG B 88   . ? 1_555 ? 
# 
_atom_sites.entry_id                    1W2I 
_atom_sites.fract_transf_matrix[1][1]   0.01057626 
_atom_sites.fract_transf_matrix[1][2]   0.00589636 
_atom_sites.fract_transf_matrix[1][3]   -0.00603869 
_atom_sites.fract_transf_matrix[2][1]   -0.00201604 
_atom_sites.fract_transf_matrix[2][2]   0.00904871 
_atom_sites.fract_transf_matrix[2][3]   -0.00985619 
_atom_sites.fract_transf_matrix[3][1]   -0.00028957 
_atom_sites.fract_transf_matrix[3][2]   0.00970572 
_atom_sites.fract_transf_matrix[3][3]   0.00896979 
_atom_sites.fract_transf_vector[1]      0.604879 
_atom_sites.fract_transf_vector[2]      0.503279 
_atom_sites.fract_transf_vector[3]      0.211338 
# 
loop_
_atom_type.symbol 
C 
N 
O 
S 
# 
loop_
_atom_site.group_PDB 
_atom_site.id 
_atom_site.type_symbol 
_atom_site.label_atom_id 
_atom_site.label_alt_id 
_atom_site.label_comp_id 
_atom_site.label_asym_id 
_atom_site.label_entity_id 
_atom_site.label_seq_id 
_atom_site.pdbx_PDB_ins_code 
_atom_site.Cartn_x 
_atom_site.Cartn_y 
_atom_site.Cartn_z 
_atom_site.occupancy 
_atom_site.B_iso_or_equiv 
_atom_site.pdbx_formal_charge 
_atom_site.auth_seq_id 
_atom_site.auth_comp_id 
_atom_site.auth_asym_id 
_atom_site.auth_atom_id 
_atom_site.pdbx_PDB_model_num 
ATOM   1    N N   . ALA A 1 2  ? -5.250  -16.548 1.924   1.00 20.97 ? 2    ALA A N   1 
ATOM   2    C CA  . ALA A 1 2  ? -4.488  -17.059 0.754   1.00 19.35 ? 2    ALA A CA  1 
ATOM   3    C C   . ALA A 1 2  ? -3.055  -16.556 0.782   1.00 18.76 ? 2    ALA A C   1 
ATOM   4    O O   . ALA A 1 2  ? -2.769  -15.517 1.379   1.00 19.37 ? 2    ALA A O   1 
ATOM   5    C CB  . ALA A 1 2  ? -5.146  -16.621 -0.534  1.00 20.40 ? 2    ALA A CB  1 
ATOM   6    N N   . ILE A 1 3  ? -2.183  -17.288 0.104   1.00 16.63 ? 3    ILE A N   1 
ATOM   7    C CA  . ILE A 1 3  ? -0.766  -16.915 -0.017  1.00 15.44 ? 3    ILE A CA  1 
ATOM   8    C C   . ILE A 1 3  ? -0.552  -16.163 -1.322  1.00 14.45 ? 3    ILE A C   1 
ATOM   9    O O   . ILE A 1 3  ? -0.960  -16.614 -2.392  1.00 14.42 ? 3    ILE A O   1 
ATOM   10   C CB  A ILE A 1 3  ? 0.131   -18.164 0.096   0.50 15.67 ? 3    ILE A CB  1 
ATOM   11   C CB  B ILE A 1 3  ? 0.127   -18.177 -0.003  0.50 15.77 ? 3    ILE A CB  1 
ATOM   12   C CG1 A ILE A 1 3  ? 0.075   -18.690 1.535   0.50 15.58 ? 3    ILE A CG1 1 
ATOM   13   C CG1 B ILE A 1 3  ? -0.184  -19.044 1.222   0.50 16.18 ? 3    ILE A CG1 1 
ATOM   14   C CG2 A ILE A 1 3  ? 1.560   -17.842 -0.292  0.50 15.60 ? 3    ILE A CG2 1 
ATOM   15   C CG2 B ILE A 1 3  ? 1.597   -17.797 -0.059  0.50 15.72 ? 3    ILE A CG2 1 
ATOM   16   C CD1 A ILE A 1 3  ? 0.467   -20.141 1.676   0.50 16.17 ? 3    ILE A CD1 1 
ATOM   17   C CD1 B ILE A 1 3  ? 0.008   -18.345 2.545   0.50 17.10 ? 3    ILE A CD1 1 
ATOM   18   N N   . VAL A 1 4  ? 0.119   -15.016 -1.216  1.00 12.49 ? 4    VAL A N   1 
ATOM   19   C CA  . VAL A 1 4  ? 0.319   -14.118 -2.347  1.00 11.75 ? 4    VAL A CA  1 
ATOM   20   C C   . VAL A 1 4  ? 1.774   -13.674 -2.415  1.00 10.79 ? 4    VAL A C   1 
ATOM   21   O O   . VAL A 1 4  ? 2.531   -13.843 -1.453  1.00 10.58 ? 4    VAL A O   1 
ATOM   22   C CB  . VAL A 1 4  ? -0.600  -12.876 -2.260  1.00 11.90 ? 4    VAL A CB  1 
ATOM   23   C CG1 . VAL A 1 4  ? -2.079  -13.298 -2.302  1.00 12.82 ? 4    VAL A CG1 1 
ATOM   24   C CG2 . VAL A 1 4  ? -0.325  -12.077 -1.026  1.00 12.10 ? 4    VAL A CG2 1 
ATOM   25   N N   . ARG A 1 5  ? 2.146   -13.127 -3.559  1.00 9.86  ? 5    ARG A N   1 
ATOM   26   C CA  . ARG A 1 5  ? 3.483   -12.576 -3.795  1.00 9.84  ? 5    ARG A CA  1 
ATOM   27   C C   . ARG A 1 5  ? 3.298   -11.241 -4.506  1.00 9.64  ? 5    ARG A C   1 
ATOM   28   O O   . ARG A 1 5  ? 2.707   -11.183 -5.588  1.00 9.97  ? 5    ARG A O   1 
ATOM   29   C CB  . ARG A 1 5  ? 4.311   -13.531 -4.647  1.00 9.95  ? 5    ARG A CB  1 
ATOM   30   C CG  . ARG A 1 5  ? 5.691   -13.013 -5.065  1.00 9.70  ? 5    ARG A CG  1 
ATOM   31   C CD  . ARG A 1 5  ? 6.356   -13.947 -6.035  1.00 10.67 ? 5    ARG A CD  1 
ATOM   32   N NE  . ARG A 1 5  ? 7.594   -13.455 -6.604  1.00 10.61 ? 5    ARG A NE  1 
ATOM   33   C CZ  . ARG A 1 5  ? 8.818   -13.789 -6.183  1.00 11.27 ? 5    ARG A CZ  1 
ATOM   34   N NH1 . ARG A 1 5  ? 8.987   -14.582 -5.136  1.00 12.36 ? 5    ARG A NH1 1 
ATOM   35   N NH2 . ARG A 1 5  ? 9.865   -13.302 -6.823  1.00 12.37 ? 5    ARG A NH2 1 
ATOM   36   N N   . ALA A 1 6  ? 3.805   -10.184 -3.887  1.00 9.21  ? 6    ALA A N   1 
ATOM   37   C CA  . ALA A 1 6  ? 3.720   -8.836  -4.433  1.00 8.78  ? 6    ALA A CA  1 
ATOM   38   C C   . ALA A 1 6  ? 5.117   -8.363  -4.793  1.00 9.50  ? 6    ALA A C   1 
ATOM   39   O O   . ALA A 1 6  ? 6.015   -8.413  -3.963  1.00 10.07 ? 6    ALA A O   1 
ATOM   40   C CB  . ALA A 1 6  ? 3.100   -7.895  -3.419  1.00 8.60  ? 6    ALA A CB  1 
ATOM   41   N N   . HIS A 1 7  ? 5.269   -7.851  -6.002  1.00 9.27  ? 7    HIS A N   1 
ATOM   42   C CA  . HIS A 1 7  ? 6.528   -7.301  -6.486  1.00 9.66  ? 7    HIS A CA  1 
ATOM   43   C C   . HIS A 1 7  ? 6.350   -5.793  -6.600  1.00 9.58  ? 7    HIS A C   1 
ATOM   44   O O   . HIS A 1 7  ? 5.539   -5.322  -7.398  1.00 10.53 ? 7    HIS A O   1 
ATOM   45   C CB  . HIS A 1 7  ? 6.838   -7.946  -7.823  1.00 9.92  ? 7    HIS A CB  1 
ATOM   46   C CG  . HIS A 1 7  ? 8.181   -7.636  -8.381  1.00 11.71 ? 7    HIS A CG  1 
ATOM   47   N ND1 . HIS A 1 7  ? 8.661   -8.297  -9.489  1.00 13.58 ? 7    HIS A ND1 1 
ATOM   48   C CD2 . HIS A 1 7  ? 9.150   -6.770  -8.006  1.00 13.46 ? 7    HIS A CD2 1 
ATOM   49   C CE1 . HIS A 1 7  ? 9.864   -7.841  -9.782  1.00 14.89 ? 7    HIS A CE1 1 
ATOM   50   N NE2 . HIS A 1 7  ? 10.185  -6.908  -8.901  1.00 15.09 ? 7    HIS A NE2 1 
ATOM   51   N N   . LEU A 1 8  ? 7.075   -5.049  -5.763  1.00 9.15  ? 8    LEU A N   1 
ATOM   52   C CA  . LEU A 1 8  ? 6.906   -3.617  -5.593  1.00 9.97  ? 8    LEU A CA  1 
ATOM   53   C C   . LEU A 1 8  ? 8.034   -2.820  -6.221  1.00 10.25 ? 8    LEU A C   1 
ATOM   54   O O   . LEU A 1 8  ? 9.204   -3.229  -6.162  1.00 10.31 ? 8    LEU A O   1 
ATOM   55   C CB  . LEU A 1 8  ? 6.903   -3.254  -4.093  1.00 10.40 ? 8    LEU A CB  1 
ATOM   56   C CG  . LEU A 1 8  ? 5.579   -3.380  -3.346  1.00 10.80 ? 8    LEU A CG  1 
ATOM   57   C CD1 . LEU A 1 8  ? 5.093   -4.812  -3.341  1.00 13.19 ? 8    LEU A CD1 1 
ATOM   58   C CD2 . LEU A 1 8  ? 5.708   -2.842  -1.931  1.00 11.30 ? 8    LEU A CD2 1 
ATOM   59   N N   . LYS A 1 9  ? 7.677   -1.657  -6.754  1.00 10.54 ? 9    LYS A N   1 
ATOM   60   C CA  . LYS A 1 9  ? 8.615   -0.557  -6.973  1.00 11.14 ? 9    LYS A CA  1 
ATOM   61   C C   . LYS A 1 9  ? 8.097   0.641   -6.198  1.00 11.05 ? 9    LYS A C   1 
ATOM   62   O O   . LYS A 1 9  ? 6.914   0.988   -6.305  1.00 11.30 ? 9    LYS A O   1 
ATOM   63   C CB  A LYS A 1 9  ? 8.808   -0.255  -8.455  0.50 11.48 ? 9    LYS A CB  1 
ATOM   64   C CB  B LYS A 1 9  ? 8.679   -0.188  -8.456  0.50 12.05 ? 9    LYS A CB  1 
ATOM   65   C CG  A LYS A 1 9  ? 9.787   -1.219  -9.103  0.50 13.18 ? 9    LYS A CG  1 
ATOM   66   C CG  B LYS A 1 9  ? 9.111   -1.305  -9.395  0.50 13.82 ? 9    LYS A CG  1 
ATOM   67   C CD  A LYS A 1 9  ? 10.019  -0.927  -10.586 0.50 13.67 ? 9    LYS A CD  1 
ATOM   68   C CD  B LYS A 1 9  ? 10.616  -1.559  -9.306  0.50 16.50 ? 9    LYS A CD  1 
ATOM   69   C CE  A LYS A 1 9  ? 11.415  -0.360  -10.901 0.50 17.50 ? 9    LYS A CE  1 
ATOM   70   C CE  B LYS A 1 9  ? 11.171  -2.167  -10.587 0.50 17.06 ? 9    LYS A CE  1 
ATOM   71   N NZ  A LYS A 1 9  ? 11.625  1.119   -10.709 0.50 18.64 ? 9    LYS A NZ  1 
ATOM   72   N NZ  B LYS A 1 9  ? 10.695  -3.544  -10.815 0.50 20.33 ? 9    LYS A NZ  1 
ATOM   73   N N   . ILE A 1 10 ? 8.979   1.252   -5.412  1.00 10.38 ? 10   ILE A N   1 
ATOM   74   C CA  . ILE A 1 10 ? 8.645   2.333   -4.498  1.00 10.97 ? 10   ILE A CA  1 
ATOM   75   C C   . ILE A 1 10 ? 9.475   3.558   -4.889  1.00 10.82 ? 10   ILE A C   1 
ATOM   76   O O   . ILE A 1 10 ? 10.701  3.460   -5.025  1.00 10.57 ? 10   ILE A O   1 
ATOM   77   C CB  . ILE A 1 10 ? 8.954   1.907   -3.050  1.00 10.31 ? 10   ILE A CB  1 
ATOM   78   C CG1 . ILE A 1 10 ? 8.184   0.616   -2.685  1.00 11.19 ? 10   ILE A CG1 1 
ATOM   79   C CG2 . ILE A 1 10 ? 8.634   3.028   -2.081  1.00 11.35 ? 10   ILE A CG2 1 
ATOM   80   C CD1 . ILE A 1 10 ? 8.843   -0.162  -1.587  1.00 11.43 ? 10   ILE A CD1 1 
ATOM   81   N N   . TYR A 1 11 ? 8.805   4.692   -5.043  1.00 11.13 ? 11   TYR A N   1 
ATOM   82   C CA  . TYR A 1 11 ? 9.424   5.938   -5.540  1.00 11.80 ? 11   TYR A CA  1 
ATOM   83   C C   . TYR A 1 11 ? 9.274   7.054   -4.525  1.00 12.30 ? 11   TYR A C   1 
ATOM   84   O O   . TYR A 1 11 ? 8.304   7.101   -3.771  1.00 11.58 ? 11   TYR A O   1 
ATOM   85   C CB  . TYR A 1 11 ? 8.759   6.378   -6.847  1.00 12.83 ? 11   TYR A CB  1 
ATOM   86   C CG  . TYR A 1 11 ? 8.852   5.345   -7.929  1.00 13.35 ? 11   TYR A CG  1 
ATOM   87   C CD1 . TYR A 1 11 ? 7.910   4.323   -8.010  1.00 13.39 ? 11   TYR A CD1 1 
ATOM   88   C CD2 . TYR A 1 11 ? 9.905   5.340   -8.833  1.00 15.63 ? 11   TYR A CD2 1 
ATOM   89   C CE1 . TYR A 1 11 ? 7.988   3.348   -8.988  1.00 15.47 ? 11   TYR A CE1 1 
ATOM   90   C CE2 . TYR A 1 11 ? 10.002  4.352   -9.822  1.00 16.30 ? 11   TYR A CE2 1 
ATOM   91   C CZ  . TYR A 1 11 ? 9.038   3.358   -9.880  1.00 16.58 ? 11   TYR A CZ  1 
ATOM   92   O OH  . TYR A 1 11 ? 9.113   2.383   -10.857 1.00 19.24 ? 11   TYR A OH  1 
ATOM   93   N N   . GLY A 1 12 ? 10.233  7.985   -4.558  1.00 12.71 ? 12   GLY A N   1 
ATOM   94   C CA  . GLY A 1 12 ? 10.214  9.184   -3.715  1.00 13.10 ? 12   GLY A CA  1 
ATOM   95   C C   . GLY A 1 12 ? 11.598  9.406   -3.140  1.00 13.64 ? 12   GLY A C   1 
ATOM   96   O O   . GLY A 1 12 ? 12.592  9.003   -3.750  1.00 14.24 ? 12   GLY A O   1 
ATOM   97   N N   . ARG A 1 13 ? 11.664  10.021  -1.966  1.00 14.62 ? 13   ARG A N   1 
ATOM   98   C CA  . ARG A 1 13 ? 12.902  10.094  -1.214  1.00 14.52 ? 13   ARG A CA  1 
ATOM   99   C C   . ARG A 1 13 ? 12.961  8.811   -0.404  1.00 14.13 ? 13   ARG A C   1 
ATOM   100  O O   . ARG A 1 13 ? 12.441  8.723   0.712   1.00 13.77 ? 13   ARG A O   1 
ATOM   101  C CB  A ARG A 1 13 ? 12.899  11.323  -0.306  0.50 15.39 ? 13   ARG A CB  1 
ATOM   102  C CB  B ARG A 1 13 ? 12.943  11.328  -0.315  0.50 15.37 ? 13   ARG A CB  1 
ATOM   103  C CG  A ARG A 1 13 ? 14.271  11.861  0.032   0.50 17.28 ? 13   ARG A CG  1 
ATOM   104  C CG  B ARG A 1 13 ? 14.332  11.636  0.226   0.50 16.95 ? 13   ARG A CG  1 
ATOM   105  C CD  A ARG A 1 13 ? 15.114  10.974  0.913   0.50 20.87 ? 13   ARG A CD  1 
ATOM   106  C CD  B ARG A 1 13 ? 14.592  11.134  1.608   0.50 21.23 ? 13   ARG A CD  1 
ATOM   107  N NE  A ARG A 1 13 ? 15.759  11.751  1.976   0.50 22.90 ? 13   ARG A NE  1 
ATOM   108  N NE  B ARG A 1 13 ? 13.952  11.960  2.625   0.50 23.02 ? 13   ARG A NE  1 
ATOM   109  C CZ  A ARG A 1 13 ? 16.764  12.608  1.805   0.50 23.77 ? 13   ARG A CZ  1 
ATOM   110  C CZ  B ARG A 1 13 ? 14.527  12.966  3.281   0.50 23.56 ? 13   ARG A CZ  1 
ATOM   111  N NH1 A ARG A 1 13 ? 17.260  13.253  2.856   0.50 23.25 ? 13   ARG A NH1 1 
ATOM   112  N NH1 B ARG A 1 13 ? 13.825  13.614  4.199   0.50 23.41 ? 13   ARG A NH1 1 
ATOM   113  N NH2 A ARG A 1 13 ? 17.287  12.829  0.599   0.50 25.69 ? 13   ARG A NH2 1 
ATOM   114  N NH2 B ARG A 1 13 ? 15.781  13.342  3.030   0.50 23.86 ? 13   ARG A NH2 1 
ATOM   115  N N   . VAL A 1 14 ? 13.552  7.791   -1.019  1.00 13.27 ? 14   VAL A N   1 
ATOM   116  C CA  . VAL A 1 14 ? 13.478  6.430   -0.485  1.00 13.21 ? 14   VAL A CA  1 
ATOM   117  C C   . VAL A 1 14 ? 14.808  5.693   -0.362  1.00 13.16 ? 14   VAL A C   1 
ATOM   118  O O   . VAL A 1 14 ? 14.840  4.534   0.051   1.00 13.55 ? 14   VAL A O   1 
ATOM   119  C CB  . VAL A 1 14 ? 12.471  5.576   -1.311  1.00 13.30 ? 14   VAL A CB  1 
ATOM   120  C CG1 . VAL A 1 14 ? 11.076  6.149   -1.174  1.00 13.52 ? 14   VAL A CG1 1 
ATOM   121  C CG2 . VAL A 1 14 ? 12.875  5.501   -2.774  1.00 12.69 ? 14   VAL A CG2 1 
ATOM   122  N N   . GLN A 1 15 ? 15.906  6.379   -0.680  1.00 13.38 ? 15   GLN A N   1 
ATOM   123  C CA  . GLN A 1 15 ? 17.241  5.845   -0.458  1.00 13.58 ? 15   GLN A CA  1 
ATOM   124  C C   . GLN A 1 15 ? 17.989  6.743   0.527   1.00 13.38 ? 15   GLN A C   1 
ATOM   125  O O   . GLN A 1 15 ? 17.707  7.935   0.619   1.00 14.25 ? 15   GLN A O   1 
ATOM   126  C CB  . GLN A 1 15 ? 18.002  5.735   -1.776  1.00 13.10 ? 15   GLN A CB  1 
ATOM   127  C CG  . GLN A 1 15 ? 17.332  4.811   -2.767  1.00 13.37 ? 15   GLN A CG  1 
ATOM   128  C CD  . GLN A 1 15 ? 18.181  4.522   -3.999  1.00 15.45 ? 15   GLN A CD  1 
ATOM   129  O OE1 . GLN A 1 15 ? 19.251  5.127   -4.189  1.00 17.67 ? 15   GLN A OE1 1 
ATOM   130  N NE2 . GLN A 1 15 ? 17.712  3.604   -4.856  1.00 14.02 ? 15   GLN A NE2 1 
ATOM   131  N N   . GLY A 1 16 ? 18.900  6.135   1.281   1.00 13.47 ? 16   GLY A N   1 
ATOM   132  C CA  . GLY A 1 16 ? 19.663  6.856   2.306   1.00 13.94 ? 16   GLY A CA  1 
ATOM   133  C C   . GLY A 1 16 ? 18.865  7.198   3.548   1.00 14.55 ? 16   GLY A C   1 
ATOM   134  O O   . GLY A 1 16 ? 19.293  8.016   4.376   1.00 15.59 ? 16   GLY A O   1 
ATOM   135  N N   . VAL A 1 17 ? 17.710  6.559   3.712   1.00 13.54 ? 17   VAL A N   1 
ATOM   136  C CA  . VAL A 1 17 ? 16.813  6.827   4.835   1.00 13.32 ? 17   VAL A CA  1 
ATOM   137  C C   . VAL A 1 17 ? 16.545  5.607   5.728   1.00 12.50 ? 17   VAL A C   1 
ATOM   138  O O   . VAL A 1 17 ? 15.692  5.671   6.624   1.00 12.97 ? 17   VAL A O   1 
ATOM   139  C CB  . VAL A 1 17 ? 15.481  7.424   4.320   1.00 13.40 ? 17   VAL A CB  1 
ATOM   140  C CG1 . VAL A 1 17 ? 15.743  8.678   3.537   1.00 15.52 ? 17   VAL A CG1 1 
ATOM   141  C CG2 . VAL A 1 17 ? 14.716  6.433   3.458   1.00 14.88 ? 17   VAL A CG2 1 
ATOM   142  N N   . GLY A 1 18 ? 17.279  4.518   5.517   1.00 11.96 ? 18   GLY A N   1 
ATOM   143  C CA  . GLY A 1 18 ? 17.064  3.286   6.236   1.00 11.52 ? 18   GLY A CA  1 
ATOM   144  C C   . GLY A 1 18 ? 15.884  2.460   5.749   1.00 10.69 ? 18   GLY A C   1 
ATOM   145  O O   . GLY A 1 18 ? 15.369  1.630   6.491   1.00 10.78 ? 18   GLY A O   1 
ATOM   146  N N   . PHE A 1 19 ? 15.490  2.647   4.489   1.00 10.90 ? 19   PHE A N   1 
ATOM   147  C CA  . PHE A 1 19 ? 14.316  1.942   3.961   1.00 10.96 ? 19   PHE A CA  1 
ATOM   148  C C   . PHE A 1 19 ? 14.511  0.424   3.922   1.00 10.67 ? 19   PHE A C   1 
ATOM   149  O O   . PHE A 1 19 ? 13.584  -0.339  4.200   1.00 10.46 ? 19   PHE A O   1 
ATOM   150  C CB  . PHE A 1 19 ? 13.966  2.436   2.550   1.00 11.13 ? 19   PHE A CB  1 
ATOM   151  C CG  . PHE A 1 19 ? 12.469  2.444   2.243   1.00 10.74 ? 19   PHE A CG  1 
ATOM   152  C CD1 . PHE A 1 19 ? 11.735  1.268   2.177   1.00 14.47 ? 19   PHE A CD1 1 
ATOM   153  C CD2 . PHE A 1 19 ? 11.804  3.642   2.035   1.00 12.15 ? 19   PHE A CD2 1 
ATOM   154  C CE1 . PHE A 1 19 ? 10.365  1.308   1.906   1.00 14.32 ? 19   PHE A CE1 1 
ATOM   155  C CE2 . PHE A 1 19 ? 10.449  3.670   1.762   1.00 12.20 ? 19   PHE A CE2 1 
ATOM   156  C CZ  . PHE A 1 19 ? 9.736   2.508   1.709   1.00 11.83 ? 19   PHE A CZ  1 
ATOM   157  N N   . ARG A 1 20 ? 15.711  -0.022  3.549   1.00 10.14 ? 20   ARG A N   1 
ATOM   158  C CA  . ARG A 1 20 ? 15.952  -1.456  3.392   1.00 10.30 ? 20   ARG A CA  1 
ATOM   159  C C   . ARG A 1 20 ? 15.988  -2.156  4.744   1.00 10.03 ? 20   ARG A C   1 
ATOM   160  O O   . ARG A 1 20 ? 15.345  -3.184  4.954   1.00 11.09 ? 20   ARG A O   1 
ATOM   161  C CB  . ARG A 1 20 ? 17.222  -1.705  2.579   1.00 10.53 ? 20   ARG A CB  1 
ATOM   162  C CG  . ARG A 1 20 ? 17.114  -1.217  1.127   1.00 10.97 ? 20   ARG A CG  1 
ATOM   163  C CD  . ARG A 1 20 ? 18.412  -1.327  0.362   1.00 11.67 ? 20   ARG A CD  1 
ATOM   164  N NE  . ARG A 1 20 ? 19.404  -0.415  0.926   1.00 13.08 ? 20   ARG A NE  1 
ATOM   165  C CZ  . ARG A 1 20 ? 20.676  -0.351  0.548   1.00 15.67 ? 20   ARG A CZ  1 
ATOM   166  N NH1 . ARG A 1 20 ? 21.148  -1.127  -0.420  1.00 14.83 ? 20   ARG A NH1 1 
ATOM   167  N NH2 . ARG A 1 20 ? 21.479  0.524   1.137   1.00 15.18 ? 20   ARG A NH2 1 
ATOM   168  N N   . TRP A 1 21 ? 16.736  -1.594  5.689   1.00 10.47 ? 21   TRP A N   1 
ATOM   169  C CA  . TRP A 1 21 ? 16.792  -2.163  7.019   1.00 11.01 ? 21   TRP A CA  1 
ATOM   170  C C   . TRP A 1 21 ? 15.437  -2.158  7.709   1.00 11.02 ? 21   TRP A C   1 
ATOM   171  O O   . TRP A 1 21 ? 15.043  -3.152  8.330   1.00 11.29 ? 21   TRP A O   1 
ATOM   172  C CB  . TRP A 1 21 ? 17.792  -1.399  7.900   1.00 12.13 ? 21   TRP A CB  1 
ATOM   173  C CG  . TRP A 1 21 ? 19.229  -1.535  7.485   1.00 13.32 ? 21   TRP A CG  1 
ATOM   174  C CD1 . TRP A 1 21 ? 19.996  -0.595  6.855   1.00 14.82 ? 21   TRP A CD1 1 
ATOM   175  C CD2 . TRP A 1 21 ? 20.072  -2.666  7.699   1.00 13.69 ? 21   TRP A CD2 1 
ATOM   176  N NE1 . TRP A 1 21 ? 21.267  -1.082  6.663   1.00 15.21 ? 21   TRP A NE1 1 
ATOM   177  C CE2 . TRP A 1 21 ? 21.344  -2.349  7.168   1.00 14.51 ? 21   TRP A CE2 1 
ATOM   178  C CE3 . TRP A 1 21 ? 19.885  -3.919  8.276   1.00 14.91 ? 21   TRP A CE3 1 
ATOM   179  C CZ2 . TRP A 1 21 ? 22.417  -3.245  7.195   1.00 15.66 ? 21   TRP A CZ2 1 
ATOM   180  C CZ3 . TRP A 1 21 ? 20.958  -4.812  8.312   1.00 16.04 ? 21   TRP A CZ3 1 
ATOM   181  C CH2 . TRP A 1 21 ? 22.206  -4.466  7.775   1.00 15.59 ? 21   TRP A CH2 1 
ATOM   182  N N   . SER A 1 22 ? 14.713  -1.048  7.597   1.00 11.28 ? 22   SER A N   1 
ATOM   183  C CA  . SER A 1 22 ? 13.399  -0.957  8.247   1.00 11.55 ? 22   SER A CA  1 
ATOM   184  C C   . SER A 1 22 ? 12.379  -1.881  7.588   1.00 11.50 ? 22   SER A C   1 
ATOM   185  O O   . SER A 1 22 ? 11.587  -2.517  8.290   1.00 11.89 ? 22   SER A O   1 
ATOM   186  C CB  . SER A 1 22 ? 12.908  0.485   8.312   1.00 12.59 ? 22   SER A CB  1 
ATOM   187  O OG  . SER A 1 22 ? 12.757  1.051   7.037   1.00 14.60 ? 22   SER A OG  1 
ATOM   188  N N   . MET A 1 23 ? 12.420  -2.023  6.265   1.00 11.51 ? 23   MET A N   1 
ATOM   189  C CA  . MET A 1 23 ? 11.504  -2.945  5.611   1.00 11.91 ? 23   MET A CA  1 
ATOM   190  C C   . MET A 1 23 ? 11.767  -4.377  6.070   1.00 11.46 ? 23   MET A C   1 
ATOM   191  O O   . MET A 1 23 ? 10.836  -5.155  6.299   1.00 10.91 ? 23   MET A O   1 
ATOM   192  C CB  . MET A 1 23 ? 11.605  -2.875  4.095   1.00 11.86 ? 23   MET A CB  1 
ATOM   193  C CG  . MET A 1 23 ? 10.529  -3.727  3.456   1.00 12.00 ? 23   MET A CG  1 
ATOM   194  S SD  . MET A 1 23 ? 10.509  -3.685  1.667   1.00 15.79 ? 23   MET A SD  1 
ATOM   195  C CE  . MET A 1 23 ? 10.054  -2.083  1.342   1.00 16.87 ? 23   MET A CE  1 
ATOM   196  N N   . GLN A 1 24 ? 13.039  -4.736  6.201   1.00 11.51 ? 24   GLN A N   1 
ATOM   197  C CA  . GLN A 1 24 ? 13.401  -6.066  6.673   1.00 11.53 ? 24   GLN A CA  1 
ATOM   198  C C   . GLN A 1 24 ? 12.890  -6.302  8.098   1.00 11.40 ? 24   GLN A C   1 
ATOM   199  O O   . GLN A 1 24 ? 12.361  -7.373  8.399   1.00 11.66 ? 24   GLN A O   1 
ATOM   200  C CB  . GLN A 1 24 ? 14.916  -6.261  6.586   1.00 11.62 ? 24   GLN A CB  1 
ATOM   201  C CG  . GLN A 1 24 ? 15.415  -7.575  7.132   1.00 11.67 ? 24   GLN A CG  1 
ATOM   202  C CD  . GLN A 1 24 ? 16.912  -7.684  6.997   1.00 12.00 ? 24   GLN A CD  1 
ATOM   203  O OE1 . GLN A 1 24 ? 17.639  -6.880  7.586   1.00 15.33 ? 24   GLN A OE1 1 
ATOM   204  N NE2 . GLN A 1 24 ? 17.372  -8.616  6.196   1.00 13.99 ? 24   GLN A NE2 1 
ATOM   205  N N   . ARG A 1 25 ? 13.033  -5.297  8.965   1.00 11.85 ? 25   ARG A N   1 
ATOM   206  C CA  . ARG A 1 25 ? 12.512  -5.419  10.333  1.00 13.00 ? 25   ARG A CA  1 
ATOM   207  C C   . ARG A 1 25 ? 10.999  -5.605  10.330  1.00 12.73 ? 25   ARG A C   1 
ATOM   208  O O   . ARG A 1 25 ? 10.479  -6.464  11.055  1.00 13.76 ? 25   ARG A O   1 
ATOM   209  C CB  . ARG A 1 25 ? 12.886  -4.217  11.199  1.00 13.60 ? 25   ARG A CB  1 
ATOM   210  C CG  . ARG A 1 25 ? 14.331  -4.189  11.643  1.00 15.18 ? 25   ARG A CG  1 
ATOM   211  C CD  . ARG A 1 25 ? 14.592  -3.255  12.810  1.00 15.32 ? 25   ARG A CD  1 
ATOM   212  N NE  . ARG A 1 25 ? 14.109  -1.912  12.568  1.00 15.03 ? 25   ARG A NE  1 
ATOM   213  C CZ  . ARG A 1 25 ? 14.733  -0.996  11.836  1.00 15.04 ? 25   ARG A CZ  1 
ATOM   214  N NH1 . ARG A 1 25 ? 15.912  -1.252  11.281  1.00 15.71 ? 25   ARG A NH1 1 
ATOM   215  N NH2 . ARG A 1 25 ? 14.172  0.184   11.672  1.00 16.99 ? 25   ARG A NH2 1 
ATOM   216  N N   . GLU A 1 26 ? 10.297  -4.816  9.520   1.00 12.66 ? 26   GLU A N   1 
ATOM   217  C CA  . GLU A 1 26 ? 8.829   -4.910  9.487   1.00 12.83 ? 26   GLU A CA  1 
ATOM   218  C C   . GLU A 1 26 ? 8.398   -6.256  8.895   1.00 13.21 ? 26   GLU A C   1 
ATOM   219  O O   . GLU A 1 26 ? 7.456   -6.885  9.384   1.00 12.81 ? 26   GLU A O   1 
ATOM   220  C CB  A GLU A 1 26 ? 8.200   -3.748  8.723   0.50 12.98 ? 26   GLU A CB  1 
ATOM   221  C CB  B GLU A 1 26 ? 8.241   -3.759  8.672   0.50 12.81 ? 26   GLU A CB  1 
ATOM   222  C CG  A GLU A 1 26 ? 8.369   -2.389  9.387   0.50 14.56 ? 26   GLU A CG  1 
ATOM   223  C CG  B GLU A 1 26 ? 6.773   -3.487  8.959   0.50 13.81 ? 26   GLU A CG  1 
ATOM   224  C CD  A GLU A 1 26 ? 7.929   -2.330  10.843  0.50 16.90 ? 26   GLU A CD  1 
ATOM   225  C CD  B GLU A 1 26 ? 6.539   -2.799  10.293  0.50 15.68 ? 26   GLU A CD  1 
ATOM   226  O OE1 A GLU A 1 26 ? 8.477   -1.481  11.574  0.50 20.17 ? 26   GLU A OE1 1 
ATOM   227  O OE1 B GLU A 1 26 ? 5.375   -2.751  10.726  0.50 19.99 ? 26   GLU A OE1 1 
ATOM   228  O OE2 A GLU A 1 26 ? 7.037   -3.099  11.269  0.50 17.19 ? 26   GLU A OE2 1 
ATOM   229  O OE2 B GLU A 1 26 ? 7.504   -2.301  10.914  0.50 19.23 ? 26   GLU A OE2 1 
ATOM   230  N N   . ALA A 1 27 ? 9.099   -6.721  7.864   1.00 12.60 ? 27   ALA A N   1 
ATOM   231  C CA  . ALA A 1 27 ? 8.800   -8.030  7.273   1.00 13.09 ? 27   ALA A CA  1 
ATOM   232  C C   . ALA A 1 27 ? 8.969   -9.151  8.284   1.00 13.72 ? 27   ALA A C   1 
ATOM   233  O O   . ALA A 1 27 ? 8.131   -10.048 8.380   1.00 13.90 ? 27   ALA A O   1 
ATOM   234  C CB  . ALA A 1 27 ? 9.670   -8.275  6.051   1.00 12.21 ? 27   ALA A CB  1 
ATOM   235  N N   . ARG A 1 28 ? 10.051  -9.101  9.054   1.00 14.73 ? 28   ARG A N   1 
ATOM   236  C CA  . ARG A 1 28 ? 10.295  -10.133 10.062  1.00 16.31 ? 28   ARG A CA  1 
ATOM   237  C C   . ARG A 1 28 ? 9.237   -10.113 11.152  1.00 16.96 ? 28   ARG A C   1 
ATOM   238  O O   . ARG A 1 28 ? 8.777   -11.177 11.581  1.00 18.36 ? 28   ARG A O   1 
ATOM   239  C CB  . ARG A 1 28 ? 11.705  -9.977  10.623  1.00 16.89 ? 28   ARG A CB  1 
ATOM   240  C CG  . ARG A 1 28 ? 12.739  -10.383 9.592   1.00 17.92 ? 28   ARG A CG  1 
ATOM   241  C CD  . ARG A 1 28 ? 14.188  -10.078 9.960   1.00 18.80 ? 28   ARG A CD  1 
ATOM   242  N NE  . ARG A 1 28 ? 15.120  -10.767 9.077   1.00 19.94 ? 28   ARG A NE  1 
ATOM   243  C CZ  . ARG A 1 28 ? 16.437  -10.606 9.115   1.00 22.66 ? 28   ARG A CZ  1 
ATOM   244  N NH1 . ARG A 1 28 ? 16.985  -9.723  9.942   1.00 22.87 ? 28   ARG A NH1 1 
ATOM   245  N NH2 . ARG A 1 28 ? 17.208  -11.295 8.284   1.00 22.97 ? 28   ARG A NH2 1 
ATOM   246  N N   . LYS A 1 29 ? 8.821   -8.925  11.566  1.00 17.70 ? 29   LYS A N   1 
ATOM   247  C CA  . LYS A 1 29 ? 7.704   -8.783  12.521  1.00 18.14 ? 29   LYS A CA  1 
ATOM   248  C C   . LYS A 1 29 ? 6.410   -9.406  11.995  1.00 18.09 ? 29   LYS A C   1 
ATOM   249  O O   . LYS A 1 29 ? 5.666   -10.051 12.752  1.00 18.68 ? 29   LYS A O   1 
ATOM   250  C CB  . LYS A 1 29 ? 7.462   -7.309  12.839  1.00 18.78 ? 29   LYS A CB  1 
ATOM   251  C CG  . LYS A 1 29 ? 6.258   -7.007  13.723  1.00 20.99 ? 29   LYS A CG  1 
ATOM   252  C CD  . LYS A 1 29 ? 6.141   -5.522  14.017  1.00 21.89 ? 29   LYS A CD  1 
ATOM   253  C CE  . LYS A 1 29 ? 4.804   -5.192  14.683  1.00 24.62 ? 29   LYS A CE  1 
ATOM   254  N NZ  . LYS A 1 29 ? 4.748   -3.780  15.175  1.00 27.50 ? 29   LYS A NZ  1 
ATOM   255  N N   . LEU A 1 30 ? 6.137   -9.198  10.707  1.00 17.19 ? 30   LEU A N   1 
ATOM   256  C CA  . LEU A 1 30 ? 4.877   -9.640  10.109  1.00 16.95 ? 30   LEU A CA  1 
ATOM   257  C C   . LEU A 1 30 ? 4.925   -11.064 9.566   1.00 17.13 ? 30   LEU A C   1 
ATOM   258  O O   . LEU A 1 30 ? 3.888   -11.603 9.180   1.00 18.96 ? 30   LEU A O   1 
ATOM   259  C CB  . LEU A 1 30 ? 4.473   -8.689  8.977   1.00 16.29 ? 30   LEU A CB  1 
ATOM   260  C CG  . LEU A 1 30 ? 4.014   -7.280  9.318   1.00 16.71 ? 30   LEU A CG  1 
ATOM   261  C CD1 . LEU A 1 30 ? 4.019   -6.398  8.070   1.00 17.04 ? 30   LEU A CD1 1 
ATOM   262  C CD2 . LEU A 1 30 ? 2.617   -7.291  9.953   1.00 17.96 ? 30   LEU A CD2 1 
ATOM   263  N N   . GLY A 1 31 ? 6.103   -11.683 9.510   1.00 16.51 ? 31   GLY A N   1 
ATOM   264  C CA  . GLY A 1 31 ? 6.242   -13.020 8.946   1.00 15.71 ? 31   GLY A CA  1 
ATOM   265  C C   . GLY A 1 31 ? 6.160   -13.063 7.433   1.00 15.56 ? 31   GLY A C   1 
ATOM   266  O O   . GLY A 1 31 ? 5.686   -14.043 6.840   1.00 17.63 ? 31   GLY A O   1 
ATOM   267  N N   . VAL A 1 32 ? 6.656   -12.007 6.792   1.00 13.67 ? 32   VAL A N   1 
ATOM   268  C CA  . VAL A 1 32 ? 6.664   -11.915 5.343   1.00 12.70 ? 32   VAL A CA  1 
ATOM   269  C C   . VAL A 1 32 ? 8.063   -12.258 4.846   1.00 12.42 ? 32   VAL A C   1 
ATOM   270  O O   . VAL A 1 32 ? 9.057   -11.793 5.421   1.00 12.53 ? 32   VAL A O   1 
ATOM   271  C CB  . VAL A 1 32 ? 6.246   -10.502 4.879   1.00 12.22 ? 32   VAL A CB  1 
ATOM   272  C CG1 . VAL A 1 32 ? 6.430   -10.332 3.384   1.00 12.25 ? 32   VAL A CG1 1 
ATOM   273  C CG2 . VAL A 1 32 ? 4.794   -10.229 5.278   1.00 12.15 ? 32   VAL A CG2 1 
ATOM   274  N N   . ASN A 1 33 ? 8.134   -13.060 3.792   1.00 11.48 ? 33   ASN A N   1 
ATOM   275  C CA  . ASN A 1 33 ? 9.409   -13.465 3.199   1.00 12.03 ? 33   ASN A CA  1 
ATOM   276  C C   . ASN A 1 33 ? 9.638   -12.727 1.900   1.00 11.78 ? 33   ASN A C   1 
ATOM   277  O O   . ASN A 1 33 ? 8.699   -12.178 1.311   1.00 11.32 ? 33   ASN A O   1 
ATOM   278  C CB  . ASN A 1 33 ? 9.434   -14.976 2.976   1.00 13.20 ? 33   ASN A CB  1 
ATOM   279  C CG  . ASN A 1 33 ? 9.252   -15.740 4.257   1.00 15.90 ? 33   ASN A CG  1 
ATOM   280  O OD1 . ASN A 1 33 ? 9.999   -15.535 5.207   1.00 21.54 ? 33   ASN A OD1 1 
ATOM   281  N ND2 . ASN A 1 33 ? 8.207   -16.566 4.318   1.00 20.16 ? 33   ASN A ND2 1 
ATOM   282  N N   . GLY A 1 34 ? 10.881  -12.686 1.439   1.00 10.61 ? 34   GLY A N   1 
ATOM   283  C CA  . GLY A 1 34 ? 11.211  -12.011 0.189   1.00 10.12 ? 34   GLY A CA  1 
ATOM   284  C C   . GLY A 1 34 ? 12.488  -11.206 0.288   1.00 10.07 ? 34   GLY A C   1 
ATOM   285  O O   . GLY A 1 34 ? 13.456  -11.634 0.937   1.00 10.41 ? 34   GLY A O   1 
ATOM   286  N N   . TRP A 1 35 ? 12.516  -10.067 -0.382  1.00 9.52  ? 35   TRP A N   1 
ATOM   287  C CA  . TRP A 1 35 ? 13.742  -9.286  -0.447  1.00 9.65  ? 35   TRP A CA  1 
ATOM   288  C C   . TRP A 1 35 ? 13.480  -7.842  -0.806  1.00 9.82  ? 35   TRP A C   1 
ATOM   289  O O   . TRP A 1 35 ? 12.391  -7.489  -1.280  1.00 9.66  ? 35   TRP A O   1 
ATOM   290  C CB  . TRP A 1 35 ? 14.731  -9.904  -1.441  1.00 10.23 ? 35   TRP A CB  1 
ATOM   291  C CG  . TRP A 1 35 ? 14.214  -10.181 -2.836  1.00 9.62  ? 35   TRP A CG  1 
ATOM   292  C CD1 . TRP A 1 35 ? 13.820  -11.393 -3.312  1.00 10.90 ? 35   TRP A CD1 1 
ATOM   293  C CD2 . TRP A 1 35 ? 14.108  -9.265  -3.935  1.00 10.55 ? 35   TRP A CD2 1 
ATOM   294  N NE1 . TRP A 1 35 ? 13.442  -11.286 -4.621  1.00 11.53 ? 35   TRP A NE1 1 
ATOM   295  C CE2 . TRP A 1 35 ? 13.620  -9.993  -5.040  1.00 10.18 ? 35   TRP A CE2 1 
ATOM   296  C CE3 . TRP A 1 35 ? 14.366  -7.900  -4.099  1.00 11.12 ? 35   TRP A CE3 1 
ATOM   297  C CZ2 . TRP A 1 35 ? 13.387  -9.405  -6.282  1.00 10.86 ? 35   TRP A CZ2 1 
ATOM   298  C CZ3 . TRP A 1 35 ? 14.128  -7.316  -5.328  1.00 10.47 ? 35   TRP A CZ3 1 
ATOM   299  C CH2 . TRP A 1 35 ? 13.631  -8.073  -6.406  1.00 10.94 ? 35   TRP A CH2 1 
ATOM   300  N N   . VAL A 1 36 ? 14.501  -7.009  -0.601  1.00 9.53  ? 36   VAL A N   1 
ATOM   301  C CA  . VAL A 1 36 ? 14.448  -5.600  -0.927  1.00 9.61  ? 36   VAL A CA  1 
ATOM   302  C C   . VAL A 1 36 ? 15.803  -5.168  -1.460  1.00 9.58  ? 36   VAL A C   1 
ATOM   303  O O   . VAL A 1 36 ? 16.839  -5.703  -1.031  1.00 10.56 ? 36   VAL A O   1 
ATOM   304  C CB  . VAL A 1 36 ? 14.026  -4.754  0.314   1.00 9.36  ? 36   VAL A CB  1 
ATOM   305  C CG1 . VAL A 1 36 ? 15.072  -4.859  1.430   1.00 10.13 ? 36   VAL A CG1 1 
ATOM   306  C CG2 . VAL A 1 36 ? 13.765  -3.331  -0.073  1.00 9.81  ? 36   VAL A CG2 1 
ATOM   307  N N   . ARG A 1 37 ? 15.796  -4.218  -2.388  1.00 9.84  ? 37   ARG A N   1 
ATOM   308  C CA  . ARG A 1 37 ? 17.057  -3.668  -2.921  1.00 10.25 ? 37   ARG A CA  1 
ATOM   309  C C   . ARG A 1 37 ? 16.884  -2.263  -3.462  1.00 10.76 ? 37   ARG A C   1 
ATOM   310  O O   . ARG A 1 37 ? 15.791  -1.859  -3.837  1.00 10.90 ? 37   ARG A O   1 
ATOM   311  C CB  . ARG A 1 37 ? 17.632  -4.578  -4.001  1.00 10.40 ? 37   ARG A CB  1 
ATOM   312  C CG  . ARG A 1 37 ? 16.848  -4.640  -5.299  1.00 10.67 ? 37   ARG A CG  1 
ATOM   313  C CD  . ARG A 1 37 ? 17.350  -5.733  -6.217  1.00 12.34 ? 37   ARG A CD  1 
ATOM   314  N NE  . ARG A 1 37 ? 16.705  -5.731  -7.515  1.00 12.52 ? 37   ARG A NE  1 
ATOM   315  C CZ  . ARG A 1 37 ? 17.050  -6.536  -8.504  1.00 17.85 ? 37   ARG A CZ  1 
ATOM   316  N NH1 . ARG A 1 37 ? 16.408  -6.477  -9.661  1.00 18.74 ? 37   ARG A NH1 1 
ATOM   317  N NH2 . ARG A 1 37 ? 18.060  -7.387  -8.352  1.00 20.12 ? 37   ARG A NH2 1 
ATOM   318  N N   . ASN A 1 38 ? 17.980  -1.512  -3.520  1.00 11.15 ? 38   ASN A N   1 
ATOM   319  C CA  . ASN A 1 38 ? 17.994  -0.212  -4.175  1.00 11.96 ? 38   ASN A CA  1 
ATOM   320  C C   . ASN A 1 38 ? 18.217  -0.383  -5.671  1.00 12.70 ? 38   ASN A C   1 
ATOM   321  O O   . ASN A 1 38 ? 19.034  -1.215  -6.079  1.00 13.83 ? 38   ASN A O   1 
ATOM   322  C CB  . ASN A 1 38 ? 19.148  0.666   -3.635  1.00 11.71 ? 38   ASN A CB  1 
ATOM   323  C CG  . ASN A 1 38 ? 18.846  1.325   -2.300  1.00 13.55 ? 38   ASN A CG  1 
ATOM   324  O OD1 . ASN A 1 38 ? 19.735  1.960   -1.698  1.00 17.09 ? 38   ASN A OD1 1 
ATOM   325  N ND2 . ASN A 1 38 ? 17.642  1.210   -1.828  1.00 10.76 ? 38   ASN A ND2 1 
ATOM   326  N N   . LEU A 1 39 ? 17.539  0.433   -6.474  1.00 13.08 ? 39   LEU A N   1 
ATOM   327  C CA  . LEU A 1 39 ? 17.761  0.469   -7.916  1.00 14.66 ? 39   LEU A CA  1 
ATOM   328  C C   . LEU A 1 39 ? 18.469  1.759   -8.298  1.00 15.88 ? 39   LEU A C   1 
ATOM   329  O O   . LEU A 1 39 ? 18.332  2.774   -7.618  1.00 15.88 ? 39   LEU A O   1 
ATOM   330  C CB  . LEU A 1 39 ? 16.444  0.350   -8.666  1.00 14.92 ? 39   LEU A CB  1 
ATOM   331  C CG  . LEU A 1 39 ? 15.769  -1.017  -8.560  1.00 15.46 ? 39   LEU A CG  1 
ATOM   332  C CD1 . LEU A 1 39 ? 14.450  -0.971  -9.298  1.00 15.85 ? 39   LEU A CD1 1 
ATOM   333  C CD2 . LEU A 1 39 ? 16.670  -2.123  -9.104  1.00 16.85 ? 39   LEU A CD2 1 
ATOM   334  N N   . PRO A 1 40 ? 19.246  1.723   -9.377  1.00 17.55 ? 40   PRO A N   1 
ATOM   335  C CA  . PRO A 1 40 ? 20.045  2.896   -9.752  1.00 18.16 ? 40   PRO A CA  1 
ATOM   336  C C   . PRO A 1 40 ? 19.257  4.132   -10.173 1.00 19.24 ? 40   PRO A C   1 
ATOM   337  O O   . PRO A 1 40 ? 19.836  5.224   -10.217 1.00 21.10 ? 40   PRO A O   1 
ATOM   338  C CB  . PRO A 1 40 ? 20.927  2.388   -10.901 1.00 18.62 ? 40   PRO A CB  1 
ATOM   339  C CG  . PRO A 1 40 ? 20.393  1.114   -11.325 1.00 18.07 ? 40   PRO A CG  1 
ATOM   340  C CD  . PRO A 1 40 ? 19.467  0.576   -10.269 1.00 17.72 ? 40   PRO A CD  1 
ATOM   341  N N   . ASP A 1 41 ? 17.964  3.979   -10.460 1.00 19.21 ? 41   ASP A N   1 
ATOM   342  C CA  . ASP A 1 41 ? 17.094  5.129   -10.742 1.00 18.90 ? 41   ASP A CA  1 
ATOM   343  C C   . ASP A 1 41 ? 16.575  5.837   -9.479  1.00 18.59 ? 41   ASP A C   1 
ATOM   344  O O   . ASP A 1 41 ? 15.773  6.772   -9.576  1.00 19.46 ? 41   ASP A O   1 
ATOM   345  C CB  . ASP A 1 41 ? 15.935  4.734   -11.661 1.00 19.80 ? 41   ASP A CB  1 
ATOM   346  C CG  . ASP A 1 41 ? 14.946  3.778   -11.015 1.00 21.17 ? 41   ASP A CG  1 
ATOM   347  O OD1 . ASP A 1 41 ? 15.182  3.345   -9.863  1.00 18.41 ? 41   ASP A OD1 1 
ATOM   348  O OD2 . ASP A 1 41 ? 13.903  3.396   -11.609 1.00 24.79 ? 41   ASP A OD2 1 
ATOM   349  N N   . GLY A 1 42 ? 17.022  5.400   -8.302  1.00 17.34 ? 42   GLY A N   1 
ATOM   350  C CA  . GLY A 1 42 ? 16.635  6.028   -7.050  1.00 16.43 ? 42   GLY A CA  1 
ATOM   351  C C   . GLY A 1 42 ? 15.420  5.392   -6.381  1.00 15.47 ? 42   GLY A C   1 
ATOM   352  O O   . GLY A 1 42 ? 15.020  5.839   -5.303  1.00 15.86 ? 42   GLY A O   1 
ATOM   353  N N   . SER A 1 43 ? 14.853  4.361   -7.011  1.00 14.57 ? 43   SER A N   1 
ATOM   354  C CA  . SER A 1 43 ? 13.698  3.655   -6.453  1.00 13.71 ? 43   SER A CA  1 
ATOM   355  C C   . SER A 1 43 ? 14.145  2.471   -5.607  1.00 13.02 ? 43   SER A C   1 
ATOM   356  O O   . SER A 1 43 ? 15.319  2.105   -5.589  1.00 12.61 ? 43   SER A O   1 
ATOM   357  C CB  . SER A 1 43 ? 12.752  3.173   -7.565  1.00 13.80 ? 43   SER A CB  1 
ATOM   358  O OG  . SER A 1 43 ? 13.331  2.162   -8.372  1.00 15.31 ? 43   SER A OG  1 
ATOM   359  N N   . VAL A 1 44 ? 13.184  1.898   -4.899  1.00 11.71 ? 44   VAL A N   1 
ATOM   360  C CA  . VAL A 1 44 ? 13.376  0.678   -4.120  1.00 11.57 ? 44   VAL A CA  1 
ATOM   361  C C   . VAL A 1 44 ? 12.502  -0.407  -4.730  1.00 11.15 ? 44   VAL A C   1 
ATOM   362  O O   . VAL A 1 44 ? 11.323  -0.172  -5.021  1.00 11.75 ? 44   VAL A O   1 
ATOM   363  C CB  . VAL A 1 44 ? 13.011  0.899   -2.631  1.00 11.89 ? 44   VAL A CB  1 
ATOM   364  C CG1 . VAL A 1 44 ? 13.004  -0.407  -1.827  1.00 12.23 ? 44   VAL A CG1 1 
ATOM   365  C CG2 . VAL A 1 44 ? 13.997  1.893   -2.008  1.00 12.55 ? 44   VAL A CG2 1 
ATOM   366  N N   . GLU A 1 45 ? 13.076  -1.587  -4.906  1.00 10.76 ? 45   GLU A N   1 
ATOM   367  C CA  . GLU A 1 45 ? 12.354  -2.750  -5.437  1.00 10.63 ? 45   GLU A CA  1 
ATOM   368  C C   . GLU A 1 45 ? 12.252  -3.796  -4.340  1.00 9.57  ? 45   GLU A C   1 
ATOM   369  O O   . GLU A 1 45 ? 13.203  -3.991  -3.581  1.00 9.94  ? 45   GLU A O   1 
ATOM   370  C CB  . GLU A 1 45 ? 13.086  -3.326  -6.641  1.00 10.92 ? 45   GLU A CB  1 
ATOM   371  C CG  . GLU A 1 45 ? 12.379  -4.499  -7.313  1.00 10.89 ? 45   GLU A CG  1 
ATOM   372  C CD  . GLU A 1 45 ? 13.098  -5.023  -8.535  1.00 12.96 ? 45   GLU A CD  1 
ATOM   373  O OE1 . GLU A 1 45 ? 12.479  -5.767  -9.310  1.00 14.86 ? 45   GLU A OE1 1 
ATOM   374  O OE2 . GLU A 1 45 ? 14.295  -4.717  -8.720  1.00 15.67 ? 45   GLU A OE2 1 
ATOM   375  N N   . ALA A 1 46 ? 11.116  -4.482  -4.254  1.00 9.12  ? 46   ALA A N   1 
ATOM   376  C CA  . ALA A 1 46 ? 10.957  -5.502  -3.233  1.00 9.42  ? 46   ALA A CA  1 
ATOM   377  C C   . ALA A 1 46 ? 10.021  -6.602  -3.699  1.00 9.34  ? 46   ALA A C   1 
ATOM   378  O O   . ALA A 1 46 ? 9.148   -6.376  -4.544  1.00 9.69  ? 46   ALA A O   1 
ATOM   379  C CB  . ALA A 1 46 ? 10.432  -4.904  -1.958  1.00 9.96  ? 46   ALA A CB  1 
ATOM   380  N N   . VAL A 1 47 ? 10.231  -7.775  -3.134  1.00 8.28  ? 47   VAL A N   1 
ATOM   381  C CA  . VAL A 1 47 ? 9.330   -8.919  -3.273  1.00 9.24  ? 47   VAL A CA  1 
ATOM   382  C C   . VAL A 1 47 ? 8.854   -9.292  -1.884  1.00 9.34  ? 47   VAL A C   1 
ATOM   383  O O   . VAL A 1 47 ? 9.654   -9.472  -0.970  1.00 9.86  ? 47   VAL A O   1 
ATOM   384  C CB  . VAL A 1 47 ? 10.022  -10.104 -3.970  1.00 9.39  ? 47   VAL A CB  1 
ATOM   385  C CG1 . VAL A 1 47 ? 9.314   -11.423 -3.691  1.00 11.65 ? 47   VAL A CG1 1 
ATOM   386  C CG2 . VAL A 1 47 ? 10.114  -9.827  -5.464  1.00 11.00 ? 47   VAL A CG2 1 
ATOM   387  N N   . LEU A 1 48 ? 7.534   -9.390  -1.733  1.00 9.37  ? 48   LEU A N   1 
ATOM   388  C CA  . LEU A 1 48 ? 6.860   -9.645  -0.476  1.00 9.73  ? 48   LEU A CA  1 
ATOM   389  C C   . LEU A 1 48 ? 5.984   -10.877 -0.668  1.00 10.66 ? 48   LEU A C   1 
ATOM   390  O O   . LEU A 1 48 ? 5.091   -10.853 -1.519  1.00 11.94 ? 48   LEU A O   1 
ATOM   391  C CB  A LEU A 1 48 ? 5.953   -8.472  -0.117  0.50 10.06 ? 48   LEU A CB  1 
ATOM   392  C CB  B LEU A 1 48 ? 6.011   -8.437  -0.066  0.50 10.25 ? 48   LEU A CB  1 
ATOM   393  C CG  A LEU A 1 48 ? 6.573   -7.200  0.440   0.50 8.94  ? 48   LEU A CG  1 
ATOM   394  C CG  B LEU A 1 48 ? 6.655   -7.051  -0.168  0.50 10.14 ? 48   LEU A CG  1 
ATOM   395  C CD1 A LEU A 1 48 ? 7.618   -6.599  -0.488  0.50 10.12 ? 48   LEU A CD1 1 
ATOM   396  C CD1 B LEU A 1 48 ? 5.648   -5.982  0.286   0.50 10.67 ? 48   LEU A CD1 1 
ATOM   397  C CD2 A LEU A 1 48 ? 5.450   -6.202  0.710   0.50 9.74  ? 48   LEU A CD2 1 
ATOM   398  C CD2 B LEU A 1 48 ? 7.960   -6.938  0.610   0.50 10.98 ? 48   LEU A CD2 1 
ATOM   399  N N   . GLU A 1 49 ? 6.194   -11.926 0.124   1.00 10.60 ? 49   GLU A N   1 
ATOM   400  C CA  . GLU A 1 49 ? 5.482   -13.193 -0.073  1.00 11.11 ? 49   GLU A CA  1 
ATOM   401  C C   . GLU A 1 49 ? 5.019   -13.762 1.245   1.00 11.22 ? 49   GLU A C   1 
ATOM   402  O O   . GLU A 1 49 ? 5.780   -13.850 2.201   1.00 11.08 ? 49   GLU A O   1 
ATOM   403  C CB  . GLU A 1 49 ? 6.396   -14.187 -0.775  1.00 11.85 ? 49   GLU A CB  1 
ATOM   404  C CG  . GLU A 1 49 ? 5.742   -15.451 -1.268  1.00 12.66 ? 49   GLU A CG  1 
ATOM   405  C CD  . GLU A 1 49 ? 6.702   -16.252 -2.119  1.00 12.83 ? 49   GLU A CD  1 
ATOM   406  O OE1 . GLU A 1 49 ? 7.167   -17.296 -1.611  1.00 14.15 ? 49   GLU A OE1 1 
ATOM   407  O OE2 . GLU A 1 49 ? 7.034   -15.843 -3.247  1.00 12.71 ? 49   GLU A OE2 1 
ATOM   408  N N   . GLY A 1 50 ? 3.756   -14.175 1.301   1.00 11.22 ? 50   GLY A N   1 
ATOM   409  C CA  . GLY A 1 50 ? 3.193   -14.749 2.509   1.00 11.93 ? 50   GLY A CA  1 
ATOM   410  C C   . GLY A 1 50 ? 1.696   -14.617 2.520   1.00 12.71 ? 50   GLY A C   1 
ATOM   411  O O   . GLY A 1 50 ? 1.068   -14.379 1.493   1.00 12.21 ? 50   GLY A O   1 
ATOM   412  N N   . ASP A 1 51 ? 1.129   -14.789 3.697   1.00 13.82 ? 51   ASP A N   1 
ATOM   413  C CA  . ASP A 1 51 ? -0.290  -14.636 3.863   1.00 15.23 ? 51   ASP A CA  1 
ATOM   414  C C   . ASP A 1 51 ? -0.725  -13.254 3.395   1.00 14.73 ? 51   ASP A C   1 
ATOM   415  O O   . ASP A 1 51 ? -0.052  -12.264 3.650   1.00 13.93 ? 51   ASP A O   1 
ATOM   416  C CB  A ASP A 1 51 ? -0.706  -14.911 5.305   0.50 15.92 ? 51   ASP A CB  1 
ATOM   417  C CB  B ASP A 1 51 ? -0.616  -14.815 5.347   0.50 15.53 ? 51   ASP A CB  1 
ATOM   418  C CG  A ASP A 1 51 ? -0.729  -16.398 5.615   0.50 18.56 ? 51   ASP A CG  1 
ATOM   419  C CG  B ASP A 1 51 ? -1.991  -14.342 5.702   0.50 17.11 ? 51   ASP A CG  1 
ATOM   420  O OD1 A ASP A 1 51 ? -1.613  -17.101 5.076   0.50 22.99 ? 51   ASP A OD1 1 
ATOM   421  O OD1 B ASP A 1 51 ? -2.122  -13.186 6.168   0.50 17.82 ? 51   ASP A OD1 1 
ATOM   422  O OD2 A ASP A 1 51 ? 0.098   -16.955 6.370   0.50 23.73 ? 51   ASP A OD2 1 
ATOM   423  O OD2 B ASP A 1 51 ? -3.001  -15.053 5.527   0.50 20.02 ? 51   ASP A OD2 1 
ATOM   424  N N   . GLU A 1 52 ? -1.852  -13.200 2.706   1.00 14.88 ? 52   GLU A N   1 
ATOM   425  C CA  . GLU A 1 52 ? -2.313  -11.972 2.077   1.00 15.34 ? 52   GLU A CA  1 
ATOM   426  C C   . GLU A 1 52 ? -2.474  -10.797 3.052   1.00 14.74 ? 52   GLU A C   1 
ATOM   427  O O   . GLU A 1 52 ? -2.085  -9.671  2.737   1.00 13.36 ? 52   GLU A O   1 
ATOM   428  C CB  A GLU A 1 52 ? -3.545  -12.170 1.184   0.50 15.81 ? 52   GLU A CB  1 
ATOM   429  C CB  B GLU A 1 52 ? -3.655  -12.294 1.411   0.50 15.54 ? 52   GLU A CB  1 
ATOM   430  C CG  A GLU A 1 52 ? -4.804  -12.664 1.851   0.50 17.49 ? 52   GLU A CG  1 
ATOM   431  C CG  B GLU A 1 52 ? -4.332  -11.161 0.691   0.50 15.93 ? 52   GLU A CG  1 
ATOM   432  C CD  A GLU A 1 52 ? -5.819  -13.143 0.827   0.50 17.38 ? 52   GLU A CD  1 
ATOM   433  C CD  B GLU A 1 52 ? -5.557  -11.642 -0.060  0.50 16.34 ? 52   GLU A CD  1 
ATOM   434  O OE1 A GLU A 1 52 ? -6.556  -14.095 1.128   0.50 22.95 ? 52   GLU A OE1 1 
ATOM   435  O OE1 B GLU A 1 52 ? -6.468  -12.186 0.601   0.50 19.85 ? 52   GLU A OE1 1 
ATOM   436  O OE2 A GLU A 1 52 ? -5.856  -12.585 -0.293  0.50 22.34 ? 52   GLU A OE2 1 
ATOM   437  O OE2 B GLU A 1 52 ? -5.592  -11.497 -1.297  0.50 19.10 ? 52   GLU A OE2 1 
ATOM   438  N N   . GLU A 1 53 ? -3.002  -11.042 4.246   1.00 14.86 ? 53   GLU A N   1 
ATOM   439  C CA  . GLU A 1 53 ? -3.167  -9.960  5.220   1.00 15.42 ? 53   GLU A CA  1 
ATOM   440  C C   . GLU A 1 53 ? -1.819  -9.377  5.657   1.00 14.03 ? 53   GLU A C   1 
ATOM   441  O O   . GLU A 1 53 ? -1.677  -8.166  5.849   1.00 13.79 ? 53   GLU A O   1 
ATOM   442  C CB  . GLU A 1 53 ? -3.935  -10.468 6.436   1.00 15.97 ? 53   GLU A CB  1 
ATOM   443  C CG  . GLU A 1 53 ? -4.237  -9.430  7.491   1.00 19.13 ? 53   GLU A CG  1 
ATOM   444  C CD  . GLU A 1 53 ? -5.297  -9.897  8.470   1.00 22.07 ? 53   GLU A CD  1 
ATOM   445  O OE1 . GLU A 1 53 ? -6.368  -10.361 8.003   1.00 29.81 ? 53   GLU A OE1 1 
ATOM   446  O OE2 . GLU A 1 53 ? -5.057  -9.785  9.699   1.00 29.56 ? 53   GLU A OE2 1 
ATOM   447  N N   . ARG A 1 54 ? -0.827  -10.241 5.821   1.00 13.12 ? 54   ARG A N   1 
ATOM   448  C CA  . ARG A 1 54 ? 0.495   -9.801  6.252   1.00 13.19 ? 54   ARG A CA  1 
ATOM   449  C C   . ARG A 1 54 ? 1.206   -9.046  5.137   1.00 11.93 ? 54   ARG A C   1 
ATOM   450  O O   . ARG A 1 54 ? 1.846   -8.028  5.369   1.00 11.17 ? 54   ARG A O   1 
ATOM   451  C CB  . ARG A 1 54 ? 1.326   -11.003 6.685   1.00 14.14 ? 54   ARG A CB  1 
ATOM   452  C CG  A ARG A 1 54 ? 0.733   -11.777 7.872   0.50 14.71 ? 54   ARG A CG  1 
ATOM   453  C CG  B ARG A 1 54 ? 0.758   -11.776 7.872   0.50 14.75 ? 54   ARG A CG  1 
ATOM   454  C CD  A ARG A 1 54 ? 0.514   -10.937 9.117   0.50 16.75 ? 54   ARG A CD  1 
ATOM   455  C CD  B ARG A 1 54 ? 1.372   -13.157 8.027   0.50 16.16 ? 54   ARG A CD  1 
ATOM   456  N NE  A ARG A 1 54 ? -0.077  -11.696 10.219  0.50 17.26 ? 54   ARG A NE  1 
ATOM   457  N NE  B ARG A 1 54 ? 0.977   -13.806 9.270   0.50 19.22 ? 54   ARG A NE  1 
ATOM   458  C CZ  A ARG A 1 54 ? 0.592   -12.500 11.045  0.50 18.56 ? 54   ARG A CZ  1 
ATOM   459  C CZ  B ARG A 1 54 ? 1.482   -14.956 9.707   0.50 21.53 ? 54   ARG A CZ  1 
ATOM   460  N NH1 A ARG A 1 54 ? 1.898   -12.680 10.923  0.50 18.36 ? 54   ARG A NH1 1 
ATOM   461  N NH1 B ARG A 1 54 ? 2.416   -15.600 9.013   0.50 23.88 ? 54   ARG A NH1 1 
ATOM   462  N NH2 A ARG A 1 54 ? -0.058  -13.127 12.017  0.50 19.04 ? 54   ARG A NH2 1 
ATOM   463  N NH2 B ARG A 1 54 ? 1.054   -15.467 10.851  0.50 22.51 ? 54   ARG A NH2 1 
ATOM   464  N N   . VAL A 1 55 ? 1.108   -9.568  3.926   1.00 10.74 ? 55   VAL A N   1 
ATOM   465  C CA  . VAL A 1 55 ? 1.695   -8.901  2.768   1.00 10.34 ? 55   VAL A CA  1 
ATOM   466  C C   . VAL A 1 55 ? 1.071   -7.526  2.582   1.00 10.17 ? 55   VAL A C   1 
ATOM   467  O O   . VAL A 1 55 ? 1.776   -6.540  2.367   1.00 9.85  ? 55   VAL A O   1 
ATOM   468  C CB  . VAL A 1 55 ? 1.584   -9.773  1.481   1.00 10.13 ? 55   VAL A CB  1 
ATOM   469  C CG1 . VAL A 1 55 ? 1.944   -8.960  0.227   1.00 10.75 ? 55   VAL A CG1 1 
ATOM   470  C CG2 . VAL A 1 55 ? 2.493   -10.997 1.591   1.00 10.37 ? 55   VAL A CG2 1 
ATOM   471  N N   . GLU A 1 56 ? -0.255  -7.448  2.645   1.00 9.91  ? 56   GLU A N   1 
ATOM   472  C CA  . GLU A 1 56 ? -0.922  -6.162  2.509   1.00 10.23 ? 56   GLU A CA  1 
ATOM   473  C C   . GLU A 1 56 ? -0.488  -5.180  3.602   1.00 9.97  ? 56   GLU A C   1 
ATOM   474  O O   . GLU A 1 56 ? -0.313  -4.006  3.331   1.00 9.71  ? 56   GLU A O   1 
ATOM   475  C CB  . GLU A 1 56 ? -2.447  -6.326  2.499   1.00 10.62 ? 56   GLU A CB  1 
ATOM   476  C CG  . GLU A 1 56 ? -2.959  -6.976  1.227   1.00 12.14 ? 56   GLU A CG  1 
ATOM   477  C CD  . GLU A 1 56 ? -4.428  -7.338  1.265   1.00 13.30 ? 56   GLU A CD  1 
ATOM   478  O OE1 . GLU A 1 56 ? -4.885  -7.948  0.263   1.00 16.67 ? 56   GLU A OE1 1 
ATOM   479  O OE2 . GLU A 1 56 ? -5.119  -7.030  2.250   1.00 15.14 ? 56   GLU A OE2 1 
ATOM   480  N N   . ALA A 1 57 ? -0.321  -5.664  4.829   1.00 10.13 ? 57   ALA A N   1 
ATOM   481  C CA  . ALA A 1 57 ? 0.154   -4.804  5.914   1.00 10.02 ? 57   ALA A CA  1 
ATOM   482  C C   . ALA A 1 57 ? 1.514   -4.201  5.552   1.00 10.14 ? 57   ALA A C   1 
ATOM   483  O O   . ALA A 1 57 ? 1.754   -3.010  5.781   1.00 11.11 ? 57   ALA A O   1 
ATOM   484  C CB  . ALA A 1 57 ? 0.262   -5.579  7.207   1.00 10.86 ? 57   ALA A CB  1 
ATOM   485  N N   . LEU A 1 58 ? 2.397   -5.017  4.991   1.00 9.74  ? 58   LEU A N   1 
ATOM   486  C CA  . LEU A 1 58 ? 3.742   -4.535  4.654   1.00 9.71  ? 58   LEU A CA  1 
ATOM   487  C C   . LEU A 1 58 ? 3.703   -3.602  3.443   1.00 9.82  ? 58   LEU A C   1 
ATOM   488  O O   . LEU A 1 58 ? 4.409   -2.605  3.412   1.00 9.90  ? 58   LEU A O   1 
ATOM   489  C CB  . LEU A 1 58 ? 4.714   -5.715  4.464   1.00 9.74  ? 58   LEU A CB  1 
ATOM   490  C CG  . LEU A 1 58 ? 6.189   -5.338  4.260   1.00 9.97  ? 58   LEU A CG  1 
ATOM   491  C CD1 . LEU A 1 58 ? 6.738   -4.562  5.428   1.00 11.03 ? 58   LEU A CD1 1 
ATOM   492  C CD2 . LEU A 1 58 ? 7.036   -6.589  4.022   1.00 10.52 ? 58   LEU A CD2 1 
ATOM   493  N N   . ILE A 1 59 ? 2.867   -3.897  2.451   1.00 9.01  ? 59   ILE A N   1 
ATOM   494  C CA  . ILE A 1 59 ? 2.682   -2.968  1.325   1.00 9.33  ? 59   ILE A CA  1 
ATOM   495  C C   . ILE A 1 59 ? 2.247   -1.604  1.831   1.00 9.63  ? 59   ILE A C   1 
ATOM   496  O O   . ILE A 1 59 ? 2.757   -0.586  1.390   1.00 9.32  ? 59   ILE A O   1 
ATOM   497  C CB  . ILE A 1 59 ? 1.637   -3.508  0.322   1.00 9.29  ? 59   ILE A CB  1 
ATOM   498  C CG1 . ILE A 1 59 ? 2.167   -4.740  -0.403  1.00 9.27  ? 59   ILE A CG1 1 
ATOM   499  C CG2 . ILE A 1 59 ? 1.265   -2.429  -0.691  1.00 9.42  ? 59   ILE A CG2 1 
ATOM   500  C CD1 . ILE A 1 59 ? 1.146   -5.439  -1.268  1.00 10.35 ? 59   ILE A CD1 1 
ATOM   501  N N   . GLY A 1 60 ? 1.280   -1.580  2.730   1.00 9.68  ? 60   GLY A N   1 
ATOM   502  C CA  . GLY A 1 60 ? 0.807   -0.328  3.297   1.00 9.78  ? 60   GLY A CA  1 
ATOM   503  C C   . GLY A 1 60 ? 1.878   0.408   4.072   1.00 10.07 ? 60   GLY A C   1 
ATOM   504  O O   . GLY A 1 60 ? 2.031   1.624   3.923   1.00 10.43 ? 60   GLY A O   1 
ATOM   505  N N   . TRP A 1 61 ? 2.627   -0.328  4.893   1.00 10.23 ? 61   TRP A N   1 
ATOM   506  C CA  . TRP A 1 61 ? 3.750   0.261   5.618   1.00 10.64 ? 61   TRP A CA  1 
ATOM   507  C C   . TRP A 1 61 ? 4.712   0.934   4.635   1.00 10.32 ? 61   TRP A C   1 
ATOM   508  O O   . TRP A 1 61 ? 5.239   2.015   4.920   1.00 10.84 ? 61   TRP A O   1 
ATOM   509  C CB  . TRP A 1 61 ? 4.476   -0.798  6.462   1.00 11.16 ? 61   TRP A CB  1 
ATOM   510  C CG  . TRP A 1 61 ? 5.760   -0.241  7.031   1.00 11.44 ? 61   TRP A CG  1 
ATOM   511  C CD1 . TRP A 1 61 ? 5.909   0.409   8.210   1.00 13.28 ? 61   TRP A CD1 1 
ATOM   512  C CD2 . TRP A 1 61 ? 7.037   -0.220  6.389   1.00 11.87 ? 61   TRP A CD2 1 
ATOM   513  N NE1 . TRP A 1 61 ? 7.215   0.805   8.366   1.00 14.43 ? 61   TRP A NE1 1 
ATOM   514  C CE2 . TRP A 1 61 ? 7.926   0.443   7.252   1.00 12.44 ? 61   TRP A CE2 1 
ATOM   515  C CE3 . TRP A 1 61 ? 7.528   -0.711  5.176   1.00 12.75 ? 61   TRP A CE3 1 
ATOM   516  C CZ2 . TRP A 1 61 ? 9.271   0.624   6.936   1.00 13.61 ? 61   TRP A CZ2 1 
ATOM   517  C CZ3 . TRP A 1 61 ? 8.868   -0.509  4.855   1.00 12.75 ? 61   TRP A CZ3 1 
ATOM   518  C CH2 . TRP A 1 61 ? 9.710   0.157   5.737   1.00 13.06 ? 61   TRP A CH2 1 
ATOM   519  N N   . ALA A 1 62 ? 4.934   0.310   3.480   1.00 10.06 ? 62   ALA A N   1 
ATOM   520  C CA  . ALA A 1 62 ? 5.896   0.807   2.500   1.00 10.38 ? 62   ALA A CA  1 
ATOM   521  C C   . ALA A 1 62 ? 5.467   2.113   1.839   1.00 10.82 ? 62   ALA A C   1 
ATOM   522  O O   . ALA A 1 62 ? 6.266   2.717   1.139   1.00 11.90 ? 62   ALA A O   1 
ATOM   523  C CB  . ALA A 1 62 ? 6.149   -0.251  1.441   1.00 10.56 ? 62   ALA A CB  1 
ATOM   524  N N   . HIS A 1 63 ? 4.204   2.528   2.008   1.00 10.78 ? 63   HIS A N   1 
ATOM   525  C CA  . HIS A 1 63 ? 3.774   3.861   1.561   1.00 10.71 ? 63   HIS A CA  1 
ATOM   526  C C   . HIS A 1 63 ? 4.192   4.962   2.529   1.00 11.56 ? 63   HIS A C   1 
ATOM   527  O O   . HIS A 1 63 ? 4.182   6.124   2.158   1.00 11.48 ? 63   HIS A O   1 
ATOM   528  C CB  . HIS A 1 63 ? 2.256   3.897   1.330   1.00 10.49 ? 63   HIS A CB  1 
ATOM   529  C CG  . HIS A 1 63 ? 1.811   3.100   0.143   1.00 10.48 ? 63   HIS A CG  1 
ATOM   530  N ND1 . HIS A 1 63 ? 1.929   1.728   0.079   1.00 10.51 ? 63   HIS A ND1 1 
ATOM   531  C CD2 . HIS A 1 63 ? 1.185   3.472   -1.001  1.00 11.01 ? 63   HIS A CD2 1 
ATOM   532  C CE1 . HIS A 1 63 ? 1.422   1.293   -1.063  1.00 11.19 ? 63   HIS A CE1 1 
ATOM   533  N NE2 . HIS A 1 63 ? 0.977   2.334   -1.748  1.00 10.87 ? 63   HIS A NE2 1 
ATOM   534  N N   . GLN A 1 64 ? 4.534   4.580   3.757   1.00 11.99 ? 64   GLN A N   1 
ATOM   535  C CA  . GLN A 1 64 ? 5.079   5.495   4.765   1.00 12.26 ? 64   GLN A CA  1 
ATOM   536  C C   . GLN A 1 64 ? 6.598   5.377   4.800   1.00 12.06 ? 64   GLN A C   1 
ATOM   537  O O   . GLN A 1 64 ? 7.314   6.382   4.719   1.00 12.36 ? 64   GLN A O   1 
ATOM   538  C CB  . GLN A 1 64 ? 4.491   5.140   6.128   1.00 13.62 ? 64   GLN A CB  1 
ATOM   539  C CG  . GLN A 1 64 ? 4.831   6.074   7.249   1.00 15.39 ? 64   GLN A CG  1 
ATOM   540  C CD  . GLN A 1 64 ? 4.299   7.474   7.024   1.00 19.98 ? 64   GLN A CD  1 
ATOM   541  O OE1 . GLN A 1 64 ? 5.017   8.345   6.512   1.00 25.86 ? 64   GLN A OE1 1 
ATOM   542  N NE2 . GLN A 1 64 ? 3.028   7.696   7.381   1.00 24.46 ? 64   GLN A NE2 1 
ATOM   543  N N   . GLY A 1 65 ? 7.094   4.155   4.931   1.00 11.26 ? 65   GLY A N   1 
ATOM   544  C CA  . GLY A 1 65 ? 8.523   3.914   5.104   1.00 11.69 ? 65   GLY A CA  1 
ATOM   545  C C   . GLY A 1 65 ? 8.987   4.363   6.477   1.00 12.02 ? 65   GLY A C   1 
ATOM   546  O O   . GLY A 1 65 ? 8.174   4.756   7.327   1.00 12.55 ? 65   GLY A O   1 
ATOM   547  N N   . PRO A 1 66 ? 10.298  4.346   6.691   1.00 12.45 ? 66   PRO A N   1 
ATOM   548  C CA  . PRO A 1 66 ? 10.871  4.867   7.922   1.00 13.03 ? 66   PRO A CA  1 
ATOM   549  C C   . PRO A 1 66 ? 10.669  6.379   7.992   1.00 13.24 ? 66   PRO A C   1 
ATOM   550  O O   . PRO A 1 66 ? 10.284  6.999   7.004   1.00 13.14 ? 66   PRO A O   1 
ATOM   551  C CB  . PRO A 1 66 ? 12.344  4.479   7.795   1.00 12.96 ? 66   PRO A CB  1 
ATOM   552  C CG  . PRO A 1 66 ? 12.591  4.479   6.349   1.00 12.88 ? 66   PRO A CG  1 
ATOM   553  C CD  . PRO A 1 66 ? 11.340  3.878   5.759   1.00 12.72 ? 66   PRO A CD  1 
ATOM   554  N N   . PRO A 1 67 ? 10.844  6.975   9.167   1.00 14.12 ? 67   PRO A N   1 
ATOM   555  C CA  . PRO A 1 67 ? 10.484  8.376   9.357   1.00 14.75 ? 67   PRO A CA  1 
ATOM   556  C C   . PRO A 1 67 ? 10.981  9.375   8.325   1.00 15.03 ? 67   PRO A C   1 
ATOM   557  O O   . PRO A 1 67 ? 10.227  10.279  7.955   1.00 16.06 ? 67   PRO A O   1 
ATOM   558  C CB  . PRO A 1 67 ? 11.071  8.690   10.734  1.00 15.32 ? 67   PRO A CB  1 
ATOM   559  C CG  . PRO A 1 67 ? 10.996  7.443   11.425  1.00 15.42 ? 67   PRO A CG  1 
ATOM   560  C CD  . PRO A 1 67 ? 11.324  6.366   10.418  1.00 14.73 ? 67   PRO A CD  1 
ATOM   561  N N   . LEU A 1 68 ? 12.215  9.232   7.841   1.00 15.38 ? 68   LEU A N   1 
ATOM   562  C CA  . LEU A 1 68 ? 12.762  10.221  6.920   1.00 15.88 ? 68   LEU A CA  1 
ATOM   563  C C   . LEU A 1 68 ? 12.460  9.932   5.443   1.00 15.44 ? 68   LEU A C   1 
ATOM   564  O O   . LEU A 1 68 ? 12.774  10.731  4.576   1.00 15.84 ? 68   LEU A O   1 
ATOM   565  C CB  . LEU A 1 68 ? 14.274  10.418  7.149   1.00 17.22 ? 68   LEU A CB  1 
ATOM   566  C CG  . LEU A 1 68 ? 14.682  11.290  8.353   1.00 21.33 ? 68   LEU A CG  1 
ATOM   567  C CD1 . LEU A 1 68 ? 14.024  12.666  8.300   1.00 23.51 ? 68   LEU A CD1 1 
ATOM   568  C CD2 . LEU A 1 68 ? 14.367  10.604  9.660   1.00 24.36 ? 68   LEU A CD2 1 
ATOM   569  N N   . ALA A 1 69 ? 11.823  8.795   5.161   1.00 14.60 ? 69   ALA A N   1 
ATOM   570  C CA  . ALA A 1 69 ? 11.370  8.527   3.799   1.00 14.94 ? 69   ALA A CA  1 
ATOM   571  C C   . ALA A 1 69 ? 10.231  9.461   3.421   1.00 14.68 ? 69   ALA A C   1 
ATOM   572  O O   . ALA A 1 69 ? 9.437   9.858   4.286   1.00 15.97 ? 69   ALA A O   1 
ATOM   573  C CB  . ALA A 1 69 ? 10.913  7.099   3.660   1.00 14.36 ? 69   ALA A CB  1 
ATOM   574  N N   . ARG A 1 70 ? 10.147  9.798   2.140   1.00 14.63 ? 70   ARG A N   1 
ATOM   575  C CA  . ARG A 1 70 ? 9.004   10.514  1.593   1.00 15.75 ? 70   ARG A CA  1 
ATOM   576  C C   . ARG A 1 70 ? 8.574   9.792   0.324   1.00 14.16 ? 70   ARG A C   1 
ATOM   577  O O   . ARG A 1 70 ? 9.062   10.066  -0.764  1.00 14.21 ? 70   ARG A O   1 
ATOM   578  C CB  . ARG A 1 70 ? 9.362   11.968  1.285   1.00 16.21 ? 70   ARG A CB  1 
ATOM   579  C CG  . ARG A 1 70 ? 9.685   12.801  2.518   1.00 20.74 ? 70   ARG A CG  1 
ATOM   580  C CD  . ARG A 1 70 ? 10.058  14.255  2.203   1.00 23.19 ? 70   ARG A CD  1 
ATOM   581  N NE  . ARG A 1 70 ? 11.228  14.340  1.329   1.00 29.82 ? 70   ARG A NE  1 
ATOM   582  C CZ  . ARG A 1 70 ? 11.905  15.457  1.057   1.00 31.89 ? 70   ARG A CZ  1 
ATOM   583  N NH1 . ARG A 1 70 ? 12.954  15.405  0.240   1.00 32.82 ? 70   ARG A NH1 1 
ATOM   584  N NH2 . ARG A 1 70 ? 11.552  16.623  1.598   1.00 34.43 ? 70   ARG A NH2 1 
ATOM   585  N N   . VAL A 1 71 ? 7.655   8.843   0.490   1.00 13.62 ? 71   VAL A N   1 
ATOM   586  C CA  . VAL A 1 71 ? 7.195   8.020   -0.615  1.00 13.23 ? 71   VAL A CA  1 
ATOM   587  C C   . VAL A 1 71 ? 6.160   8.791   -1.412  1.00 12.75 ? 71   VAL A C   1 
ATOM   588  O O   . VAL A 1 71 ? 5.296   9.435   -0.819  1.00 13.75 ? 71   VAL A O   1 
ATOM   589  C CB  . VAL A 1 71 ? 6.576   6.703   -0.079  1.00 12.86 ? 71   VAL A CB  1 
ATOM   590  C CG1 . VAL A 1 71 ? 6.006   5.876   -1.212  1.00 12.48 ? 71   VAL A CG1 1 
ATOM   591  C CG2 . VAL A 1 71 ? 7.622   5.902   0.696   1.00 12.27 ? 71   VAL A CG2 1 
ATOM   592  N N   . THR A 1 72 ? 6.268   8.752   -2.734  1.00 12.76 ? 72   THR A N   1 
ATOM   593  C CA  . THR A 1 72 ? 5.301   9.422   -3.601  1.00 13.11 ? 72   THR A CA  1 
ATOM   594  C C   . THR A 1 72 ? 4.425   8.462   -4.374  1.00 13.14 ? 72   THR A C   1 
ATOM   595  O O   . THR A 1 72 ? 3.299   8.813   -4.737  1.00 12.69 ? 72   THR A O   1 
ATOM   596  C CB  . THR A 1 72 ? 6.002   10.362  -4.592  1.00 13.56 ? 72   THR A CB  1 
ATOM   597  O OG1 . THR A 1 72 ? 6.930   9.627   -5.388  1.00 14.65 ? 72   THR A OG1 1 
ATOM   598  C CG2 . THR A 1 72 ? 6.820   11.420  -3.852  1.00 15.46 ? 72   THR A CG2 1 
ATOM   599  N N   . ARG A 1 73 ? 4.916   7.258   -4.650  1.00 12.70 ? 73   ARG A N   1 
ATOM   600  C CA  . ARG A 1 73 ? 4.091   6.287   -5.335  1.00 13.61 ? 73   ARG A CA  1 
ATOM   601  C C   . ARG A 1 73 ? 4.654   4.893   -5.181  1.00 12.36 ? 73   ARG A C   1 
ATOM   602  O O   . ARG A 1 73 ? 5.853   4.712   -4.973  1.00 11.34 ? 73   ARG A O   1 
ATOM   603  C CB  . ARG A 1 73 ? 3.890   6.665   -6.795  1.00 15.37 ? 73   ARG A CB  1 
ATOM   604  C CG  . ARG A 1 73 ? 4.876   6.157   -7.755  1.00 16.91 ? 73   ARG A CG  1 
ATOM   605  C CD  . ARG A 1 73 ? 4.453   6.375   -9.196  1.00 18.00 ? 73   ARG A CD  1 
ATOM   606  N NE  . ARG A 1 73 ? 5.450   5.891   -10.132 1.00 20.96 ? 73   ARG A NE  1 
ATOM   607  C CZ  . ARG A 1 73 ? 6.546   6.556   -10.494 1.00 22.22 ? 73   ARG A CZ  1 
ATOM   608  N NH1 . ARG A 1 73 ? 7.383   6.009   -11.369 1.00 24.02 ? 73   ARG A NH1 1 
ATOM   609  N NH2 . ARG A 1 73 ? 6.829   7.751   -9.988  1.00 24.54 ? 73   ARG A NH2 1 
ATOM   610  N N   . VAL A 1 74 ? 3.757   3.919   -5.285  1.00 11.34 ? 74   VAL A N   1 
ATOM   611  C CA  . VAL A 1 74 ? 4.111   2.505   -5.226  1.00 11.15 ? 74   VAL A CA  1 
ATOM   612  C C   . VAL A 1 74 ? 3.394   1.800   -6.365  1.00 11.26 ? 74   VAL A C   1 
ATOM   613  O O   . VAL A 1 74 ? 2.234   2.096   -6.638  1.00 10.48 ? 74   VAL A O   1 
ATOM   614  C CB  . VAL A 1 74 ? 3.697   1.876   -3.880  1.00 10.98 ? 74   VAL A CB  1 
ATOM   615  C CG1 . VAL A 1 74 ? 3.982   0.382   -3.865  1.00 10.61 ? 74   VAL A CG1 1 
ATOM   616  C CG2 . VAL A 1 74 ? 4.395   2.575   -2.716  1.00 11.20 ? 74   VAL A CG2 1 
ATOM   617  N N   . GLU A 1 75 ? 4.095   0.883   -7.017  1.00 11.30 ? 75   GLU A N   1 
ATOM   618  C CA  . GLU A 1 75 ? 3.546   0.049   -8.068  1.00 11.94 ? 75   GLU A CA  1 
ATOM   619  C C   . GLU A 1 75 ? 3.696   -1.399  -7.649  1.00 11.88 ? 75   GLU A C   1 
ATOM   620  O O   . GLU A 1 75 ? 4.800   -1.818  -7.287  1.00 12.33 ? 75   GLU A O   1 
ATOM   621  C CB  . GLU A 1 75 ? 4.314   0.278   -9.358  1.00 12.23 ? 75   GLU A CB  1 
ATOM   622  C CG  . GLU A 1 75 ? 4.181   1.701   -9.871  1.00 14.70 ? 75   GLU A CG  1 
ATOM   623  C CD  . GLU A 1 75 ? 5.153   2.055   -10.973 1.00 15.74 ? 75   GLU A CD  1 
ATOM   624  O OE1 . GLU A 1 75 ? 4.982   3.154   -11.534 1.00 22.83 ? 75   GLU A OE1 1 
ATOM   625  O OE2 . GLU A 1 75 ? 6.090   1.280   -11.254 1.00 21.74 ? 75   GLU A OE2 1 
ATOM   626  N N   . VAL A 1 76 ? 2.610   -2.161  -7.702  1.00 11.11 ? 76   VAL A N   1 
ATOM   627  C CA  . VAL A 1 76 ? 2.613   -3.571  -7.325  1.00 11.07 ? 76   VAL A CA  1 
ATOM   628  C C   . VAL A 1 76 ? 2.231   -4.438  -8.508  1.00 11.81 ? 76   VAL A C   1 
ATOM   629  O O   . VAL A 1 76 ? 1.217   -4.174  -9.183  1.00 12.37 ? 76   VAL A O   1 
ATOM   630  C CB  . VAL A 1 76 ? 1.609   -3.855  -6.192  1.00 10.59 ? 76   VAL A CB  1 
ATOM   631  C CG1 . VAL A 1 76 ? 1.480   -5.359  -5.898  1.00 10.54 ? 76   VAL A CG1 1 
ATOM   632  C CG2 . VAL A 1 76 ? 2.011   -3.096  -4.922  1.00 10.78 ? 76   VAL A CG2 1 
ATOM   633  N N   . LYS A 1 77 ? 3.022   -5.476  -8.735  1.00 11.84 ? 77   LYS A N   1 
ATOM   634  C CA  . LYS A 1 77 ? 2.678   -6.548  -9.662  1.00 11.44 ? 77   LYS A CA  1 
ATOM   635  C C   . LYS A 1 77 ? 2.522   -7.818  -8.841  1.00 10.64 ? 77   LYS A C   1 
ATOM   636  O O   . LYS A 1 77 ? 3.417   -8.188  -8.089  1.00 10.59 ? 77   LYS A O   1 
ATOM   637  C CB  . LYS A 1 77 ? 3.786   -6.730  -10.698 1.00 12.44 ? 77   LYS A CB  1 
ATOM   638  C CG  . LYS A 1 77 ? 3.471   -7.772  -11.746 1.00 14.21 ? 77   LYS A CG  1 
ATOM   639  C CD  . LYS A 1 77 ? 4.623   -7.917  -12.707 1.00 15.75 ? 77   LYS A CD  1 
ATOM   640  C CE  . LYS A 1 77 ? 4.257   -8.814  -13.864 1.00 17.91 ? 77   LYS A CE  1 
ATOM   641  N NZ  . LYS A 1 77 ? 5.388   -8.958  -14.828 1.00 20.82 ? 77   LYS A NZ  1 
ATOM   642  N N   . TRP A 1 78 ? 1.387   -8.490  -8.985  1.00 9.56  ? 78   TRP A N   1 
ATOM   643  C CA  . TRP A 1 78 ? 1.137   -9.715  -8.252  1.00 9.75  ? 78   TRP A CA  1 
ATOM   644  C C   . TRP A 1 78 ? 1.693   -10.879 -9.045  1.00 10.06 ? 78   TRP A C   1 
ATOM   645  O O   . TRP A 1 78 ? 1.588   -10.913 -10.254 1.00 10.14 ? 78   TRP A O   1 
ATOM   646  C CB  . TRP A 1 78 ? -0.357  -9.887  -7.971  1.00 9.73  ? 78   TRP A CB  1 
ATOM   647  C CG  . TRP A 1 78 ? -0.883  -8.799  -7.106  1.00 9.46  ? 78   TRP A CG  1 
ATOM   648  C CD1 . TRP A 1 78 ? -1.472  -7.656  -7.524  1.00 9.59  ? 78   TRP A CD1 1 
ATOM   649  C CD2 . TRP A 1 78 ? -0.794  -8.712  -5.689  1.00 8.07  ? 78   TRP A CD2 1 
ATOM   650  N NE1 . TRP A 1 78 ? -1.787  -6.862  -6.445  1.00 9.62  ? 78   TRP A NE1 1 
ATOM   651  C CE2 . TRP A 1 78 ? -1.374  -7.484  -5.301  1.00 9.25  ? 78   TRP A CE2 1 
ATOM   652  C CE3 . TRP A 1 78 ? -0.277  -9.550  -4.692  1.00 8.93  ? 78   TRP A CE3 1 
ATOM   653  C CZ2 . TRP A 1 78 ? -1.481  -7.091  -3.973  1.00 9.74  ? 78   TRP A CZ2 1 
ATOM   654  C CZ3 . TRP A 1 78 ? -0.375  -9.150  -3.366  1.00 9.64  ? 78   TRP A CZ3 1 
ATOM   655  C CH2 . TRP A 1 78 ? -0.966  -7.931  -3.018  1.00 10.06 ? 78   TRP A CH2 1 
ATOM   656  N N   . GLU A 1 79 ? 2.338   -11.803 -8.341  1.00 9.79  ? 79   GLU A N   1 
ATOM   657  C CA  . GLU A 1 79 ? 3.122   -12.878 -8.955  1.00 10.57 ? 79   GLU A CA  1 
ATOM   658  C C   . GLU A 1 79 ? 2.821   -14.199 -8.271  1.00 9.75  ? 79   GLU A C   1 
ATOM   659  O O   . GLU A 1 79 ? 2.201   -14.255 -7.228  1.00 9.80  ? 79   GLU A O   1 
ATOM   660  C CB  . GLU A 1 79 ? 4.619   -12.555 -8.847  1.00 10.48 ? 79   GLU A CB  1 
ATOM   661  C CG  . GLU A 1 79 ? 5.009   -11.374 -9.699  1.00 10.79 ? 79   GLU A CG  1 
ATOM   662  C CD  . GLU A 1 79 ? 6.467   -10.959 -9.608  1.00 11.77 ? 79   GLU A CD  1 
ATOM   663  O OE1 . GLU A 1 79 ? 7.156   -11.384 -8.663  1.00 12.95 ? 79   GLU A OE1 1 
ATOM   664  O OE2 . GLU A 1 79 ? 6.901   -10.191 -10.483 1.00 12.84 ? 79   GLU A OE2 1 
ATOM   665  N N   . GLN A 1 80 ? 3.254   -15.288 -8.903  1.00 11.95 ? 80   GLN A N   1 
ATOM   666  C CA  . GLN A 1 80 ? 3.074   -16.610 -8.321  1.00 12.73 ? 80   GLN A CA  1 
ATOM   667  C C   . GLN A 1 80 ? 4.108   -16.827 -7.218  1.00 12.06 ? 80   GLN A C   1 
ATOM   668  O O   . GLN A 1 80 ? 5.290   -16.622 -7.469  1.00 12.32 ? 80   GLN A O   1 
ATOM   669  C CB  . GLN A 1 80 ? 3.246   -17.661 -9.422  1.00 14.10 ? 80   GLN A CB  1 
ATOM   670  C CG  . GLN A 1 80 ? 3.065   -19.089 -8.975  1.00 15.60 ? 80   GLN A CG  1 
ATOM   671  C CD  . GLN A 1 80 ? 3.164   -20.050 -10.147 1.00 17.82 ? 80   GLN A CD  1 
ATOM   672  O OE1 . GLN A 1 80 ? 4.194   -20.113 -10.816 1.00 21.81 ? 80   GLN A OE1 1 
ATOM   673  N NE2 . GLN A 1 80 ? 2.069   -20.760 -10.429 1.00 23.46 ? 80   GLN A NE2 1 
ATOM   674  N N   . PRO A 1 81 ? 3.694   -17.250 -6.019  1.00 12.42 ? 81   PRO A N   1 
ATOM   675  C CA  . PRO A 1 81 ? 4.661   -17.521 -4.950  1.00 12.14 ? 81   PRO A CA  1 
ATOM   676  C C   . PRO A 1 81 ? 5.765   -18.509 -5.360  1.00 12.22 ? 81   PRO A C   1 
ATOM   677  O O   . PRO A 1 81 ? 5.491   -19.497 -6.043  1.00 12.66 ? 81   PRO A O   1 
ATOM   678  C CB  . PRO A 1 81 ? 3.790   -18.057 -3.812  1.00 12.63 ? 81   PRO A CB  1 
ATOM   679  C CG  . PRO A 1 81 ? 2.449   -17.414 -4.063  1.00 13.01 ? 81   PRO A CG  1 
ATOM   680  C CD  . PRO A 1 81 ? 2.311   -17.434 -5.527  1.00 12.45 ? 81   PRO A CD  1 
ATOM   681  N N   . LYS A 1 82 ? 7.004   -18.181 -4.989  1.00 12.08 ? 82   LYS A N   1 
ATOM   682  C CA  . LYS A 1 82 ? 8.183   -18.969 -5.354  1.00 12.28 ? 82   LYS A CA  1 
ATOM   683  C C   . LYS A 1 82 ? 8.841   -19.638 -4.143  1.00 12.50 ? 82   LYS A C   1 
ATOM   684  O O   . LYS A 1 82 ? 9.896   -20.264 -4.299  1.00 12.41 ? 82   LYS A O   1 
ATOM   685  C CB  A LYS A 1 82 ? 9.191   -18.121 -6.126  0.50 12.34 ? 82   LYS A CB  1 
ATOM   686  C CB  B LYS A 1 82 ? 9.252   -18.083 -6.028  0.50 13.04 ? 82   LYS A CB  1 
ATOM   687  C CG  A LYS A 1 82 ? 8.624   -17.582 -7.436  0.50 12.20 ? 82   LYS A CG  1 
ATOM   688  C CG  B LYS A 1 82 ? 8.810   -17.255 -7.254  0.50 14.10 ? 82   LYS A CG  1 
ATOM   689  C CD  A LYS A 1 82 ? 9.710   -16.945 -8.290  0.50 11.35 ? 82   LYS A CD  1 
ATOM   690  C CD  B LYS A 1 82 ? 8.913   -18.036 -8.556  0.50 16.78 ? 82   LYS A CD  1 
ATOM   691  C CE  A LYS A 1 82 ? 10.448  -17.962 -9.126  0.50 12.97 ? 82   LYS A CE  1 
ATOM   692  C CE  B LYS A 1 82 ? 9.074   -17.142 -9.794  0.50 16.61 ? 82   LYS A CE  1 
ATOM   693  N NZ  A LYS A 1 82 ? 11.642  -17.383 -9.803  0.50 15.42 ? 82   LYS A NZ  1 
ATOM   694  N NZ  B LYS A 1 82 ? 10.489  -16.899 -10.205 0.50 20.07 ? 82   LYS A NZ  1 
ATOM   695  N N   . GLY A 1 83 ? 8.260   -19.513 -2.955  1.00 12.81 ? 83   GLY A N   1 
ATOM   696  C CA  . GLY A 1 83 ? 8.807   -20.174 -1.769  1.00 13.48 ? 83   GLY A CA  1 
ATOM   697  C C   . GLY A 1 83 ? 9.997   -19.447 -1.170  1.00 14.26 ? 83   GLY A C   1 
ATOM   698  O O   . GLY A 1 83 ? 10.970  -20.061 -0.695  1.00 15.14 ? 83   GLY A O   1 
ATOM   699  N N   . GLU A 1 84 ? 9.916   -18.119 -1.163  1.00 14.35 ? 84   GLU A N   1 
ATOM   700  C CA  . GLU A 1 84 ? 10.934  -17.274 -0.538  1.00 15.09 ? 84   GLU A CA  1 
ATOM   701  C C   . GLU A 1 84 ? 11.071  -17.636 0.936   1.00 15.07 ? 84   GLU A C   1 
ATOM   702  O O   . GLU A 1 84 ? 10.083  -17.902 1.608   1.00 14.97 ? 84   GLU A O   1 
ATOM   703  C CB  . GLU A 1 84 ? 10.524  -15.804 -0.634  1.00 15.23 ? 84   GLU A CB  1 
ATOM   704  C CG  . GLU A 1 84 ? 10.319  -15.270 -2.048  1.00 16.28 ? 84   GLU A CG  1 
ATOM   705  C CD  . GLU A 1 84 ? 11.590  -15.190 -2.845  1.00 18.36 ? 84   GLU A CD  1 
ATOM   706  O OE1 . GLU A 1 84 ? 11.537  -15.268 -4.098  1.00 18.03 ? 84   GLU A OE1 1 
ATOM   707  O OE2 . GLU A 1 84 ? 12.672  -15.043 -2.226  1.00 22.69 ? 84   GLU A OE2 1 
ATOM   708  N N   . LYS A 1 85 ? 12.303  -17.618 1.427   1.00 16.44 ? 85   LYS A N   1 
ATOM   709  C CA  . LYS A 1 85 ? 12.579  -17.959 2.827   1.00 16.59 ? 85   LYS A CA  1 
ATOM   710  C C   . LYS A 1 85 ? 13.403  -16.834 3.431   1.00 15.51 ? 85   LYS A C   1 
ATOM   711  O O   . LYS A 1 85 ? 14.456  -16.474 2.907   1.00 16.76 ? 85   LYS A O   1 
ATOM   712  C CB  . LYS A 1 85 ? 13.327  -19.286 2.934   1.00 17.99 ? 85   LYS A CB  1 
ATOM   713  C CG  . LYS A 1 85 ? 13.665  -19.672 4.372   1.00 18.86 ? 85   LYS A CG  1 
ATOM   714  C CD  . LYS A 1 85 ? 14.365  -21.032 4.458   1.00 20.35 ? 85   LYS A CD  1 
ATOM   715  C CE  . LYS A 1 85 ? 14.782  -21.333 5.905   1.00 22.77 ? 85   LYS A CE  1 
ATOM   716  N NZ  . LYS A 1 85 ? 15.706  -22.521 6.037   1.00 25.75 ? 85   LYS A NZ  1 
ATOM   717  N N   . GLY A 1 86 ? 12.896  -16.273 4.522   1.00 14.80 ? 86   GLY A N   1 
ATOM   718  C CA  . GLY A 1 86 ? 13.494  -15.109 5.146   1.00 14.45 ? 86   GLY A CA  1 
ATOM   719  C C   . GLY A 1 86 ? 13.242  -13.868 4.319   1.00 13.88 ? 86   GLY A C   1 
ATOM   720  O O   . GLY A 1 86 ? 12.723  -13.943 3.203   1.00 13.10 ? 86   GLY A O   1 
ATOM   721  N N   . PHE A 1 87 ? 13.612  -12.729 4.885   1.00 13.08 ? 87   PHE A N   1 
ATOM   722  C CA  . PHE A 1 87 ? 13.508  -11.454 4.189   1.00 13.03 ? 87   PHE A CA  1 
ATOM   723  C C   . PHE A 1 87 ? 14.894  -10.843 4.146   1.00 13.19 ? 87   PHE A C   1 
ATOM   724  O O   . PHE A 1 87 ? 15.447  -10.507 5.191   1.00 14.37 ? 87   PHE A O   1 
ATOM   725  C CB  . PHE A 1 87 ? 12.508  -10.496 4.839   1.00 12.74 ? 87   PHE A CB  1 
ATOM   726  C CG  . PHE A 1 87 ? 12.089  -9.394  3.918   1.00 12.02 ? 87   PHE A CG  1 
ATOM   727  C CD1 . PHE A 1 87 ? 12.876  -8.266  3.769   1.00 11.20 ? 87   PHE A CD1 1 
ATOM   728  C CD2 . PHE A 1 87 ? 10.960  -9.513  3.134   1.00 12.77 ? 87   PHE A CD2 1 
ATOM   729  C CE1 . PHE A 1 87 ? 12.518  -7.264  2.906   1.00 11.98 ? 87   PHE A CE1 1 
ATOM   730  C CE2 . PHE A 1 87 ? 10.603  -8.520  2.261   1.00 12.01 ? 87   PHE A CE2 1 
ATOM   731  C CZ  . PHE A 1 87 ? 11.377  -7.401  2.138   1.00 13.14 ? 87   PHE A CZ  1 
ATOM   732  N N   . ARG A 1 88 ? 15.436  -10.707 2.940   1.00 12.72 ? 88   ARG A N   1 
ATOM   733  C CA  . ARG A 1 88 ? 16.845  -10.354 2.739   1.00 13.13 ? 88   ARG A CA  1 
ATOM   734  C C   . ARG A 1 88 ? 17.007  -9.006  2.066   1.00 12.30 ? 88   ARG A C   1 
ATOM   735  O O   . ARG A 1 88 ? 16.184  -8.608  1.234   1.00 12.55 ? 88   ARG A O   1 
ATOM   736  C CB  . ARG A 1 88 ? 17.521  -11.420 1.871   1.00 13.33 ? 88   ARG A CB  1 
ATOM   737  C CG  . ARG A 1 88 ? 17.461  -12.815 2.474   1.00 15.90 ? 88   ARG A CG  1 
ATOM   738  C CD  . ARG A 1 88 ? 17.796  -13.960 1.517   1.00 18.62 ? 88   ARG A CD  1 
ATOM   739  N NE  A ARG A 1 88 ? 17.005  -13.927 0.287   0.50 20.27 ? 88   ARG A NE  1 
ATOM   740  N NE  B ARG A 1 88 ? 17.113  -13.921 0.212   0.50 20.16 ? 88   ARG A NE  1 
ATOM   741  C CZ  A ARG A 1 88 ? 17.490  -13.856 -0.961  0.50 20.13 ? 88   ARG A CZ  1 
ATOM   742  C CZ  B ARG A 1 88 ? 15.793  -14.064 -0.045  0.50 19.80 ? 88   ARG A CZ  1 
ATOM   743  N NH1 A ARG A 1 88 ? 16.638  -13.836 -1.978  0.50 20.89 ? 88   ARG A NH1 1 
ATOM   744  N NH1 B ARG A 1 88 ? 15.400  -14.025 -1.312  0.50 20.35 ? 88   ARG A NH1 1 
ATOM   745  N NH2 A ARG A 1 88 ? 18.801  -13.817 -1.210  0.50 19.37 ? 88   ARG A NH2 1 
ATOM   746  N NH2 B ARG A 1 88 ? 14.869  -14.248 0.902   0.50 17.87 ? 88   ARG A NH2 1 
ATOM   747  N N   . ILE A 1 89 ? 18.084  -8.302  2.405   1.00 11.52 ? 89   ILE A N   1 
ATOM   748  C CA  . ILE A 1 89 ? 18.493  -7.123  1.648   1.00 11.67 ? 89   ILE A CA  1 
ATOM   749  C C   . ILE A 1 89 ? 19.502  -7.618  0.628   1.00 11.60 ? 89   ILE A C   1 
ATOM   750  O O   . ILE A 1 89 ? 20.536  -8.204  1.003   1.00 13.01 ? 89   ILE A O   1 
ATOM   751  C CB  . ILE A 1 89 ? 19.134  -6.022  2.541   1.00 11.41 ? 89   ILE A CB  1 
ATOM   752  C CG1 . ILE A 1 89 ? 18.191  -5.630  3.685   1.00 11.69 ? 89   ILE A CG1 1 
ATOM   753  C CG2 . ILE A 1 89 ? 19.517  -4.826  1.679   1.00 11.16 ? 89   ILE A CG2 1 
ATOM   754  C CD1 . ILE A 1 89 ? 18.853  -4.738  4.746   1.00 12.47 ? 89   ILE A CD1 1 
ATOM   755  N N   . VAL A 1 90 ? 19.195  -7.420  -0.643  1.00 11.05 ? 90   VAL A N   1 
ATOM   756  C CA  . VAL A 1 90 ? 19.943  -8.083  -1.725  1.00 11.22 ? 90   VAL A CA  1 
ATOM   757  C C   . VAL A 1 90 ? 20.612  -7.136  -2.695  1.00 11.95 ? 90   VAL A C   1 
ATOM   758  O O   . VAL A 1 90 ? 21.209  -7.569  -3.674  1.00 13.23 ? 90   VAL A O   1 
ATOM   759  C CB  . VAL A 1 90 ? 19.059  -9.100  -2.501  1.00 10.87 ? 90   VAL A CB  1 
ATOM   760  C CG1 . VAL A 1 90 ? 18.550  -10.153 -1.562  1.00 11.14 ? 90   VAL A CG1 1 
ATOM   761  C CG2 . VAL A 1 90 ? 17.900  -8.419  -3.220  1.00 10.98 ? 90   VAL A CG2 1 
ATOM   762  N N   . GLY A 1 91 ? 20.552  -5.847  -2.424  1.00 11.39 ? 91   GLY A N   1 
ATOM   763  C CA  . GLY A 1 91 ? 21.213  -4.881  -3.283  1.00 11.95 ? 91   GLY A CA  1 
ATOM   764  C C   . GLY A 1 91 ? 20.919  -3.453  -2.907  1.00 11.80 ? 91   GLY A C   1 
ATOM   765  O O   . GLY A 1 91 ? 21.489  -2.527  -3.483  1.00 13.99 ? 91   GLY A O   1 
ATOM   766  O OXT . GLY A 1 91 ? 20.097  -3.206  -2.027  1.00 12.58 ? 91   GLY A OXT 1 
ATOM   767  N N   . ALA B 1 2  ? -0.255  6.206   15.909  1.00 22.06 ? 2    ALA B N   1 
ATOM   768  C CA  . ALA B 1 2  ? -0.659  7.625   15.721  1.00 21.36 ? 2    ALA B CA  1 
ATOM   769  C C   . ALA B 1 2  ? -1.679  7.722   14.612  1.00 21.02 ? 2    ALA B C   1 
ATOM   770  O O   . ALA B 1 2  ? -1.781  6.818   13.777  1.00 21.16 ? 2    ALA B O   1 
ATOM   771  C CB  . ALA B 1 2  ? 0.527   8.483   15.390  1.00 21.95 ? 2    ALA B CB  1 
ATOM   772  N N   . ILE B 1 3  ? -2.426  8.818   14.609  1.00 19.92 ? 3    ILE B N   1 
ATOM   773  C CA  . ILE B 1 3  ? -3.392  9.096   13.550  1.00 19.28 ? 3    ILE B CA  1 
ATOM   774  C C   . ILE B 1 3  ? -2.670  9.671   12.353  1.00 18.79 ? 3    ILE B C   1 
ATOM   775  O O   . ILE B 1 3  ? -1.869  10.597  12.478  1.00 18.79 ? 3    ILE B O   1 
ATOM   776  C CB  . ILE B 1 3  ? -4.475  10.094  14.027  1.00 19.92 ? 3    ILE B CB  1 
ATOM   777  C CG1 . ILE B 1 3  ? -5.222  9.534   15.237  1.00 21.18 ? 3    ILE B CG1 1 
ATOM   778  C CG2 . ILE B 1 3  ? -5.445  10.430  12.888  1.00 20.06 ? 3    ILE B CG2 1 
ATOM   779  C CD1 . ILE B 1 3  ? -5.865  8.196   15.016  1.00 22.74 ? 3    ILE B CD1 1 
ATOM   780  N N   . VAL B 1 4  ? -2.973  9.129   11.178  1.00 17.00 ? 4    VAL B N   1 
ATOM   781  C CA  . VAL B 1 4  ? -2.396  9.608   9.938   1.00 16.42 ? 4    VAL B CA  1 
ATOM   782  C C   . VAL B 1 4  ? -3.495  9.812   8.911   1.00 15.02 ? 4    VAL B C   1 
ATOM   783  O O   . VAL B 1 4  ? -4.608  9.320   9.094   1.00 14.99 ? 4    VAL B O   1 
ATOM   784  C CB  . VAL B 1 4  ? -1.343  8.626   9.389   1.00 16.39 ? 4    VAL B CB  1 
ATOM   785  C CG1 . VAL B 1 4  ? -0.197  8.487   10.382  1.00 16.80 ? 4    VAL B CG1 1 
ATOM   786  C CG2 . VAL B 1 4  ? -1.958  7.250   9.076   1.00 16.78 ? 4    VAL B CG2 1 
ATOM   787  N N   . ARG B 1 5  ? -3.171  10.544  7.854   1.00 14.17 ? 5    ARG B N   1 
ATOM   788  C CA  . ARG B 1 5  ? -4.104  10.824  6.778   1.00 14.47 ? 5    ARG B CA  1 
ATOM   789  C C   . ARG B 1 5  ? -3.368  10.648  5.456   1.00 14.27 ? 5    ARG B C   1 
ATOM   790  O O   . ARG B 1 5  ? -2.391  11.356  5.189   1.00 14.47 ? 5    ARG B O   1 
ATOM   791  C CB  . ARG B 1 5  ? -4.655  12.244  6.916   1.00 14.48 ? 5    ARG B CB  1 
ATOM   792  C CG  . ARG B 1 5  ? -5.557  12.683  5.788   1.00 14.27 ? 5    ARG B CG  1 
ATOM   793  C CD  . ARG B 1 5  ? -5.943  14.146  5.936   1.00 15.19 ? 5    ARG B CD  1 
ATOM   794  N NE  . ARG B 1 5  ? -6.702  14.648  4.810   1.00 15.34 ? 5    ARG B NE  1 
ATOM   795  C CZ  . ARG B 1 5  ? -8.032  14.719  4.781   1.00 15.13 ? 5    ARG B CZ  1 
ATOM   796  N NH1 . ARG B 1 5  ? -8.751  14.297  5.806   1.00 15.21 ? 5    ARG B NH1 1 
ATOM   797  N NH2 . ARG B 1 5  ? -8.636  15.204  3.706   1.00 16.78 ? 5    ARG B NH2 1 
ATOM   798  N N   . ALA B 1 6  ? -3.831  9.689   4.641   1.00 14.04 ? 6    ALA B N   1 
ATOM   799  C CA  . ALA B 1 6  ? -3.263  9.421   3.334   1.00 13.98 ? 6    ALA B CA  1 
ATOM   800  C C   . ALA B 1 6  ? -4.262  9.833   2.271   1.00 14.06 ? 6    ALA B C   1 
ATOM   801  O O   . ALA B 1 6  ? -5.434  9.457   2.336   1.00 14.51 ? 6    ALA B O   1 
ATOM   802  C CB  . ALA B 1 6  ? -2.932  7.946   3.184   1.00 14.08 ? 6    ALA B CB  1 
ATOM   803  N N   . HIS B 1 7  ? -3.794  10.599  1.301   1.00 13.71 ? 7    HIS B N   1 
ATOM   804  C CA  . HIS B 1 7  ? -4.573  11.002  0.146   1.00 13.68 ? 7    HIS B CA  1 
ATOM   805  C C   . HIS B 1 7  ? -4.011  10.225  -1.033  1.00 13.15 ? 7    HIS B C   1 
ATOM   806  O O   . HIS B 1 7  ? -2.837  10.372  -1.381  1.00 13.23 ? 7    HIS B O   1 
ATOM   807  C CB  . HIS B 1 7  ? -4.403  12.510  -0.057  1.00 14.09 ? 7    HIS B CB  1 
ATOM   808  C CG  . HIS B 1 7  ? -5.349  13.120  -1.036  1.00 16.01 ? 7    HIS B CG  1 
ATOM   809  N ND1 . HIS B 1 7  ? -5.509  14.488  -1.135  1.00 18.08 ? 7    HIS B ND1 1 
ATOM   810  C CD2 . HIS B 1 7  ? -6.208  12.576  -1.927  1.00 17.70 ? 7    HIS B CD2 1 
ATOM   811  C CE1 . HIS B 1 7  ? -6.402  14.756  -2.072  1.00 19.09 ? 7    HIS B CE1 1 
ATOM   812  N NE2 . HIS B 1 7  ? -6.836  13.612  -2.575  1.00 19.05 ? 7    HIS B NE2 1 
ATOM   813  N N   . LEU B 1 8  ? -4.848  9.382   -1.636  1.00 12.07 ? 8    LEU B N   1 
ATOM   814  C CA  . LEU B 1 8  ? -4.425  8.454   -2.686  1.00 11.86 ? 8    LEU B CA  1 
ATOM   815  C C   . LEU B 1 8  ? -5.046  8.791   -4.029  1.00 11.84 ? 8    LEU B C   1 
ATOM   816  O O   . LEU B 1 8  ? -6.191  9.249   -4.100  1.00 12.26 ? 8    LEU B O   1 
ATOM   817  C CB  . LEU B 1 8  ? -4.848  7.024   -2.349  1.00 11.84 ? 8    LEU B CB  1 
ATOM   818  C CG  . LEU B 1 8  ? -4.425  6.446   -1.003  1.00 11.88 ? 8    LEU B CG  1 
ATOM   819  C CD1 . LEU B 1 8  ? -4.918  5.011   -0.888  1.00 12.77 ? 8    LEU B CD1 1 
ATOM   820  C CD2 . LEU B 1 8  ? -2.919  6.505   -0.830  1.00 12.32 ? 8    LEU B CD2 1 
ATOM   821  N N   . LYS B 1 9  ? -4.287  8.547   -5.089  1.00 11.82 ? 9    LYS B N   1 
ATOM   822  C CA  . LYS B 1 9  ? -4.804  8.459   -6.455  1.00 12.23 ? 9    LYS B CA  1 
ATOM   823  C C   . LYS B 1 9  ? -4.410  7.088   -6.972  1.00 11.76 ? 9    LYS B C   1 
ATOM   824  O O   . LYS B 1 9  ? -3.234  6.708   -6.926  1.00 11.81 ? 9    LYS B O   1 
ATOM   825  C CB  A LYS B 1 9  ? -4.300  9.601   -7.341  0.50 13.23 ? 9    LYS B CB  1 
ATOM   826  C CB  B LYS B 1 9  ? -4.201  9.546   -7.349  0.50 13.40 ? 9    LYS B CB  1 
ATOM   827  C CG  A LYS B 1 9  ? -5.030  10.904  -7.036  0.50 14.53 ? 9    LYS B CG  1 
ATOM   828  C CG  B LYS B 1 9  ? -4.519  10.957  -6.896  0.50 15.01 ? 9    LYS B CG  1 
ATOM   829  C CD  A LYS B 1 9  ? -4.489  12.090  -7.835  0.50 14.91 ? 9    LYS B CD  1 
ATOM   830  C CD  B LYS B 1 9  ? -5.972  11.316  -7.206  0.50 16.91 ? 9    LYS B CD  1 
ATOM   831  C CE  A LYS B 1 9  ? -4.716  13.413  -7.103  0.50 17.25 ? 9    LYS B CE  1 
ATOM   832  C CE  B LYS B 1 9  ? -6.249  12.801  -7.007  0.50 17.97 ? 9    LYS B CE  1 
ATOM   833  N NZ  A LYS B 1 9  ? -3.922  13.515  -5.843  0.50 20.76 ? 9    LYS B NZ  1 
ATOM   834  N NZ  B LYS B 1 9  ? -5.541  13.640  -8.001  0.50 20.33 ? 9    LYS B NZ  1 
ATOM   835  N N   . ILE B 1 10 ? -5.408  6.335   -7.427  1.00 11.48 ? 10   ILE B N   1 
ATOM   836  C CA  . ILE B 1 10 ? -5.286  4.900   -7.704  1.00 11.09 ? 10   ILE B CA  1 
ATOM   837  C C   . ILE B 1 10 ? -5.614  4.672   -9.171  1.00 11.09 ? 10   ILE B C   1 
ATOM   838  O O   . ILE B 1 10 ? -6.664  5.108   -9.645  1.00 11.16 ? 10   ILE B O   1 
ATOM   839  C CB  . ILE B 1 10 ? -6.280  4.095   -6.820  1.00 11.30 ? 10   ILE B CB  1 
ATOM   840  C CG1 . ILE B 1 10 ? -6.048  4.402   -5.336  1.00 11.63 ? 10   ILE B CG1 1 
ATOM   841  C CG2 . ILE B 1 10 ? -6.145  2.591   -7.086  1.00 11.19 ? 10   ILE B CG2 1 
ATOM   842  C CD1 . ILE B 1 10 ? -7.098  3.839   -4.405  1.00 12.19 ? 10   ILE B CD1 1 
ATOM   843  N N   . TYR B 1 11 ? -4.712  4.018   -9.894  1.00 10.80 ? 11   TYR B N   1 
ATOM   844  C CA  . TYR B 1 11 ? -4.814  3.865   -11.339 1.00 11.03 ? 11   TYR B CA  1 
ATOM   845  C C   . TYR B 1 11 ? -4.848  2.404   -11.757 1.00 11.07 ? 11   TYR B C   1 
ATOM   846  O O   . TYR B 1 11 ? -4.335  1.538   -11.065 1.00 11.04 ? 11   TYR B O   1 
ATOM   847  C CB  . TYR B 1 11 ? -3.624  4.532   -12.034 1.00 12.93 ? 11   TYR B CB  1 
ATOM   848  C CG  . TYR B 1 11 ? -3.505  5.998   -11.738 1.00 14.17 ? 11   TYR B CG  1 
ATOM   849  C CD1 . TYR B 1 11 ? -2.852  6.437   -10.594 1.00 14.86 ? 11   TYR B CD1 1 
ATOM   850  C CD2 . TYR B 1 11 ? -4.062  6.948   -12.589 1.00 15.66 ? 11   TYR B CD2 1 
ATOM   851  C CE1 . TYR B 1 11 ? -2.758  7.787   -10.295 1.00 16.67 ? 11   TYR B CE1 1 
ATOM   852  C CE2 . TYR B 1 11 ? -3.969  8.314   -12.298 1.00 17.33 ? 11   TYR B CE2 1 
ATOM   853  C CZ  . TYR B 1 11 ? -3.320  8.714   -11.148 1.00 16.52 ? 11   TYR B CZ  1 
ATOM   854  O OH  . TYR B 1 11 ? -3.220  10.059  -10.850 1.00 20.45 ? 11   TYR B OH  1 
ATOM   855  N N   . GLY B 1 12 ? -5.433  2.165   -12.926 1.00 10.62 ? 12   GLY B N   1 
ATOM   856  C CA  . GLY B 1 12 ? -5.459  0.850   -13.544 1.00 10.79 ? 12   GLY B CA  1 
ATOM   857  C C   . GLY B 1 12 ? -6.862  0.512   -13.985 1.00 11.13 ? 12   GLY B C   1 
ATOM   858  O O   . GLY B 1 12 ? -7.616  1.419   -14.360 1.00 11.97 ? 12   GLY B O   1 
ATOM   859  N N   . ARG B 1 13 ? -7.223  -0.772  -13.969 1.00 10.78 ? 13   ARG B N   1 
ATOM   860  C CA  . ARG B 1 13 ? -8.629  -1.138  -14.134 1.00 10.46 ? 13   ARG B CA  1 
ATOM   861  C C   . ARG B 1 13 ? -9.250  -1.042  -12.746 1.00 10.12 ? 13   ARG B C   1 
ATOM   862  O O   . ARG B 1 13 ? -9.240  -1.994  -11.970 1.00 10.41 ? 13   ARG B O   1 
ATOM   863  C CB  . ARG B 1 13 ? -8.820  -2.526  -14.746 1.00 10.01 ? 13   ARG B CB  1 
ATOM   864  C CG  . ARG B 1 13 ? -10.303 -2.812  -15.015 1.00 11.07 ? 13   ARG B CG  1 
ATOM   865  C CD  . ARG B 1 13 ? -10.598 -4.221  -15.488 1.00 11.31 ? 13   ARG B CD  1 
ATOM   866  N NE  . ARG B 1 13 ? -12.044 -4.409  -15.629 1.00 11.19 ? 13   ARG B NE  1 
ATOM   867  C CZ  . ARG B 1 13 ? -12.631 -5.570  -15.884 1.00 12.03 ? 13   ARG B CZ  1 
ATOM   868  N NH1 . ARG B 1 13 ? -11.913 -6.673  -16.062 1.00 13.49 ? 13   ARG B NH1 1 
ATOM   869  N NH2 . ARG B 1 13 ? -13.958 -5.612  -15.950 1.00 13.02 ? 13   ARG B NH2 1 
ATOM   870  N N   . VAL B 1 14 ? -9.779  0.137   -12.440 1.00 10.29 ? 14   VAL B N   1 
ATOM   871  C CA  . VAL B 1 14 ? -10.227 0.483   -11.092 1.00 10.73 ? 14   VAL B CA  1 
ATOM   872  C C   . VAL B 1 14 ? -11.626 1.076   -11.024 1.00 10.75 ? 14   VAL B C   1 
ATOM   873  O O   . VAL B 1 14 ? -12.090 1.407   -9.933  1.00 11.59 ? 14   VAL B O   1 
ATOM   874  C CB  . VAL B 1 14 ? -9.216  1.447   -10.395 1.00 10.72 ? 14   VAL B CB  1 
ATOM   875  C CG1 . VAL B 1 14 ? -7.856  0.753   -10.218 1.00 11.43 ? 14   VAL B CG1 1 
ATOM   876  C CG2 . VAL B 1 14 ? -9.045  2.719   -11.176 1.00 11.87 ? 14   VAL B CG2 1 
ATOM   877  N N   . GLN B 1 15 ? -12.289 1.201   -12.175 1.00 11.12 ? 15   GLN B N   1 
ATOM   878  C CA  . GLN B 1 15 ? -13.709 1.586   -12.243 1.00 11.64 ? 15   GLN B CA  1 
ATOM   879  C C   . GLN B 1 15 ? -14.505 0.443   -12.868 1.00 11.92 ? 15   GLN B C   1 
ATOM   880  O O   . GLN B 1 15 ? -13.970 -0.360  -13.651 1.00 12.45 ? 15   GLN B O   1 
ATOM   881  C CB  . GLN B 1 15 ? -13.906 2.891   -13.029 1.00 12.08 ? 15   GLN B CB  1 
ATOM   882  C CG  . GLN B 1 15 ? -13.170 4.052   -12.396 1.00 12.19 ? 15   GLN B CG  1 
ATOM   883  C CD  . GLN B 1 15 ? -13.507 5.415   -13.024 1.00 13.55 ? 15   GLN B CD  1 
ATOM   884  O OE1 . GLN B 1 15 ? -14.300 5.491   -13.967 1.00 18.40 ? 15   GLN B OE1 1 
ATOM   885  N NE2 . GLN B 1 15 ? -12.917 6.482   -12.496 1.00 14.02 ? 15   GLN B NE2 1 
ATOM   886  N N   . GLY B 1 16 ? -15.774 0.357   -12.493 1.00 12.07 ? 16   GLY B N   1 
ATOM   887  C CA  . GLY B 1 16 ? -16.644 -0.708  -12.986 1.00 12.30 ? 16   GLY B CA  1 
ATOM   888  C C   . GLY B 1 16 ? -16.343 -2.093  -12.450 1.00 12.98 ? 16   GLY B C   1 
ATOM   889  O O   . GLY B 1 16 ? -16.794 -3.103  -13.007 1.00 14.75 ? 16   GLY B O   1 
ATOM   890  N N   . VAL B 1 17 ? -15.620 -2.152  -11.331 1.00 11.84 ? 17   VAL B N   1 
ATOM   891  C CA  . VAL B 1 17 ? -15.212 -3.427  -10.734 1.00 11.69 ? 17   VAL B CA  1 
ATOM   892  C C   . VAL B 1 17 ? -15.587 -3.567  -9.259  1.00 11.12 ? 17   VAL B C   1 
ATOM   893  O O   . VAL B 1 17 ? -15.093 -4.465  -8.573  1.00 11.00 ? 17   VAL B O   1 
ATOM   894  C CB  . VAL B 1 17 ? -13.683 -3.671  -10.913 1.00 11.38 ? 17   VAL B CB  1 
ATOM   895  C CG1 . VAL B 1 17 ? -13.347 -3.827  -12.395 1.00 13.16 ? 17   VAL B CG1 1 
ATOM   896  C CG2 . VAL B 1 17 ? -12.865 -2.565  -10.261 1.00 12.00 ? 17   VAL B CG2 1 
ATOM   897  N N   . GLY B 1 18 ? -16.457 -2.687  -8.755  1.00 10.92 ? 18   GLY B N   1 
ATOM   898  C CA  . GLY B 1 18 ? -16.825 -2.712  -7.348  1.00 11.14 ? 18   GLY B CA  1 
ATOM   899  C C   . GLY B 1 18 ? -15.744 -2.181  -6.421  1.00 10.73 ? 18   GLY B C   1 
ATOM   900  O O   . GLY B 1 18 ? -15.728 -2.488  -5.245  1.00 10.72 ? 18   GLY B O   1 
ATOM   901  N N   . PHE B 1 19 ? -14.845 -1.365  -6.957  1.00 11.19 ? 19   PHE B N   1 
ATOM   902  C CA  . PHE B 1 19 ? -13.727 -0.871  -6.157  1.00 10.66 ? 19   PHE B CA  1 
ATOM   903  C C   . PHE B 1 19 ? -14.174 0.035   -5.009  1.00 10.85 ? 19   PHE B C   1 
ATOM   904  O O   . PHE B 1 19 ? -13.650 -0.062  -3.908  1.00 10.87 ? 19   PHE B O   1 
ATOM   905  C CB  . PHE B 1 19 ? -12.727 -0.120  -7.055  1.00 11.17 ? 19   PHE B CB  1 
ATOM   906  C CG  . PHE B 1 19 ? -11.353 0.005   -6.462  1.00 11.19 ? 19   PHE B CG  1 
ATOM   907  C CD1 . PHE B 1 19 ? -11.081 0.948   -5.493  1.00 13.93 ? 19   PHE B CD1 1 
ATOM   908  C CD2 . PHE B 1 19 ? -10.344 -0.850  -6.869  1.00 14.28 ? 19   PHE B CD2 1 
ATOM   909  C CE1 . PHE B 1 19 ? -9.818  1.023   -4.928  1.00 14.93 ? 19   PHE B CE1 1 
ATOM   910  C CE2 . PHE B 1 19 ? -9.067  -0.765  -6.293  1.00 14.44 ? 19   PHE B CE2 1 
ATOM   911  C CZ  . PHE B 1 19 ? -8.830  0.148   -5.342  1.00 13.79 ? 19   PHE B CZ  1 
ATOM   912  N N   . ARG B 1 20 ? -15.124 0.925   -5.279  1.00 10.92 ? 20   ARG B N   1 
ATOM   913  C CA  . ARG B 1 20 ? -15.586 1.838   -4.238  1.00 10.85 ? 20   ARG B CA  1 
ATOM   914  C C   . ARG B 1 20 ? -16.368 1.091   -3.171  1.00 10.97 ? 20   ARG B C   1 
ATOM   915  O O   . ARG B 1 20 ? -16.159 1.298   -1.985  1.00 10.86 ? 20   ARG B O   1 
ATOM   916  C CB  . ARG B 1 20 ? -16.424 2.970   -4.818  1.00 11.23 ? 20   ARG B CB  1 
ATOM   917  C CG  . ARG B 1 20 ? -15.695 3.828   -5.833  1.00 11.96 ? 20   ARG B CG  1 
ATOM   918  C CD  . ARG B 1 20 ? -16.614 4.819   -6.529  1.00 13.06 ? 20   ARG B CD  1 
ATOM   919  N NE  . ARG B 1 20 ? -17.558 4.114   -7.382  1.00 14.24 ? 20   ARG B NE  1 
ATOM   920  C CZ  . ARG B 1 20 ? -18.638 4.659   -7.922  1.00 16.88 ? 20   ARG B CZ  1 
ATOM   921  N NH1 . ARG B 1 20 ? -19.430 3.925   -8.689  1.00 17.59 ? 20   ARG B NH1 1 
ATOM   922  N NH2 . ARG B 1 20 ? -18.916 5.936   -7.728  1.00 18.61 ? 20   ARG B NH2 1 
ATOM   923  N N   . TRP B 1 21 ? -17.264 0.200   -3.593  1.00 11.07 ? 21   TRP B N   1 
ATOM   924  C CA  . TRP B 1 21 ? -18.014 -0.587  -2.610  1.00 11.61 ? 21   TRP B CA  1 
ATOM   925  C C   . TRP B 1 21 ? -17.080 -1.445  -1.760  1.00 12.03 ? 21   TRP B C   1 
ATOM   926  O O   . TRP B 1 21 ? -17.234 -1.532  -0.543  1.00 11.64 ? 21   TRP B O   1 
ATOM   927  C CB  . TRP B 1 21 ? -19.065 -1.470  -3.298  1.00 12.27 ? 21   TRP B CB  1 
ATOM   928  C CG  . TRP B 1 21 ? -20.008 -0.684  -4.170  1.00 12.45 ? 21   TRP B CG  1 
ATOM   929  C CD1 . TRP B 1 21 ? -20.482 0.567   -3.934  1.00 12.98 ? 21   TRP B CD1 1 
ATOM   930  C CD2 . TRP B 1 21 ? -20.564 -1.090  -5.422  1.00 12.74 ? 21   TRP B CD2 1 
ATOM   931  N NE1 . TRP B 1 21 ? -21.304 0.968   -4.956  1.00 13.96 ? 21   TRP B NE1 1 
ATOM   932  C CE2 . TRP B 1 21 ? -21.356 -0.028  -5.893  1.00 12.58 ? 21   TRP B CE2 1 
ATOM   933  C CE3 . TRP B 1 21 ? -20.462 -2.243  -6.202  1.00 14.04 ? 21   TRP B CE3 1 
ATOM   934  C CZ2 . TRP B 1 21 ? -22.057 -0.097  -7.104  1.00 13.91 ? 21   TRP B CZ2 1 
ATOM   935  C CZ3 . TRP B 1 21 ? -21.166 -2.305  -7.402  1.00 13.77 ? 21   TRP B CZ3 1 
ATOM   936  C CH2 . TRP B 1 21 ? -21.949 -1.243  -7.827  1.00 13.64 ? 21   TRP B CH2 1 
ATOM   937  N N   . SER B 1 22 ? -16.100 -2.088  -2.392  1.00 11.41 ? 22   SER B N   1 
ATOM   938  C CA  . SER B 1 22 ? -15.183 -2.950  -1.648  1.00 11.70 ? 22   SER B CA  1 
ATOM   939  C C   . SER B 1 22 ? -14.249 -2.137  -0.748  1.00 11.79 ? 22   SER B C   1 
ATOM   940  O O   . SER B 1 22 ? -13.981 -2.532  0.388   1.00 11.94 ? 22   SER B O   1 
ATOM   941  C CB  A SER B 1 22 ? -14.354 -3.802  -2.612  0.50 11.98 ? 22   SER B CB  1 
ATOM   942  C CB  B SER B 1 22 ? -14.398 -3.902  -2.560  0.50 12.05 ? 22   SER B CB  1 
ATOM   943  O OG  A SER B 1 22 ? -15.201 -4.629  -3.387  0.50 13.23 ? 22   SER B OG  1 
ATOM   944  O OG  B SER B 1 22 ? -13.685 -3.209  -3.547  0.50 12.82 ? 22   SER B OG  1 
ATOM   945  N N   . MET B 1 23 ? -13.771 -0.999  -1.233  1.00 11.15 ? 23   MET B N   1 
ATOM   946  C CA  . MET B 1 23 ? -12.922 -0.155  -0.374  1.00 11.64 ? 23   MET B CA  1 
ATOM   947  C C   . MET B 1 23 ? -13.686 0.311   0.859   1.00 11.40 ? 23   MET B C   1 
ATOM   948  O O   . MET B 1 23 ? -13.148 0.331   1.961   1.00 11.37 ? 23   MET B O   1 
ATOM   949  C CB  . MET B 1 23 ? -12.367 1.045   -1.121  1.00 11.73 ? 23   MET B CB  1 
ATOM   950  C CG  . MET B 1 23 ? -11.419 1.843   -0.250  1.00 12.01 ? 23   MET B CG  1 
ATOM   951  S SD  . MET B 1 23 ? -10.617 3.208   -1.095  1.00 15.29 ? 23   MET B SD  1 
ATOM   952  C CE  . MET B 1 23 ? -8.976  2.529   -1.357  1.00 20.59 ? 23   MET B CE  1 
ATOM   953  N N   . GLN B 1 24 ? -14.945 0.698   0.663   1.00 11.19 ? 24   GLN B N   1 
ATOM   954  C CA  . GLN B 1 24 ? -15.818 1.109   1.771   1.00 12.09 ? 24   GLN B CA  1 
ATOM   955  C C   . GLN B 1 24 ? -16.024 -0.026  2.767   1.00 12.23 ? 24   GLN B C   1 
ATOM   956  O O   . GLN B 1 24 ? -15.966 0.178   3.973   1.00 11.89 ? 24   GLN B O   1 
ATOM   957  C CB  . GLN B 1 24 ? -17.148 1.573   1.204   1.00 12.21 ? 24   GLN B CB  1 
ATOM   958  C CG  . GLN B 1 24 ? -18.182 1.922   2.248   1.00 12.76 ? 24   GLN B CG  1 
ATOM   959  C CD  . GLN B 1 24 ? -19.428 2.470   1.610   1.00 13.12 ? 24   GLN B CD  1 
ATOM   960  O OE1 . GLN B 1 24 ? -19.651 3.668   1.624   1.00 15.44 ? 24   GLN B OE1 1 
ATOM   961  N NE2 . GLN B 1 24 ? -20.207 1.598   0.979   1.00 14.26 ? 24   GLN B NE2 1 
ATOM   962  N N   . ARG B 1 25 ? -16.259 -1.228  2.266   1.00 12.86 ? 25   ARG B N   1 
ATOM   963  C CA  . ARG B 1 25 ? -16.415 -2.394  3.137   1.00 13.79 ? 25   ARG B CA  1 
ATOM   964  C C   . ARG B 1 25 ? -15.162 -2.611  3.974   1.00 13.73 ? 25   ARG B C   1 
ATOM   965  O O   . ARG B 1 25 ? -15.242 -2.812  5.181   1.00 13.74 ? 25   ARG B O   1 
ATOM   966  C CB  . ARG B 1 25 ? -16.701 -3.646  2.288   1.00 14.20 ? 25   ARG B CB  1 
ATOM   967  C CG  . ARG B 1 25 ? -16.757 -4.988  3.035   1.00 15.71 ? 25   ARG B CG  1 
ATOM   968  C CD  . ARG B 1 25 ? -16.608 -6.202  2.119   1.00 18.60 ? 25   ARG B CD  1 
ATOM   969  N NE  . ARG B 1 25 ? -15.257 -6.338  1.565   1.00 21.97 ? 25   ARG B NE  1 
ATOM   970  C CZ  . ARG B 1 25 ? -14.948 -6.434  0.267   1.00 24.58 ? 25   ARG B CZ  1 
ATOM   971  N NH1 . ARG B 1 25 ? -15.889 -6.427  -0.678  1.00 26.23 ? 25   ARG B NH1 1 
ATOM   972  N NH2 . ARG B 1 25 ? -13.675 -6.546  -0.097  1.00 25.33 ? 25   ARG B NH2 1 
ATOM   973  N N   . GLU B 1 26 ? -13.995 -2.575  3.334   1.00 13.07 ? 26   GLU B N   1 
ATOM   974  C CA  . GLU B 1 26 ? -12.749 -2.834  4.053   1.00 13.22 ? 26   GLU B CA  1 
ATOM   975  C C   . GLU B 1 26 ? -12.438 -1.717  5.050   1.00 13.27 ? 26   GLU B C   1 
ATOM   976  O O   . GLU B 1 26 ? -11.983 -1.980  6.164   1.00 13.74 ? 26   GLU B O   1 
ATOM   977  C CB  A GLU B 1 26 ? -11.592 -2.978  3.057   0.50 13.08 ? 26   GLU B CB  1 
ATOM   978  C CB  B GLU B 1 26 ? -11.569 -3.048  3.094   0.50 12.76 ? 26   GLU B CB  1 
ATOM   979  C CG  A GLU B 1 26 ? -10.443 -3.813  3.576   0.50 14.47 ? 26   GLU B CG  1 
ATOM   980  C CG  B GLU B 1 26 ? -11.712 -4.256  2.178   0.50 12.85 ? 26   GLU B CG  1 
ATOM   981  C CD  A GLU B 1 26 ? -10.791 -5.283  3.663   0.50 16.57 ? 26   GLU B CD  1 
ATOM   982  C CD  B GLU B 1 26 ? -11.798 -5.591  2.905   0.50 14.95 ? 26   GLU B CD  1 
ATOM   983  O OE1 A GLU B 1 26 ? -11.793 -5.706  3.050   0.50 19.62 ? 26   GLU B OE1 1 
ATOM   984  O OE1 B GLU B 1 26 ? -11.491 -5.676  4.114   0.50 15.53 ? 26   GLU B OE1 1 
ATOM   985  O OE2 A GLU B 1 26 ? -10.067 -6.008  4.357   0.50 20.30 ? 26   GLU B OE2 1 
ATOM   986  O OE2 B GLU B 1 26 ? -12.176 -6.584  2.251   0.50 15.77 ? 26   GLU B OE2 1 
ATOM   987  N N   . ALA B 1 27 ? -12.686 -0.475  4.647   1.00 12.68 ? 27   ALA B N   1 
ATOM   988  C CA  . ALA B 1 27 ? -12.507 0.671   5.544   1.00 13.62 ? 27   ALA B CA  1 
ATOM   989  C C   . ALA B 1 27 ? -13.350 0.522   6.798   1.00 14.55 ? 27   ALA B C   1 
ATOM   990  O O   . ALA B 1 27 ? -12.874 0.734   7.908   1.00 14.80 ? 27   ALA B O   1 
ATOM   991  C CB  . ALA B 1 27 ? -12.851 1.966   4.820   1.00 13.32 ? 27   ALA B CB  1 
ATOM   992  N N   . ARG B 1 28 ? -14.616 0.160   6.631   1.00 15.00 ? 28   ARG B N   1 
ATOM   993  C CA  . ARG B 1 28 ? -15.486 0.011   7.789   1.00 15.74 ? 28   ARG B CA  1 
ATOM   994  C C   . ARG B 1 28 ? -15.087 -1.177  8.672   1.00 16.69 ? 28   ARG B C   1 
ATOM   995  O O   . ARG B 1 28 ? -15.176 -1.093  9.904   1.00 17.70 ? 28   ARG B O   1 
ATOM   996  C CB  . ARG B 1 28 ? -16.939 -0.085  7.333   1.00 15.64 ? 28   ARG B CB  1 
ATOM   997  C CG  . ARG B 1 28 ? -17.452 1.215   6.778   1.00 15.33 ? 28   ARG B CG  1 
ATOM   998  C CD  . ARG B 1 28 ? -18.845 1.136   6.172   1.00 16.33 ? 28   ARG B CD  1 
ATOM   999  N NE  . ARG B 1 28 ? -19.322 2.444   5.756   1.00 15.42 ? 28   ARG B NE  1 
ATOM   1000 C CZ  . ARG B 1 28 ? -20.371 2.655   4.970   1.00 15.99 ? 28   ARG B CZ  1 
ATOM   1001 N NH1 . ARG B 1 28 ? -21.049 1.629   4.474   1.00 17.62 ? 28   ARG B NH1 1 
ATOM   1002 N NH2 . ARG B 1 28 ? -20.723 3.882   4.656   1.00 16.34 ? 28   ARG B NH2 1 
ATOM   1003 N N   . LYS B 1 29 ? -14.627 -2.264  8.061   1.00 17.13 ? 29   LYS B N   1 
ATOM   1004 C CA  . LYS B 1 29 ? -14.070 -3.401  8.806   1.00 17.59 ? 29   LYS B CA  1 
ATOM   1005 C C   . LYS B 1 29 ? -12.880 -2.962  9.670   1.00 17.67 ? 29   LYS B C   1 
ATOM   1006 O O   . LYS B 1 29 ? -12.767 -3.340  10.845  1.00 18.79 ? 29   LYS B O   1 
ATOM   1007 C CB  . LYS B 1 29 ? -13.617 -4.503  7.839   1.00 17.94 ? 29   LYS B CB  1 
ATOM   1008 C CG  . LYS B 1 29 ? -12.934 -5.709  8.505   1.00 19.37 ? 29   LYS B CG  1 
ATOM   1009 C CD  . LYS B 1 29 ? -12.434 -6.709  7.475   1.00 20.52 ? 29   LYS B CD  1 
ATOM   1010 C CE  . LYS B 1 29 ? -11.486 -7.734  8.103   1.00 23.87 ? 29   LYS B CE  1 
ATOM   1011 N NZ  . LYS B 1 29 ? -11.119 -8.825  7.149   1.00 26.37 ? 29   LYS B NZ  1 
ATOM   1012 N N   . LEU B 1 30 ? -11.997 -2.163  9.077   1.00 17.48 ? 30   LEU B N   1 
ATOM   1013 C CA  . LEU B 1 30 ? -10.740 -1.760  9.726   1.00 17.44 ? 30   LEU B CA  1 
ATOM   1014 C C   . LEU B 1 30 ? -10.868 -0.538  10.632  1.00 17.53 ? 30   LEU B C   1 
ATOM   1015 O O   . LEU B 1 30 ? -9.952  -0.257  11.405  1.00 18.73 ? 30   LEU B O   1 
ATOM   1016 C CB  . LEU B 1 30 ? -9.687  -1.472  8.652   1.00 17.04 ? 30   LEU B CB  1 
ATOM   1017 C CG  . LEU B 1 30 ? -9.199  -2.653  7.822   1.00 17.47 ? 30   LEU B CG  1 
ATOM   1018 C CD1 . LEU B 1 30 ? -8.465  -2.158  6.582   1.00 17.50 ? 30   LEU B CD1 1 
ATOM   1019 C CD2 . LEU B 1 30 ? -8.301  -3.544  8.648   1.00 18.11 ? 30   LEU B CD2 1 
ATOM   1020 N N   . GLY B 1 31 ? -11.976 0.191   10.547  1.00 17.30 ? 31   GLY B N   1 
ATOM   1021 C CA  . GLY B 1 31 ? -12.152 1.422   11.311  1.00 17.15 ? 31   GLY B CA  1 
ATOM   1022 C C   . GLY B 1 31 ? -11.399 2.603   10.734  1.00 17.47 ? 31   GLY B C   1 
ATOM   1023 O O   . GLY B 1 31 ? -10.950 3.496   11.466  1.00 18.91 ? 31   GLY B O   1 
ATOM   1024 N N   . VAL B 1 32 ? -11.247 2.623   9.414   1.00 15.98 ? 32   VAL B N   1 
ATOM   1025 C CA  . VAL B 1 32 ? -10.657 3.754   8.721   1.00 15.59 ? 32   VAL B CA  1 
ATOM   1026 C C   . VAL B 1 32 ? -11.759 4.730   8.286   1.00 15.17 ? 32   VAL B C   1 
ATOM   1027 O O   . VAL B 1 32 ? -12.830 4.314   7.813   1.00 15.68 ? 32   VAL B O   1 
ATOM   1028 C CB  . VAL B 1 32 ? -9.828  3.283   7.503   1.00 15.03 ? 32   VAL B CB  1 
ATOM   1029 C CG1 . VAL B 1 32 ? -9.293  4.470   6.701   1.00 15.45 ? 32   VAL B CG1 1 
ATOM   1030 C CG2 . VAL B 1 32 ? -8.691  2.379   7.957   1.00 15.28 ? 32   VAL B CG2 1 
ATOM   1031 N N   . ASN B 1 33 ? -11.485 6.021   8.454   1.00 14.62 ? 33   ASN B N   1 
ATOM   1032 C CA  . ASN B 1 33 ? -12.409 7.085   8.104   1.00 14.79 ? 33   ASN B CA  1 
ATOM   1033 C C   . ASN B 1 33 ? -11.974 7.745   6.812   1.00 14.20 ? 33   ASN B C   1 
ATOM   1034 O O   . ASN B 1 33 ? -10.810 7.630   6.409   1.00 14.89 ? 33   ASN B O   1 
ATOM   1035 C CB  . ASN B 1 33 ? -12.437 8.134   9.226   1.00 14.82 ? 33   ASN B CB  1 
ATOM   1036 C CG  . ASN B 1 33 ? -12.678 7.518   10.592  1.00 16.70 ? 33   ASN B CG  1 
ATOM   1037 O OD1 . ASN B 1 33 ? -13.775 7.052   10.888  1.00 18.60 ? 33   ASN B OD1 1 
ATOM   1038 N ND2 . ASN B 1 33 ? -11.639 7.474   11.415  1.00 19.07 ? 33   ASN B ND2 1 
ATOM   1039 N N   . GLY B 1 34 ? -12.893 8.455   6.168   1.00 13.67 ? 34   GLY B N   1 
ATOM   1040 C CA  . GLY B 1 34 ? -12.586 9.194   4.958   1.00 13.64 ? 34   GLY B CA  1 
ATOM   1041 C C   . GLY B 1 34 ? -13.556 8.923   3.835   1.00 13.76 ? 34   GLY B C   1 
ATOM   1042 O O   . GLY B 1 34 ? -14.764 8.775   4.067   1.00 14.16 ? 34   GLY B O   1 
ATOM   1043 N N   . TRP B 1 35 ? -13.055 8.881   2.607   1.00 13.47 ? 35   TRP B N   1 
ATOM   1044 C CA  . TRP B 1 35 ? -13.925 8.791   1.447   1.00 13.11 ? 35   TRP B CA  1 
ATOM   1045 C C   . TRP B 1 35 ? -13.204 8.285   0.214   1.00 13.27 ? 35   TRP B C   1 
ATOM   1046 O O   . TRP B 1 35 ? -11.968 8.258   0.164   1.00 12.76 ? 35   TRP B O   1 
ATOM   1047 C CB  . TRP B 1 35 ? -14.594 10.144  1.145   1.00 13.64 ? 35   TRP B CB  1 
ATOM   1048 C CG  . TRP B 1 35 ? -13.653 11.310  1.029   1.00 13.96 ? 35   TRP B CG  1 
ATOM   1049 C CD1 . TRP B 1 35 ? -13.354 12.212  2.012   1.00 14.65 ? 35   TRP B CD1 1 
ATOM   1050 C CD2 . TRP B 1 35 ? -12.924 11.732  -0.129  1.00 14.18 ? 35   TRP B CD2 1 
ATOM   1051 N NE1 . TRP B 1 35 ? -12.475 13.150  1.542   1.00 14.90 ? 35   TRP B NE1 1 
ATOM   1052 C CE2 . TRP B 1 35 ? -12.190 12.885  0.231   1.00 14.47 ? 35   TRP B CE2 1 
ATOM   1053 C CE3 . TRP B 1 35 ? -12.797 11.243  -1.433  1.00 14.32 ? 35   TRP B CE3 1 
ATOM   1054 C CZ2 . TRP B 1 35 ? -11.355 13.555  -0.661  1.00 14.66 ? 35   TRP B CZ2 1 
ATOM   1055 C CZ3 . TRP B 1 35 ? -11.966 11.910  -2.319  1.00 14.87 ? 35   TRP B CZ3 1 
ATOM   1056 C CH2 . TRP B 1 35 ? -11.252 13.052  -1.925  1.00 14.73 ? 35   TRP B CH2 1 
ATOM   1057 N N   . VAL B 1 36 ? -13.993 7.882   -0.774  1.00 12.50 ? 36   VAL B N   1 
ATOM   1058 C CA  . VAL B 1 36 ? -13.483 7.409   -2.056  1.00 12.72 ? 36   VAL B CA  1 
ATOM   1059 C C   . VAL B 1 36 ? -14.408 7.914   -3.156  1.00 13.32 ? 36   VAL B C   1 
ATOM   1060 O O   . VAL B 1 36 ? -15.626 8.069   -2.944  1.00 13.01 ? 36   VAL B O   1 
ATOM   1061 C CB  . VAL B 1 36 ? -13.390 5.864   -2.090  1.00 12.13 ? 36   VAL B CB  1 
ATOM   1062 C CG1 . VAL B 1 36 ? -14.781 5.221   -1.940  1.00 12.22 ? 36   VAL B CG1 1 
ATOM   1063 C CG2 . VAL B 1 36 ? -12.697 5.399   -3.374  1.00 12.46 ? 36   VAL B CG2 1 
ATOM   1064 N N   . ARG B 1 37 ? -13.849 8.192   -4.322  1.00 12.99 ? 37   ARG B N   1 
ATOM   1065 C CA  . ARG B 1 37 ? -14.652 8.587   -5.481  1.00 14.29 ? 37   ARG B CA  1 
ATOM   1066 C C   . ARG B 1 37 ? -13.964 8.243   -6.788  1.00 14.33 ? 37   ARG B C   1 
ATOM   1067 O O   . ARG B 1 37 ? -12.731 8.163   -6.850  1.00 13.56 ? 37   ARG B O   1 
ATOM   1068 C CB  . ARG B 1 37 ? -14.970 10.083  -5.433  1.00 15.75 ? 37   ARG B CB  1 
ATOM   1069 C CG  . ARG B 1 37 ? -13.823 10.998  -5.633  1.00 16.74 ? 37   ARG B CG  1 
ATOM   1070 C CD  . ARG B 1 37 ? -14.256 12.453  -5.711  1.00 18.80 ? 37   ARG B CD  1 
ATOM   1071 N NE  . ARG B 1 37 ? -13.123 13.360  -5.639  1.00 21.34 ? 37   ARG B NE  1 
ATOM   1072 C CZ  . ARG B 1 37 ? -13.231 14.680  -5.729  1.00 25.30 ? 37   ARG B CZ  1 
ATOM   1073 N NH1 . ARG B 1 37 ? -14.424 15.248  -5.896  1.00 28.19 ? 37   ARG B NH1 1 
ATOM   1074 N NH2 . ARG B 1 37 ? -12.143 15.442  -5.645  1.00 25.44 ? 37   ARG B NH2 1 
ATOM   1075 N N   . ASN B 1 38 ? -14.761 8.038   -7.833  1.00 14.16 ? 38   ASN B N   1 
ATOM   1076 C CA  . ASN B 1 38 ? -14.279 7.951   -9.193  1.00 15.00 ? 38   ASN B CA  1 
ATOM   1077 C C   . ASN B 1 38 ? -13.948 9.327   -9.730  1.00 15.78 ? 38   ASN B C   1 
ATOM   1078 O O   . ASN B 1 38 ? -14.664 10.294  -9.421  1.00 16.62 ? 38   ASN B O   1 
ATOM   1079 C CB  . ASN B 1 38 ? -15.353 7.355   -10.108 1.00 14.60 ? 38   ASN B CB  1 
ATOM   1080 C CG  . ASN B 1 38 ? -15.496 5.847   -9.986  1.00 15.28 ? 38   ASN B CG  1 
ATOM   1081 O OD1 . ASN B 1 38 ? -16.458 5.264   -10.520 1.00 17.85 ? 38   ASN B OD1 1 
ATOM   1082 N ND2 . ASN B 1 38 ? -14.569 5.203   -9.309  1.00 11.67 ? 38   ASN B ND2 1 
ATOM   1083 N N   . LEU B 1 39 ? -12.894 9.411   -10.538 1.00 16.00 ? 39   LEU B N   1 
ATOM   1084 C CA  . LEU B 1 39 ? -12.555 10.638  -11.261 1.00 17.12 ? 39   LEU B CA  1 
ATOM   1085 C C   . LEU B 1 39 ? -12.766 10.431  -12.759 1.00 17.62 ? 39   LEU B C   1 
ATOM   1086 O O   . LEU B 1 39 ? -12.651 9.321   -13.268 1.00 16.94 ? 39   LEU B O   1 
ATOM   1087 C CB  . LEU B 1 39 ? -11.109 11.048  -10.994 1.00 17.51 ? 39   LEU B CB  1 
ATOM   1088 C CG  . LEU B 1 39 ? -10.778 11.491  -9.574  1.00 18.32 ? 39   LEU B CG  1 
ATOM   1089 C CD1 . LEU B 1 39 ? -9.296  11.817  -9.472  1.00 19.91 ? 39   LEU B CD1 1 
ATOM   1090 C CD2 . LEU B 1 39 ? -11.608 12.691  -9.157  1.00 19.07 ? 39   LEU B CD2 1 
ATOM   1091 N N   . PRO B 1 40 ? -13.084 11.503  -13.482 1.00 18.65 ? 40   PRO B N   1 
ATOM   1092 C CA  . PRO B 1 40 ? -13.379 11.388  -14.911 1.00 19.75 ? 40   PRO B CA  1 
ATOM   1093 C C   . PRO B 1 40 ? -12.252 10.833  -15.782 1.00 20.37 ? 40   PRO B C   1 
ATOM   1094 O O   . PRO B 1 40 ? -12.524 10.320  -16.865 1.00 21.80 ? 40   PRO B O   1 
ATOM   1095 C CB  . PRO B 1 40 ? -13.747 12.825  -15.329 1.00 20.08 ? 40   PRO B CB  1 
ATOM   1096 C CG  . PRO B 1 40 ? -13.436 13.705  -14.206 1.00 20.62 ? 40   PRO B CG  1 
ATOM   1097 C CD  . PRO B 1 40 ? -13.219 12.879  -12.974 1.00 19.33 ? 40   PRO B CD  1 
ATOM   1098 N N   . ASP B 1 41 ? -11.009 10.907  -15.316 1.00 20.79 ? 41   ASP B N   1 
ATOM   1099 C CA  . ASP B 1 41 ? -9.875  10.369  -16.071 1.00 20.42 ? 41   ASP B CA  1 
ATOM   1100 C C   . ASP B 1 41 ? -9.681  8.853   -15.893 1.00 20.23 ? 41   ASP B C   1 
ATOM   1101 O O   . ASP B 1 41 ? -8.712  8.295   -16.408 1.00 21.79 ? 41   ASP B O   1 
ATOM   1102 C CB  . ASP B 1 41 ? -8.590  11.107  -15.702 1.00 21.03 ? 41   ASP B CB  1 
ATOM   1103 C CG  . ASP B 1 41 ? -8.110  10.781  -14.310 1.00 21.66 ? 41   ASP B CG  1 
ATOM   1104 O OD1 . ASP B 1 41 ? -6.984  11.200  -13.945 1.00 24.99 ? 41   ASP B OD1 1 
ATOM   1105 O OD2 . ASP B 1 41 ? -8.807  10.125  -13.501 1.00 19.90 ? 41   ASP B OD2 1 
ATOM   1106 N N   . GLY B 1 42 ? -10.583 8.195   -15.162 1.00 18.98 ? 42   GLY B N   1 
ATOM   1107 C CA  . GLY B 1 42 ? -10.558 6.736   -15.027 1.00 18.06 ? 42   GLY B CA  1 
ATOM   1108 C C   . GLY B 1 42 ? -9.892  6.265   -13.747 1.00 17.14 ? 42   GLY B C   1 
ATOM   1109 O O   . GLY B 1 42 ? -9.842  5.062   -13.485 1.00 16.65 ? 42   GLY B O   1 
ATOM   1110 N N   . SER B 1 43 ? -9.373  7.204   -12.969 1.00 16.00 ? 43   SER B N   1 
ATOM   1111 C CA  . SER B 1 43 ? -8.701  6.886   -11.708 1.00 15.17 ? 43   SER B CA  1 
ATOM   1112 C C   . SER B 1 43 ? -9.690  6.939   -10.545 1.00 14.57 ? 43   SER B C   1 
ATOM   1113 O O   . SER B 1 43 ? -10.854 7.336   -10.700 1.00 14.05 ? 43   SER B O   1 
ATOM   1114 C CB  . SER B 1 43 ? -7.521  7.835   -11.471 1.00 15.83 ? 43   SER B CB  1 
ATOM   1115 O OG  . SER B 1 43 ? -7.952  9.149   -11.153 1.00 16.61 ? 43   SER B OG  1 
ATOM   1116 N N   . VAL B 1 44 ? -9.217  6.517   -9.379  1.00 12.91 ? 44   VAL B N   1 
ATOM   1117 C CA  . VAL B 1 44 ? -9.978  6.577   -8.142  1.00 13.18 ? 44   VAL B CA  1 
ATOM   1118 C C   . VAL B 1 44 ? -9.207  7.445   -7.157  1.00 13.31 ? 44   VAL B C   1 
ATOM   1119 O O   . VAL B 1 44 ? -7.993  7.308   -7.032  1.00 13.91 ? 44   VAL B O   1 
ATOM   1120 C CB  . VAL B 1 44 ? -10.185 5.167   -7.572  1.00 12.73 ? 44   VAL B CB  1 
ATOM   1121 C CG1 . VAL B 1 44 ? -10.674 5.210   -6.131  1.00 13.64 ? 44   VAL B CG1 1 
ATOM   1122 C CG2 . VAL B 1 44 ? -11.141 4.386   -8.460  1.00 12.74 ? 44   VAL B CG2 1 
ATOM   1123 N N   . GLU B 1 45 ? -9.901  8.335   -6.469  1.00 12.52 ? 45   GLU B N   1 
ATOM   1124 C CA  . GLU B 1 45 ? -9.297  9.183   -5.452  1.00 12.68 ? 45   GLU B CA  1 
ATOM   1125 C C   . GLU B 1 45 ? -9.838  8.791   -4.083  1.00 12.11 ? 45   GLU B C   1 
ATOM   1126 O O   . GLU B 1 45 ? -11.012 8.474   -3.943  1.00 12.24 ? 45   GLU B O   1 
ATOM   1127 C CB  . GLU B 1 45 ? -9.594  10.659  -5.746  1.00 13.13 ? 45   GLU B CB  1 
ATOM   1128 C CG  . GLU B 1 45 ? -8.942  11.632  -4.777  1.00 13.76 ? 45   GLU B CG  1 
ATOM   1129 C CD  . GLU B 1 45 ? -9.287  13.076  -5.056  1.00 15.34 ? 45   GLU B CD  1 
ATOM   1130 O OE1 . GLU B 1 45 ? -8.609  13.957  -4.481  1.00 17.50 ? 45   GLU B OE1 1 
ATOM   1131 O OE2 . GLU B 1 45 ? -10.218 13.323  -5.847  1.00 18.61 ? 45   GLU B OE2 1 
ATOM   1132 N N   . ALA B 1 46 ? -8.991  8.798   -3.060  1.00 11.84 ? 46   ALA B N   1 
ATOM   1133 C CA  . ALA B 1 46 ? -9.430  8.420   -1.723  1.00 11.96 ? 46   ALA B CA  1 
ATOM   1134 C C   . ALA B 1 46 ? -8.675  9.180   -0.645  1.00 11.95 ? 46   ALA B C   1 
ATOM   1135 O O   . ALA B 1 46 ? -7.507  9.545   -0.828  1.00 12.08 ? 46   ALA B O   1 
ATOM   1136 C CB  . ALA B 1 46 ? -9.297  6.900   -1.503  1.00 11.91 ? 46   ALA B CB  1 
ATOM   1137 N N   . VAL B 1 47 ? -9.362  9.435   0.463   1.00 11.81 ? 47   VAL B N   1 
ATOM   1138 C CA  . VAL B 1 47 ? -8.755  9.934   1.689   1.00 12.16 ? 47   VAL B CA  1 
ATOM   1139 C C   . VAL B 1 47 ? -8.990  8.889   2.749   1.00 11.69 ? 47   VAL B C   1 
ATOM   1140 O O   . VAL B 1 47 ? -10.120 8.461   2.956   1.00 11.84 ? 47   VAL B O   1 
ATOM   1141 C CB  . VAL B 1 47 ? -9.374  11.281  2.098   1.00 12.69 ? 47   VAL B CB  1 
ATOM   1142 C CG1 . VAL B 1 47 ? -9.110  11.604  3.560   1.00 13.03 ? 47   VAL B CG1 1 
ATOM   1143 C CG2 . VAL B 1 47 ? -8.849  12.364  1.200   1.00 14.16 ? 47   VAL B CG2 1 
ATOM   1144 N N   . LEU B 1 48 ? -7.911  8.470   3.409   1.00 11.87 ? 48   LEU B N   1 
ATOM   1145 C CA  . LEU B 1 48 ? -7.927  7.450   4.437   1.00 12.54 ? 48   LEU B CA  1 
ATOM   1146 C C   . LEU B 1 48 ? -7.338  8.074   5.681   1.00 13.47 ? 48   LEU B C   1 
ATOM   1147 O O   . LEU B 1 48 ? -6.209  8.547   5.649   1.00 14.17 ? 48   LEU B O   1 
ATOM   1148 C CB  A LEU B 1 48 ? -7.098  6.239   4.000   0.50 12.76 ? 48   LEU B CB  1 
ATOM   1149 C CB  B LEU B 1 48 ? -7.027  6.277   4.057   0.50 12.60 ? 48   LEU B CB  1 
ATOM   1150 C CG  A LEU B 1 48 ? -7.391  5.669   2.604   0.50 12.58 ? 48   LEU B CG  1 
ATOM   1151 C CG  B LEU B 1 48 ? -7.489  5.259   3.022   0.50 11.73 ? 48   LEU B CG  1 
ATOM   1152 C CD1 A LEU B 1 48 ? -6.507  4.452   2.345   0.50 12.23 ? 48   LEU B CD1 1 
ATOM   1153 C CD1 B LEU B 1 48 ? -7.789  5.911   1.684   0.50 11.72 ? 48   LEU B CD1 1 
ATOM   1154 C CD2 A LEU B 1 48 ? -8.850  5.306   2.403   0.50 12.86 ? 48   LEU B CD2 1 
ATOM   1155 C CD2 B LEU B 1 48 ? -6.393  4.213   2.870   0.50 12.15 ? 48   LEU B CD2 1 
ATOM   1156 N N   . GLU B 1 49 ? -8.086  8.072   6.774   1.00 13.74 ? 49   GLU B N   1 
ATOM   1157 C CA  . GLU B 1 49 ? -7.631  8.714   8.004   1.00 14.23 ? 49   GLU B CA  1 
ATOM   1158 C C   . GLU B 1 49 ? -7.999  7.871   9.209   1.00 14.42 ? 49   GLU B C   1 
ATOM   1159 O O   . GLU B 1 49 ? -9.129  7.397   9.338   1.00 15.12 ? 49   GLU B O   1 
ATOM   1160 C CB  . GLU B 1 49 ? -8.250  10.103  8.123   1.00 14.39 ? 49   GLU B CB  1 
ATOM   1161 C CG  . GLU B 1 49 ? -7.693  10.934  9.267   1.00 15.36 ? 49   GLU B CG  1 
ATOM   1162 C CD  . GLU B 1 49 ? -8.295  12.322  9.302   1.00 15.56 ? 49   GLU B CD  1 
ATOM   1163 O OE1 . GLU B 1 49 ? -9.028  12.596  10.275  1.00 19.39 ? 49   GLU B OE1 1 
ATOM   1164 O OE2 . GLU B 1 49 ? -8.058  13.115  8.361   1.00 15.90 ? 49   GLU B OE2 1 
ATOM   1165 N N   . GLY B 1 50 ? -7.037  7.680   10.104  1.00 14.65 ? 50   GLY B N   1 
ATOM   1166 C CA  . GLY B 1 50 ? -7.237  6.838   11.264  1.00 15.19 ? 50   GLY B CA  1 
ATOM   1167 C C   . GLY B 1 50 ? -5.920  6.366   11.822  1.00 15.28 ? 50   GLY B C   1 
ATOM   1168 O O   . GLY B 1 50 ? -4.873  6.885   11.449  1.00 15.25 ? 50   GLY B O   1 
ATOM   1169 N N   . ASP B 1 51 ? -5.992  5.366   12.688  1.00 16.34 ? 51   ASP B N   1 
ATOM   1170 C CA  . ASP B 1 51 ? -4.815  4.714   13.240  1.00 16.89 ? 51   ASP B CA  1 
ATOM   1171 C C   . ASP B 1 51 ? -3.911  4.231   12.112  1.00 16.91 ? 51   ASP B C   1 
ATOM   1172 O O   . ASP B 1 51 ? -4.388  3.627   11.149  1.00 16.65 ? 51   ASP B O   1 
ATOM   1173 C CB  A ASP B 1 51 ? -5.210  3.555   14.149  0.50 17.32 ? 51   ASP B CB  1 
ATOM   1174 C CB  B ASP B 1 51 ? -5.263  3.532   14.096  0.50 17.23 ? 51   ASP B CB  1 
ATOM   1175 C CG  A ASP B 1 51 ? -5.796  4.027   15.469  0.50 18.67 ? 51   ASP B CG  1 
ATOM   1176 C CG  B ASP B 1 51 ? -4.127  2.623   14.481  0.50 17.94 ? 51   ASP B CG  1 
ATOM   1177 O OD1 A ASP B 1 51 ? -6.615  3.292   16.055  0.50 21.98 ? 51   ASP B OD1 1 
ATOM   1178 O OD1 B ASP B 1 51 ? -3.423  2.943   15.460  0.50 22.07 ? 51   ASP B OD1 1 
ATOM   1179 O OD2 A ASP B 1 51 ? -5.490  5.114   15.997  0.50 21.49 ? 51   ASP B OD2 1 
ATOM   1180 O OD2 B ASP B 1 51 ? -3.865  1.564   13.874  0.50 20.10 ? 51   ASP B OD2 1 
ATOM   1181 N N   . GLU B 1 52 ? -2.615  4.491   12.219  1.00 16.94 ? 52   GLU B N   1 
ATOM   1182 C CA  . GLU B 1 52 ? -1.716  4.215   11.097  1.00 17.65 ? 52   GLU B CA  1 
ATOM   1183 C C   . GLU B 1 52 ? -1.680  2.744   10.695  1.00 17.16 ? 52   GLU B C   1 
ATOM   1184 O O   . GLU B 1 52 ? -1.567  2.451   9.512   1.00 15.98 ? 52   GLU B O   1 
ATOM   1185 C CB  . GLU B 1 52 ? -0.312  4.748   11.359  1.00 18.26 ? 52   GLU B CB  1 
ATOM   1186 C CG  . GLU B 1 52 ? 0.422   4.096   12.496  1.00 20.24 ? 52   GLU B CG  1 
ATOM   1187 C CD  . GLU B 1 52 ? 1.702   4.846   12.823  1.00 21.22 ? 52   GLU B CD  1 
ATOM   1188 O OE1 . GLU B 1 52 ? 1.752   5.493   13.891  1.00 26.14 ? 52   GLU B OE1 1 
ATOM   1189 O OE2 . GLU B 1 52 ? 2.629   4.823   11.990  1.00 25.44 ? 52   GLU B OE2 1 
ATOM   1190 N N   . GLU B 1 53 ? -1.800  1.822   11.642  1.00 16.76 ? 53   GLU B N   1 
ATOM   1191 C CA  . GLU B 1 53 ? -1.819  0.403   11.267  1.00 17.57 ? 53   GLU B CA  1 
ATOM   1192 C C   . GLU B 1 53 ? -3.064  0.054   10.441  1.00 16.40 ? 53   GLU B C   1 
ATOM   1193 O O   . GLU B 1 53 ? -2.995  -0.773  9.519   1.00 16.15 ? 53   GLU B O   1 
ATOM   1194 C CB  . GLU B 1 53 ? -1.700  -0.499  12.495  1.00 17.98 ? 53   GLU B CB  1 
ATOM   1195 C CG  . GLU B 1 53 ? -0.277  -0.560  13.045  1.00 22.25 ? 53   GLU B CG  1 
ATOM   1196 C CD  . GLU B 1 53 ? -0.109  -1.567  14.165  1.00 23.41 ? 53   GLU B CD  1 
ATOM   1197 O OE1 . GLU B 1 53 ? 0.924   -1.481  14.875  1.00 32.35 ? 53   GLU B OE1 1 
ATOM   1198 O OE2 . GLU B 1 53 ? -0.991  -2.449  14.336  1.00 31.76 ? 53   GLU B OE2 1 
ATOM   1199 N N   . ARG B 1 54 ? -4.184  0.690   10.761  1.00 15.53 ? 54   ARG B N   1 
ATOM   1200 C CA  . ARG B 1 54 ? -5.441  0.445   10.044  1.00 15.28 ? 54   ARG B CA  1 
ATOM   1201 C C   . ARG B 1 54 ? -5.403  1.082   8.663   1.00 13.48 ? 54   ARG B C   1 
ATOM   1202 O O   . ARG B 1 54 ? -5.787  0.457   7.668   1.00 12.79 ? 54   ARG B O   1 
ATOM   1203 C CB  . ARG B 1 54 ? -6.624  0.966   10.862  1.00 16.09 ? 54   ARG B CB  1 
ATOM   1204 C CG  A ARG B 1 54 ? -6.769  0.290   12.243  0.50 17.37 ? 54   ARG B CG  1 
ATOM   1205 C CG  B ARG B 1 54 ? -6.771  0.284   12.196  0.50 17.59 ? 54   ARG B CG  1 
ATOM   1206 C CD  A ARG B 1 54 ? -6.837  -1.249  12.221  0.50 18.22 ? 54   ARG B CD  1 
ATOM   1207 C CD  B ARG B 1 54 ? -7.648  1.037   13.161  0.50 18.44 ? 54   ARG B CD  1 
ATOM   1208 N NE  A ARG B 1 54 ? -6.970  -1.830  13.565  0.50 18.97 ? 54   ARG B NE  1 
ATOM   1209 N NE  B ARG B 1 54 ? -7.983  0.212   14.316  0.50 20.86 ? 54   ARG B NE  1 
ATOM   1210 C CZ  A ARG B 1 54 ? -8.121  -2.047  14.209  0.50 19.84 ? 54   ARG B CZ  1 
ATOM   1211 C CZ  B ARG B 1 54 ? -8.755  0.605   15.320  0.50 22.85 ? 54   ARG B CZ  1 
ATOM   1212 N NH1 A ARG B 1 54 ? -8.109  -2.576  15.429  0.50 19.78 ? 54   ARG B NH1 1 
ATOM   1213 N NH1 B ARG B 1 54 ? -8.998  -0.230  16.322  0.50 23.58 ? 54   ARG B NH1 1 
ATOM   1214 N NH2 A ARG B 1 54 ? -9.283  -1.748  13.649  0.50 19.79 ? 54   ARG B NH2 1 
ATOM   1215 N NH2 B ARG B 1 54 ? -9.279  1.827   15.334  0.50 24.75 ? 54   ARG B NH2 1 
ATOM   1216 N N   . VAL B 1 55 ? -4.893  2.304   8.584   1.00 12.58 ? 55   VAL B N   1 
ATOM   1217 C CA  . VAL B 1 55 ? -4.727  2.983   7.300   1.00 12.17 ? 55   VAL B CA  1 
ATOM   1218 C C   . VAL B 1 55 ? -3.771  2.191   6.408   1.00 11.86 ? 55   VAL B C   1 
ATOM   1219 O O   . VAL B 1 55 ? -4.046  1.989   5.224   1.00 11.38 ? 55   VAL B O   1 
ATOM   1220 C CB  . VAL B 1 55 ? -4.239  4.439   7.487   1.00 12.30 ? 55   VAL B CB  1 
ATOM   1221 C CG1 . VAL B 1 55 ? -3.823  5.061   6.191   1.00 11.91 ? 55   VAL B CG1 1 
ATOM   1222 C CG2 . VAL B 1 55 ? -5.325  5.267   8.140   1.00 12.87 ? 55   VAL B CG2 1 
ATOM   1223 N N   . GLU B 1 56 ? -2.645  1.755   6.959   1.00 11.90 ? 56   GLU B N   1 
ATOM   1224 C CA  . GLU B 1 56 ? -1.700  0.936   6.184   1.00 12.06 ? 56   GLU B CA  1 
ATOM   1225 C C   . GLU B 1 56 ? -2.337  -0.356  5.671   1.00 11.51 ? 56   GLU B C   1 
ATOM   1226 O O   . GLU B 1 56 ? -2.096  -0.736  4.531   1.00 11.38 ? 56   GLU B O   1 
ATOM   1227 C CB  . GLU B 1 56 ? -0.442  0.635   7.010   1.00 12.44 ? 56   GLU B CB  1 
ATOM   1228 C CG  . GLU B 1 56 ? 0.445   1.862   7.191   1.00 13.58 ? 56   GLU B CG  1 
ATOM   1229 C CD  . GLU B 1 56 ? 1.583   1.662   8.182   1.00 14.39 ? 56   GLU B CD  1 
ATOM   1230 O OE1 . GLU B 1 56 ? 1.735   0.548   8.724   1.00 17.36 ? 56   GLU B OE1 1 
ATOM   1231 O OE2 . GLU B 1 56 ? 2.304   2.667   8.411   1.00 18.55 ? 56   GLU B OE2 1 
ATOM   1232 N N   . ALA B 1 57 ? -3.158  -1.011  6.490   1.00 11.29 ? 57   ALA B N   1 
ATOM   1233 C CA  . ALA B 1 57 ? -3.812  -2.243  6.062   1.00 11.12 ? 57   ALA B CA  1 
ATOM   1234 C C   . ALA B 1 57 ? -4.716  -1.977  4.852   1.00 10.79 ? 57   ALA B C   1 
ATOM   1235 O O   . ALA B 1 57 ? -4.748  -2.767  3.888   1.00 11.19 ? 57   ALA B O   1 
ATOM   1236 C CB  . ALA B 1 57 ? -4.612  -2.849  7.205   1.00 11.33 ? 57   ALA B CB  1 
ATOM   1237 N N   . LEU B 1 58 ? -5.429  -0.859  4.876   1.00 10.84 ? 58   LEU B N   1 
ATOM   1238 C CA  . LEU B 1 58 ? -6.333  -0.509  3.776   1.00 10.64 ? 58   LEU B CA  1 
ATOM   1239 C C   . LEU B 1 58 ? -5.563  -0.111  2.513   1.00 10.25 ? 58   LEU B C   1 
ATOM   1240 O O   . LEU B 1 58 ? -5.970  -0.468  1.395   1.00 10.92 ? 58   LEU B O   1 
ATOM   1241 C CB  . LEU B 1 58 ? -7.316  0.592   4.198   1.00 10.75 ? 58   LEU B CB  1 
ATOM   1242 C CG  . LEU B 1 58 ? -8.403  0.917   3.187   1.00 10.87 ? 58   LEU B CG  1 
ATOM   1243 C CD1 . LEU B 1 58 ? -9.282  -0.284  2.896   1.00 11.58 ? 58   LEU B CD1 1 
ATOM   1244 C CD2 . LEU B 1 58 ? -9.251  2.078   3.714   1.00 12.04 ? 58   LEU B CD2 1 
ATOM   1245 N N   . ILE B 1 59 ? -4.451  0.612   2.670   1.00 10.10 ? 59   ILE B N   1 
ATOM   1246 C CA  . ILE B 1 59 ? -3.608  0.945   1.521   1.00 10.30 ? 59   ILE B CA  1 
ATOM   1247 C C   . ILE B 1 59 ? -3.080  -0.328  0.866   1.00 9.82  ? 59   ILE B C   1 
ATOM   1248 O O   . ILE B 1 59 ? -3.084  -0.469  -0.358  1.00 9.93  ? 59   ILE B O   1 
ATOM   1249 C CB  . ILE B 1 59 ? -2.433  1.837   1.918   1.00 10.08 ? 59   ILE B CB  1 
ATOM   1250 C CG1 . ILE B 1 59 ? -2.928  3.215   2.354   1.00 11.41 ? 59   ILE B CG1 1 
ATOM   1251 C CG2 . ILE B 1 59 ? -1.459  1.960   0.753   1.00 10.89 ? 59   ILE B CG2 1 
ATOM   1252 C CD1 . ILE B 1 59 ? -1.852  4.141   2.883   1.00 11.44 ? 59   ILE B CD1 1 
ATOM   1253 N N   . GLY B 1 60 ? -2.612  -1.271  1.670   1.00 9.71  ? 60   GLY B N   1 
ATOM   1254 C CA  . GLY B 1 60 ? -2.151  -2.529  1.084   1.00 9.90  ? 60   GLY B CA  1 
ATOM   1255 C C   . GLY B 1 60 ? -3.251  -3.287  0.349   1.00 10.16 ? 60   GLY B C   1 
ATOM   1256 O O   . GLY B 1 60 ? -3.030  -3.835  -0.735  1.00 10.48 ? 60   GLY B O   1 
ATOM   1257 N N   . TRP B 1 61 ? -4.424  -3.338  0.960   1.00 10.25 ? 61   TRP B N   1 
ATOM   1258 C CA  . TRP B 1 61 ? -5.603  -3.918  0.319   1.00 10.18 ? 61   TRP B CA  1 
ATOM   1259 C C   . TRP B 1 61 ? -5.880  -3.260  -1.029  1.00 9.99  ? 61   TRP B C   1 
ATOM   1260 O O   . TRP B 1 61 ? -6.213  -3.939  -2.009  1.00 10.30 ? 61   TRP B O   1 
ATOM   1261 C CB  . TRP B 1 61 ? -6.843  -3.818  1.229   1.00 11.07 ? 61   TRP B CB  1 
ATOM   1262 C CG  . TRP B 1 61 ? -8.058  -4.246  0.484   1.00 11.34 ? 61   TRP B CG  1 
ATOM   1263 C CD1 . TRP B 1 61 ? -8.533  -5.519  0.355   1.00 13.68 ? 61   TRP B CD1 1 
ATOM   1264 C CD2 . TRP B 1 61 ? -8.885  -3.421  -0.351  1.00 11.53 ? 61   TRP B CD2 1 
ATOM   1265 N NE1 . TRP B 1 61 ? -9.625  -5.530  -0.481  1.00 13.97 ? 61   TRP B NE1 1 
ATOM   1266 C CE2 . TRP B 1 61 ? -9.853  -4.261  -0.942  1.00 13.45 ? 61   TRP B CE2 1 
ATOM   1267 C CE3 . TRP B 1 61 ? -8.902  -2.060  -0.668  1.00 12.08 ? 61   TRP B CE3 1 
ATOM   1268 C CZ2 . TRP B 1 61 ? -10.832 -3.769  -1.807  1.00 12.55 ? 61   TRP B CZ2 1 
ATOM   1269 C CZ3 . TRP B 1 61 ? -9.856  -1.579  -1.544  1.00 12.28 ? 61   TRP B CZ3 1 
ATOM   1270 C CH2 . TRP B 1 61 ? -10.811 -2.437  -2.101  1.00 13.22 ? 61   TRP B CH2 1 
ATOM   1271 N N   . ALA B 1 62 ? -5.698  -1.952  -1.099  1.00 9.79  ? 62   ALA B N   1 
ATOM   1272 C CA  . ALA B 1 62 ? -6.035  -1.193  -2.305  1.00 10.18 ? 62   ALA B CA  1 
ATOM   1273 C C   . ALA B 1 62 ? -5.199  -1.583  -3.524  1.00 10.96 ? 62   ALA B C   1 
ATOM   1274 O O   . ALA B 1 62 ? -5.623  -1.334  -4.655  1.00 13.27 ? 62   ALA B O   1 
ATOM   1275 C CB  . ALA B 1 62 ? -5.913  0.288   -2.049  1.00 10.67 ? 62   ALA B CB  1 
ATOM   1276 N N   . HIS B 1 63 ? -4.029  -2.183  -3.318  1.00 9.92  ? 63   HIS B N   1 
ATOM   1277 C CA  . HIS B 1 63 ? -3.227  -2.656  -4.440  1.00 10.07 ? 63   HIS B CA  1 
ATOM   1278 C C   . HIS B 1 63 ? -3.712  -3.986  -4.987  1.00 10.14 ? 63   HIS B C   1 
ATOM   1279 O O   . HIS B 1 63 ? -3.339  -4.359  -6.094  1.00 9.93  ? 63   HIS B O   1 
ATOM   1280 C CB  . HIS B 1 63 ? -1.748  -2.771  -4.069  1.00 9.60  ? 63   HIS B CB  1 
ATOM   1281 C CG  . HIS B 1 63 ? -1.041  -1.463  -4.073  1.00 10.05 ? 63   HIS B CG  1 
ATOM   1282 N ND1 . HIS B 1 63 ? -0.490  -0.932  -5.220  1.00 10.52 ? 63   HIS B ND1 1 
ATOM   1283 C CD2 . HIS B 1 63 ? -0.848  -0.550  -3.090  1.00 11.11 ? 63   HIS B CD2 1 
ATOM   1284 C CE1 . HIS B 1 63 ? 0.041   0.244   -4.933  1.00 10.32 ? 63   HIS B CE1 1 
ATOM   1285 N NE2 . HIS B 1 63 ? -0.163  0.501   -3.650  1.00 10.00 ? 63   HIS B NE2 1 
ATOM   1286 N N   . GLN B 1 64 ? -4.509  -4.696  -4.196  1.00 10.86 ? 64   GLN B N   1 
ATOM   1287 C CA  . GLN B 1 64 ? -5.172  -5.928  -4.651  1.00 11.40 ? 64   GLN B CA  1 
ATOM   1288 C C   . GLN B 1 64 ? -6.549  -5.573  -5.202  1.00 11.59 ? 64   GLN B C   1 
ATOM   1289 O O   . GLN B 1 64 ? -6.866  -5.874  -6.365  1.00 12.75 ? 64   GLN B O   1 
ATOM   1290 C CB  . GLN B 1 64 ? -5.274  -6.922  -3.497  1.00 11.70 ? 64   GLN B CB  1 
ATOM   1291 C CG  . GLN B 1 64 ? -5.823  -8.284  -3.893  1.00 13.28 ? 64   GLN B CG  1 
ATOM   1292 C CD  . GLN B 1 64 ? -4.917  -9.017  -4.866  1.00 16.64 ? 64   GLN B CD  1 
ATOM   1293 O OE1 . GLN B 1 64 ? -5.091  -8.925  -6.088  1.00 22.45 ? 64   GLN B OE1 1 
ATOM   1294 N NE2 . GLN B 1 64 ? -3.948  -9.743  -4.334  1.00 18.42 ? 64   GLN B NE2 1 
ATOM   1295 N N   . GLY B 1 65 ? -7.357  -4.901  -4.394  1.00 11.63 ? 65   GLY B N   1 
ATOM   1296 C CA  . GLY B 1 65 ? -8.704  -4.518  -4.797  1.00 11.62 ? 65   GLY B CA  1 
ATOM   1297 C C   . GLY B 1 65 ? -9.626  -5.714  -4.891  1.00 11.49 ? 65   GLY B C   1 
ATOM   1298 O O   . GLY B 1 65 ? -9.255  -6.842  -4.551  1.00 12.10 ? 65   GLY B O   1 
ATOM   1299 N N   . PRO B 1 66 ? -10.839 -5.477  -5.377  1.00 11.65 ? 66   PRO B N   1 
ATOM   1300 C CA  . PRO B 1 66 ? -11.767 -6.574  -5.627  1.00 12.33 ? 66   PRO B CA  1 
ATOM   1301 C C   . PRO B 1 66 ? -11.251 -7.443  -6.773  1.00 12.75 ? 66   PRO B C   1 
ATOM   1302 O O   . PRO B 1 66 ? -10.282 -7.073  -7.429  1.00 11.58 ? 66   PRO B O   1 
ATOM   1303 C CB  . PRO B 1 66 ? -13.060 -5.840  -5.991  1.00 12.25 ? 66   PRO B CB  1 
ATOM   1304 C CG  . PRO B 1 66 ? -12.612 -4.585  -6.573  1.00 12.50 ? 66   PRO B CG  1 
ATOM   1305 C CD  . PRO B 1 66 ? -11.391 -4.183  -5.796  1.00 11.97 ? 66   PRO B CD  1 
ATOM   1306 N N   . PRO B 1 67 ? -11.852 -8.613  -6.998  1.00 13.31 ? 67   PRO B N   1 
ATOM   1307 C CA  . PRO B 1 67 ? -11.294 -9.587  -7.933  1.00 13.29 ? 67   PRO B CA  1 
ATOM   1308 C C   . PRO B 1 67 ? -10.946 -9.098  -9.335  1.00 13.27 ? 67   PRO B C   1 
ATOM   1309 O O   . PRO B 1 67 ? -9.914  -9.508  -9.882  1.00 14.63 ? 67   PRO B O   1 
ATOM   1310 C CB  . PRO B 1 67 ? -12.383 -10.656 -8.003  1.00 14.27 ? 67   PRO B CB  1 
ATOM   1311 C CG  . PRO B 1 67 ? -13.013 -10.581 -6.704  1.00 15.21 ? 67   PRO B CG  1 
ATOM   1312 C CD  . PRO B 1 67 ? -13.070 -9.122  -6.340  1.00 14.42 ? 67   PRO B CD  1 
ATOM   1313 N N   . LEU B 1 68 ? -11.773 -8.239  -9.919  1.00 12.67 ? 68   LEU B N   1 
ATOM   1314 C CA  . LEU B 1 68 ? -11.549 -7.779  -11.279 1.00 12.61 ? 68   LEU B CA  1 
ATOM   1315 C C   . LEU B 1 68 ? -10.671 -6.544  -11.366 1.00 12.33 ? 68   LEU B C   1 
ATOM   1316 O O   . LEU B 1 68 ? -10.274 -6.140  -12.461 1.00 12.48 ? 68   LEU B O   1 
ATOM   1317 C CB  . LEU B 1 68 ? -12.879 -7.520  -11.984 1.00 12.85 ? 68   LEU B CB  1 
ATOM   1318 C CG  . LEU B 1 68 ? -13.747 -8.764  -12.096 1.00 15.25 ? 68   LEU B CG  1 
ATOM   1319 C CD1 . LEU B 1 68 ? -15.147 -8.345  -12.522 1.00 17.12 ? 68   LEU B CD1 1 
ATOM   1320 C CD2 . LEU B 1 68 ? -13.138 -9.772  -13.060 1.00 16.95 ? 68   LEU B CD2 1 
ATOM   1321 N N   . ALA B 1 69 ? -10.358 -5.933  -10.223 1.00 11.97 ? 69   ALA B N   1 
ATOM   1322 C CA  . ALA B 1 69 ? -9.478  -4.770  -10.240 1.00 11.95 ? 69   ALA B CA  1 
ATOM   1323 C C   . ALA B 1 69 ? -8.053  -5.145  -10.623 1.00 11.85 ? 69   ALA B C   1 
ATOM   1324 O O   . ALA B 1 69 ? -7.563  -6.214  -10.246 1.00 12.59 ? 69   ALA B O   1 
ATOM   1325 C CB  . ALA B 1 69 ? -9.471  -4.098  -8.899  1.00 11.50 ? 69   ALA B CB  1 
ATOM   1326 N N   . ARG B 1 70 ? -7.394  -4.257  -11.360 1.00 11.78 ? 70   ARG B N   1 
ATOM   1327 C CA  . ARG B 1 70 ? -5.970  -4.375  -11.665 1.00 12.39 ? 70   ARG B CA  1 
ATOM   1328 C C   . ARG B 1 70 ? -5.343  -3.011  -11.415 1.00 11.34 ? 70   ARG B C   1 
ATOM   1329 O O   . ARG B 1 70 ? -5.481  -2.090  -12.208 1.00 11.71 ? 70   ARG B O   1 
ATOM   1330 C CB  A ARG B 1 70 ? -5.764  -4.823  -13.112 0.50 12.41 ? 70   ARG B CB  1 
ATOM   1331 C CB  B ARG B 1 70 ? -5.732  -4.795  -13.117 0.50 12.56 ? 70   ARG B CB  1 
ATOM   1332 C CG  A ARG B 1 70 ? -4.334  -5.154  -13.471 0.50 13.51 ? 70   ARG B CG  1 
ATOM   1333 C CG  B ARG B 1 70 ? -6.126  -6.220  -13.439 0.50 14.72 ? 70   ARG B CG  1 
ATOM   1334 C CD  A ARG B 1 70 ? -4.198  -5.717  -14.868 0.50 14.63 ? 70   ARG B CD  1 
ATOM   1335 C CD  B ARG B 1 70 ? -5.648  -6.687  -14.817 0.50 14.85 ? 70   ARG B CD  1 
ATOM   1336 N NE  A ARG B 1 70 ? -4.422  -4.698  -15.885 0.50 17.46 ? 70   ARG B NE  1 
ATOM   1337 N NE  B ARG B 1 70 ? -5.941  -5.714  -15.877 0.50 17.33 ? 70   ARG B NE  1 
ATOM   1338 C CZ  A ARG B 1 70 ? -3.481  -3.908  -16.394 0.50 18.34 ? 70   ARG B CZ  1 
ATOM   1339 C CZ  B ARG B 1 70 ? -7.071  -5.663  -16.590 0.50 15.67 ? 70   ARG B CZ  1 
ATOM   1340 N NH1 A ARG B 1 70 ? -3.809  -3.017  -17.319 0.50 19.76 ? 70   ARG B NH1 1 
ATOM   1341 N NH1 B ARG B 1 70 ? -7.210  -4.738  -17.528 0.50 15.62 ? 70   ARG B NH1 1 
ATOM   1342 N NH2 A ARG B 1 70 ? -2.217  -3.997  -15.991 0.50 19.24 ? 70   ARG B NH2 1 
ATOM   1343 N NH2 B ARG B 1 70 ? -8.058  -6.538  -16.389 0.50 18.25 ? 70   ARG B NH2 1 
ATOM   1344 N N   . VAL B 1 71 ? -4.680  -2.881  -10.271 1.00 11.18 ? 71   VAL B N   1 
ATOM   1345 C CA  . VAL B 1 71 ? -4.134  -1.611  -9.830  1.00 11.34 ? 71   VAL B CA  1 
ATOM   1346 C C   . VAL B 1 71 ? -2.693  -1.497  -10.278 1.00 11.07 ? 71   VAL B C   1 
ATOM   1347 O O   . VAL B 1 71 ? -1.855  -2.294  -9.852  1.00 11.65 ? 71   VAL B O   1 
ATOM   1348 C CB  . VAL B 1 71 ? -4.233  -1.494  -8.295  1.00 10.93 ? 71   VAL B CB  1 
ATOM   1349 C CG1 . VAL B 1 71 ? -3.545  -0.201  -7.794  1.00 11.56 ? 71   VAL B CG1 1 
ATOM   1350 C CG2 . VAL B 1 71 ? -5.699  -1.557  -7.864  1.00 11.83 ? 71   VAL B CG2 1 
ATOM   1351 N N   . THR B 1 72 ? -2.415  -0.531  -11.142 1.00 11.19 ? 72   THR B N   1 
ATOM   1352 C CA  . THR B 1 72 ? -1.087  -0.381  -11.729 1.00 11.69 ? 72   THR B CA  1 
ATOM   1353 C C   . THR B 1 72 ? -0.197  0.545   -10.918 1.00 11.65 ? 72   THR B C   1 
ATOM   1354 O O   . THR B 1 72 ? 1.032   0.384   -10.923 1.00 11.80 ? 72   THR B O   1 
ATOM   1355 C CB  . THR B 1 72 ? -1.158  0.103   -13.171 1.00 11.95 ? 72   THR B CB  1 
ATOM   1356 O OG1 . THR B 1 72 ? -1.831  1.365   -13.230 1.00 14.19 ? 72   THR B OG1 1 
ATOM   1357 C CG2 . THR B 1 72 ? -1.979  -0.856  -14.030 1.00 13.86 ? 72   THR B CG2 1 
ATOM   1358 N N   . ARG B 1 73 ? -0.788  1.516   -10.231 1.00 11.41 ? 73   ARG B N   1 
ATOM   1359 C CA  . ARG B 1 73 ? -0.025  2.361   -9.321  1.00 12.50 ? 73   ARG B CA  1 
ATOM   1360 C C   . ARG B 1 73 ? -0.936  3.061   -8.337  1.00 11.59 ? 73   ARG B C   1 
ATOM   1361 O O   . ARG B 1 73 ? -2.117  3.280   -8.613  1.00 10.95 ? 73   ARG B O   1 
ATOM   1362 C CB  . ARG B 1 73 ? 0.824   3.370   -10.091 1.00 14.59 ? 73   ARG B CB  1 
ATOM   1363 C CG  . ARG B 1 73 ? 0.137   4.582   -10.598 1.00 16.56 ? 73   ARG B CG  1 
ATOM   1364 C CD  A ARG B 1 73 ? 1.113   5.629   -11.140 0.50 16.11 ? 73   ARG B CD  1 
ATOM   1365 C CD  B ARG B 1 73 ? 1.083   5.646   -11.173 0.50 14.48 ? 73   ARG B CD  1 
ATOM   1366 N NE  A ARG B 1 73 ? 0.510   6.531   -12.116 0.50 19.20 ? 73   ARG B NE  1 
ATOM   1367 N NE  B ARG B 1 73 ? 0.402   6.872   -11.595 0.50 16.00 ? 73   ARG B NE  1 
ATOM   1368 C CZ  A ARG B 1 73 ? 1.109   7.613   -12.610 0.50 20.76 ? 73   ARG B CZ  1 
ATOM   1369 C CZ  B ARG B 1 73 ? -0.241  7.026   -12.762 0.50 14.67 ? 73   ARG B CZ  1 
ATOM   1370 N NH1 A ARG B 1 73 ? 2.340   7.943   -12.222 0.50 21.75 ? 73   ARG B NH1 1 
ATOM   1371 N NH1 B ARG B 1 73 ? -0.371  6.016   -13.617 0.50 14.83 ? 73   ARG B NH1 1 
ATOM   1372 N NH2 A ARG B 1 73 ? 0.473   8.375   -13.495 0.50 21.56 ? 73   ARG B NH2 1 
ATOM   1373 N NH2 B ARG B 1 73 ? -0.803  8.193   -13.048 0.50 15.86 ? 73   ARG B NH2 1 
ATOM   1374 N N   . VAL B 1 74 ? -0.367  3.411   -7.190  1.00 10.62 ? 74   VAL B N   1 
ATOM   1375 C CA  . VAL B 1 74 ? -1.017  4.262   -6.201  1.00 11.18 ? 74   VAL B CA  1 
ATOM   1376 C C   . VAL B 1 74 ? -0.052  5.404   -5.899  1.00 11.82 ? 74   VAL B C   1 
ATOM   1377 O O   . VAL B 1 74 ? 1.099   5.156   -5.526  1.00 12.30 ? 74   VAL B O   1 
ATOM   1378 C CB  . VAL B 1 74 ? -1.337  3.482   -4.923  1.00 10.77 ? 74   VAL B CB  1 
ATOM   1379 C CG1 . VAL B 1 74 ? -1.822  4.426   -3.799  1.00 11.62 ? 74   VAL B CG1 1 
ATOM   1380 C CG2 . VAL B 1 74 ? -2.379  2.401   -5.225  1.00 11.66 ? 74   VAL B CG2 1 
ATOM   1381 N N   . GLU B 1 75 ? -0.517  6.632   -6.110  1.00 11.78 ? 75   GLU B N   1 
ATOM   1382 C CA  . GLU B 1 75 ? 0.196   7.847   -5.706  1.00 12.66 ? 75   GLU B CA  1 
ATOM   1383 C C   . GLU B 1 75 ? -0.304  8.239   -4.340  1.00 12.80 ? 75   GLU B C   1 
ATOM   1384 O O   . GLU B 1 75 ? -1.514  8.177   -4.075  1.00 12.63 ? 75   GLU B O   1 
ATOM   1385 C CB  . GLU B 1 75 ? -0.042  8.961   -6.723  1.00 12.69 ? 75   GLU B CB  1 
ATOM   1386 C CG  . GLU B 1 75 ? 0.519   8.607   -8.084  1.00 14.14 ? 75   GLU B CG  1 
ATOM   1387 C CD  . GLU B 1 75 ? 0.148   9.553   -9.201  1.00 16.66 ? 75   GLU B CD  1 
ATOM   1388 O OE1 . GLU B 1 75 ? 0.729   9.391   -10.293 1.00 20.88 ? 75   GLU B OE1 1 
ATOM   1389 O OE2 . GLU B 1 75 ? -0.742  10.407  -9.024  1.00 20.88 ? 75   GLU B OE2 1 
ATOM   1390 N N   . VAL B 1 76 ? 0.600   8.638   -3.457  1.00 12.37 ? 76   VAL B N   1 
ATOM   1391 C CA  . VAL B 1 76 ? 0.227   8.903   -2.074  1.00 13.42 ? 76   VAL B CA  1 
ATOM   1392 C C   . VAL B 1 76 ? 0.806   10.244  -1.632  1.00 14.33 ? 76   VAL B C   1 
ATOM   1393 O O   . VAL B 1 76 ? 1.948   10.570  -1.969  1.00 14.62 ? 76   VAL B O   1 
ATOM   1394 C CB  . VAL B 1 76 ? 0.682   7.768   -1.120  1.00 13.30 ? 76   VAL B CB  1 
ATOM   1395 C CG1 . VAL B 1 76 ? 2.184   7.484   -1.239  1.00 14.03 ? 76   VAL B CG1 1 
ATOM   1396 C CG2 . VAL B 1 76 ? 0.291   8.074   0.307   1.00 13.90 ? 76   VAL B CG2 1 
ATOM   1397 N N   . LYS B 1 77 ? -0.019  11.010  -0.921  1.00 15.64 ? 77   LYS B N   1 
ATOM   1398 C CA  . LYS B 1 77 ? 0.411   12.213  -0.220  1.00 16.05 ? 77   LYS B CA  1 
ATOM   1399 C C   . LYS B 1 77 ? -0.053  12.100  1.214   1.00 15.56 ? 77   LYS B C   1 
ATOM   1400 O O   . LYS B 1 77 ? -1.239  11.887  1.463   1.00 15.20 ? 77   LYS B O   1 
ATOM   1401 C CB  . LYS B 1 77 ? -0.218  13.439  -0.877  1.00 17.02 ? 77   LYS B CB  1 
ATOM   1402 C CG  . LYS B 1 77 ? 0.127   14.751  -0.210  1.00 18.66 ? 77   LYS B CG  1 
ATOM   1403 C CD  . LYS B 1 77 ? -0.521  15.914  -0.927  1.00 21.11 ? 77   LYS B CD  1 
ATOM   1404 C CE  . LYS B 1 77 ? -0.279  17.201  -0.168  1.00 24.02 ? 77   LYS B CE  1 
ATOM   1405 N NZ  . LYS B 1 77 ? 1.172   17.426  0.066   1.00 28.09 ? 77   LYS B NZ  1 
ATOM   1406 N N   . TRP B 1 78 ? 0.862   12.256  2.165   1.00 15.44 ? 78   TRP B N   1 
ATOM   1407 C CA  . TRP B 1 78 ? 0.508   12.239  3.566   1.00 15.43 ? 78   TRP B CA  1 
ATOM   1408 C C   . TRP B 1 78 ? 0.144   13.651  3.999   1.00 15.64 ? 78   TRP B C   1 
ATOM   1409 O O   . TRP B 1 78 ? 0.826   14.606  3.626   1.00 16.68 ? 78   TRP B O   1 
ATOM   1410 C CB  . TRP B 1 78 ? 1.661   11.682  4.398   1.00 15.12 ? 78   TRP B CB  1 
ATOM   1411 C CG  . TRP B 1 78 ? 1.907   10.252  4.079   1.00 14.40 ? 78   TRP B CG  1 
ATOM   1412 C CD1 . TRP B 1 78 ? 2.853   9.746   3.235   1.00 14.67 ? 78   TRP B CD1 1 
ATOM   1413 C CD2 . TRP B 1 78 ? 1.160   9.138   4.565   1.00 13.18 ? 78   TRP B CD2 1 
ATOM   1414 N NE1 . TRP B 1 78 ? 2.746   8.377   3.177   1.00 14.10 ? 78   TRP B NE1 1 
ATOM   1415 C CE2 . TRP B 1 78 ? 1.722   7.972   3.990   1.00 13.44 ? 78   TRP B CE2 1 
ATOM   1416 C CE3 . TRP B 1 78 ? 0.083   8.995   5.444   1.00 14.34 ? 78   TRP B CE3 1 
ATOM   1417 C CZ2 . TRP B 1 78 ? 1.236   6.694   4.257   1.00 14.26 ? 78   TRP B CZ2 1 
ATOM   1418 C CZ3 . TRP B 1 78 ? -0.392  7.720   5.722   1.00 14.56 ? 78   TRP B CZ3 1 
ATOM   1419 C CH2 . TRP B 1 78 ? 0.182   6.585   5.119   1.00 14.77 ? 78   TRP B CH2 1 
ATOM   1420 N N   . GLU B 1 79 ? -0.952  13.765  4.745   1.00 15.36 ? 79   GLU B N   1 
ATOM   1421 C CA  . GLU B 1 79 ? -1.543  15.069  5.080   1.00 16.46 ? 79   GLU B CA  1 
ATOM   1422 C C   . GLU B 1 79 ? -1.811  15.152  6.574   1.00 16.93 ? 79   GLU B C   1 
ATOM   1423 O O   . GLU B 1 79 ? -1.769  14.166  7.296   1.00 16.77 ? 79   GLU B O   1 
ATOM   1424 C CB  . GLU B 1 79 ? -2.834  15.265  4.281   1.00 16.15 ? 79   GLU B CB  1 
ATOM   1425 C CG  . GLU B 1 79 ? -2.610  15.327  2.779   1.00 16.69 ? 79   GLU B CG  1 
ATOM   1426 C CD  . GLU B 1 79 ? -3.882  15.455  1.963   1.00 16.78 ? 79   GLU B CD  1 
ATOM   1427 O OE1 . GLU B 1 79 ? -4.963  15.115  2.473   1.00 19.00 ? 79   GLU B OE1 1 
ATOM   1428 O OE2 . GLU B 1 79 ? -3.794  15.885  0.800   1.00 19.59 ? 79   GLU B OE2 1 
ATOM   1429 N N   . GLN B 1 80 ? -2.082  16.369  7.044   1.00 18.55 ? 80   GLN B N   1 
ATOM   1430 C CA  . GLN B 1 80 ? -2.474  16.570  8.430   1.00 18.96 ? 80   GLN B CA  1 
ATOM   1431 C C   . GLN B 1 80 ? -3.913  16.066  8.631   1.00 18.68 ? 80   GLN B C   1 
ATOM   1432 O O   . GLN B 1 80 ? -4.811  16.472  7.888   1.00 18.51 ? 80   GLN B O   1 
ATOM   1433 C CB  A GLN B 1 80 ? -2.342  18.046  8.816   0.50 19.69 ? 80   GLN B CB  1 
ATOM   1434 C CB  B GLN B 1 80 ? -2.363  18.061  8.805   0.50 19.46 ? 80   GLN B CB  1 
ATOM   1435 C CG  A GLN B 1 80 ? -0.926  18.616  8.647   0.50 21.12 ? 80   GLN B CG  1 
ATOM   1436 C CG  B GLN B 1 80 ? -3.235  18.547  9.988   0.50 19.86 ? 80   GLN B CG  1 
ATOM   1437 C CD  A GLN B 1 80 ? 0.134   17.849  9.430   0.50 23.50 ? 80   GLN B CD  1 
ATOM   1438 C CD  B GLN B 1 80 ? -2.797  18.017  11.344  0.50 21.72 ? 80   GLN B CD  1 
ATOM   1439 O OE1 A GLN B 1 80 ? -0.113  17.399  10.551  0.50 25.27 ? 80   GLN B OE1 1 
ATOM   1440 O OE1 B GLN B 1 80 ? -1.603  18.021  11.662  0.50 24.77 ? 80   GLN B OE1 1 
ATOM   1441 N NE2 A GLN B 1 80 ? 1.319   17.702  8.838   0.50 25.72 ? 80   GLN B NE2 1 
ATOM   1442 N NE2 B GLN B 1 80 ? -3.762  17.585  12.161  0.50 19.48 ? 80   GLN B NE2 1 
ATOM   1443 N N   . PRO B 1 81 ? -4.131  15.184  9.603   1.00 18.59 ? 81   PRO B N   1 
ATOM   1444 C CA  . PRO B 1 81 ? -5.477  14.693  9.894   1.00 19.25 ? 81   PRO B CA  1 
ATOM   1445 C C   . PRO B 1 81 ? -6.485  15.820  10.167  1.00 19.89 ? 81   PRO B C   1 
ATOM   1446 O O   . PRO B 1 81 ? -6.154  16.808  10.845  1.00 20.65 ? 81   PRO B O   1 
ATOM   1447 C CB  . PRO B 1 81 ? -5.274  13.809  11.116  1.00 19.01 ? 81   PRO B CB  1 
ATOM   1448 C CG  . PRO B 1 81 ? -3.833  13.368  11.019  1.00 18.96 ? 81   PRO B CG  1 
ATOM   1449 C CD  . PRO B 1 81 ? -3.118  14.537  10.457  1.00 18.66 ? 81   PRO B CD  1 
ATOM   1450 N N   . LYS B 1 82 ? -7.686  15.675  9.614   1.00 20.60 ? 82   LYS B N   1 
ATOM   1451 C CA  . LYS B 1 82 ? -8.727  16.707  9.688   1.00 21.57 ? 82   LYS B CA  1 
ATOM   1452 C C   . LYS B 1 82 ? -9.886  16.371  10.611  1.00 22.04 ? 82   LYS B C   1 
ATOM   1453 O O   . LYS B 1 82 ? -10.684 17.259  10.928  1.00 23.10 ? 82   LYS B O   1 
ATOM   1454 C CB  . LYS B 1 82 ? -9.287  16.995  8.297   1.00 22.00 ? 82   LYS B CB  1 
ATOM   1455 C CG  . LYS B 1 82 ? -8.282  17.545  7.321   1.00 23.48 ? 82   LYS B CG  1 
ATOM   1456 C CD  . LYS B 1 82 ? -8.960  17.981  6.048   1.00 23.67 ? 82   LYS B CD  1 
ATOM   1457 C CE  . LYS B 1 82 ? -7.979  18.469  5.027   1.00 25.16 ? 82   LYS B CE  1 
ATOM   1458 N NZ  . LYS B 1 82 ? -8.701  19.033  3.857   1.00 28.41 ? 82   LYS B NZ  1 
ATOM   1459 N N   . GLY B 1 83 ? -9.994  15.121  11.051  1.00 21.67 ? 83   GLY B N   1 
ATOM   1460 C CA  . GLY B 1 83 ? -11.131 14.679  11.855  1.00 21.51 ? 83   GLY B CA  1 
ATOM   1461 C C   . GLY B 1 83 ? -12.237 14.026  11.048  1.00 21.77 ? 83   GLY B C   1 
ATOM   1462 O O   . GLY B 1 83 ? -13.425 14.228  11.317  1.00 22.50 ? 83   GLY B O   1 
ATOM   1463 N N   . GLU B 1 84 ? -11.857 13.217  10.065  1.00 21.11 ? 84   GLU B N   1 
ATOM   1464 C CA  . GLU B 1 84 ? -12.840 12.425  9.324   1.00 20.84 ? 84   GLU B CA  1 
ATOM   1465 C C   . GLU B 1 84 ? -13.542 11.449  10.264  1.00 20.55 ? 84   GLU B C   1 
ATOM   1466 O O   . GLU B 1 84 ? -12.939 10.920  11.198  1.00 20.27 ? 84   GLU B O   1 
ATOM   1467 C CB  . GLU B 1 84 ? -12.160 11.639  8.189   1.00 20.25 ? 84   GLU B CB  1 
ATOM   1468 C CG  . GLU B 1 84 ? -11.350 12.479  7.206   1.00 20.35 ? 84   GLU B CG  1 
ATOM   1469 C CD  . GLU B 1 84 ? -12.189 13.343  6.280   1.00 20.66 ? 84   GLU B CD  1 
ATOM   1470 O OE1 . GLU B 1 84 ? -11.661 14.365  5.784   1.00 20.95 ? 84   GLU B OE1 1 
ATOM   1471 O OE2 . GLU B 1 84 ? -13.357 12.995  6.011   1.00 21.59 ? 84   GLU B OE2 1 
ATOM   1472 N N   . LYS B 1 85 ? -14.824 11.201  10.011  1.00 21.26 ? 85   LYS B N   1 
ATOM   1473 C CA  . LYS B 1 85 ? -15.587 10.257  10.818  1.00 21.24 ? 85   LYS B CA  1 
ATOM   1474 C C   . LYS B 1 85 ? -16.504 9.435   9.925   1.00 20.37 ? 85   LYS B C   1 
ATOM   1475 O O   . LYS B 1 85 ? -17.371 9.981   9.256   1.00 20.46 ? 85   LYS B O   1 
ATOM   1476 C CB  . LYS B 1 85 ? -16.414 10.992  11.873  1.00 21.88 ? 85   LYS B CB  1 
ATOM   1477 C CG  . LYS B 1 85 ? -17.098 10.053  12.857  1.00 23.56 ? 85   LYS B CG  1 
ATOM   1478 C CD  . LYS B 1 85 ? -18.051 10.792  13.771  1.00 24.90 ? 85   LYS B CD  1 
ATOM   1479 C CE  . LYS B 1 85 ? -17.311 11.602  14.814  1.00 28.10 ? 85   LYS B CE  1 
ATOM   1480 N NZ  . LYS B 1 85 ? -18.272 12.279  15.745  1.00 29.76 ? 85   LYS B NZ  1 
ATOM   1481 N N   . GLY B 1 86 ? -16.286 8.128   9.930   1.00 19.38 ? 86   GLY B N   1 
ATOM   1482 C CA  . GLY B 1 86 ? -16.941 7.218   9.010   1.00 18.64 ? 86   GLY B CA  1 
ATOM   1483 C C   . GLY B 1 86 ? -16.262 7.231   7.658   1.00 17.68 ? 86   GLY B C   1 
ATOM   1484 O O   . GLY B 1 86 ? -15.434 8.094   7.373   1.00 17.23 ? 86   GLY B O   1 
ATOM   1485 N N   . PHE B 1 87 ? -16.640 6.273   6.820   1.00 17.13 ? 87   PHE B N   1 
ATOM   1486 C CA  . PHE B 1 87 ? -16.123 6.185   5.458   1.00 17.06 ? 87   PHE B CA  1 
ATOM   1487 C C   . PHE B 1 87 ? -17.297 6.189   4.502   1.00 16.99 ? 87   PHE B C   1 
ATOM   1488 O O   . PHE B 1 87 ? -18.274 5.483   4.735   1.00 18.57 ? 87   PHE B O   1 
ATOM   1489 C CB  . PHE B 1 87 ? -15.297 4.908   5.276   1.00 16.53 ? 87   PHE B CB  1 
ATOM   1490 C CG  . PHE B 1 87 ? -14.384 4.950   4.073   1.00 15.96 ? 87   PHE B CG  1 
ATOM   1491 C CD1 . PHE B 1 87 ? -13.078 5.387   4.196   1.00 15.67 ? 87   PHE B CD1 1 
ATOM   1492 C CD2 . PHE B 1 87 ? -14.838 4.572   2.821   1.00 14.44 ? 87   PHE B CD2 1 
ATOM   1493 C CE1 . PHE B 1 87 ? -12.253 5.448   3.103   1.00 16.01 ? 87   PHE B CE1 1 
ATOM   1494 C CE2 . PHE B 1 87 ? -14.004 4.618   1.722   1.00 14.15 ? 87   PHE B CE2 1 
ATOM   1495 C CZ  . PHE B 1 87 ? -12.722 5.062   1.862   1.00 14.40 ? 87   PHE B CZ  1 
ATOM   1496 N N   . ARG B 1 88 ? -17.212 6.983   3.442   1.00 16.64 ? 88   ARG B N   1 
ATOM   1497 C CA  . ARG B 1 88 ? -18.317 7.080   2.491   1.00 17.37 ? 88   ARG B CA  1 
ATOM   1498 C C   . ARG B 1 88 ? -17.821 7.208   1.058   1.00 16.47 ? 88   ARG B C   1 
ATOM   1499 O O   . ARG B 1 88 ? -16.658 7.542   0.813   1.00 15.54 ? 88   ARG B O   1 
ATOM   1500 C CB  . ARG B 1 88 ? -19.229 8.263   2.846   1.00 18.17 ? 88   ARG B CB  1 
ATOM   1501 C CG  . ARG B 1 88 ? -18.685 9.612   2.486   1.00 20.33 ? 88   ARG B CG  1 
ATOM   1502 C CD  . ARG B 1 88 ? -19.478 10.789  3.080   1.00 21.70 ? 88   ARG B CD  1 
ATOM   1503 N NE  . ARG B 1 88 ? -19.131 12.060  2.443   1.00 24.75 ? 88   ARG B NE  1 
ATOM   1504 C CZ  . ARG B 1 88 ? -18.025 12.769  2.691   1.00 26.38 ? 88   ARG B CZ  1 
ATOM   1505 N NH1 . ARG B 1 88 ? -17.125 12.343  3.572   1.00 25.92 ? 88   ARG B NH1 1 
ATOM   1506 N NH2 . ARG B 1 88 ? -17.816 13.917  2.049   1.00 26.89 ? 88   ARG B NH2 1 
ATOM   1507 N N   . ILE B 1 89 ? -18.720 6.944   0.120   1.00 15.45 ? 89   ILE B N   1 
ATOM   1508 C CA  . ILE B 1 89 ? -18.458 7.096   -1.300  1.00 16.16 ? 89   ILE B CA  1 
ATOM   1509 C C   . ILE B 1 89 ? -19.051 8.432   -1.708  1.00 17.01 ? 89   ILE B C   1 
ATOM   1510 O O   . ILE B 1 89 ? -20.232 8.709   -1.430  1.00 17.31 ? 89   ILE B O   1 
ATOM   1511 C CB  . ILE B 1 89 ? -19.095 5.935   -2.099  1.00 15.07 ? 89   ILE B CB  1 
ATOM   1512 C CG1 . ILE B 1 89 ? -18.543 4.592   -1.617  1.00 15.36 ? 89   ILE B CG1 1 
ATOM   1513 C CG2 . ILE B 1 89 ? -18.883 6.129   -3.593  1.00 15.61 ? 89   ILE B CG2 1 
ATOM   1514 C CD1 . ILE B 1 89 ? -19.292 3.402   -2.178  1.00 15.53 ? 89   ILE B CD1 1 
ATOM   1515 N N   . VAL B 1 90 ? -18.245 9.270   -2.346  1.00 18.10 ? 90   VAL B N   1 
ATOM   1516 C CA  . VAL B 1 90 ? -18.670 10.622  -2.682  1.00 19.61 ? 90   VAL B CA  1 
ATOM   1517 C C   . VAL B 1 90 ? -18.649 10.944  -4.161  1.00 21.17 ? 90   VAL B C   1 
ATOM   1518 O O   . VAL B 1 90 ? -18.923 12.097  -4.528  1.00 23.64 ? 90   VAL B O   1 
ATOM   1519 C CB  . VAL B 1 90 ? -17.833 11.685  -1.921  1.00 19.98 ? 90   VAL B CB  1 
ATOM   1520 C CG1 . VAL B 1 90 ? -17.951 11.466  -0.450  1.00 20.51 ? 90   VAL B CG1 1 
ATOM   1521 C CG2 . VAL B 1 90 ? -16.371 11.652  -2.336  1.00 21.35 ? 90   VAL B CG2 1 
ATOM   1522 N N   . GLY B 1 91 ? -18.336 9.991   -5.031  1.00 21.34 ? 91   GLY B N   1 
ATOM   1523 C CA  . GLY B 1 91 ? -18.381 10.312  -6.464  1.00 22.45 ? 91   GLY B CA  1 
ATOM   1524 C C   . GLY B 1 91 ? -17.949 9.207   -7.401  1.00 23.34 ? 91   GLY B C   1 
ATOM   1525 O O   . GLY B 1 91 ? -17.586 8.157   -6.928  1.00 22.59 ? 91   GLY B O   1 
ATOM   1526 O OXT . GLY B 1 91 ? -17.972 9.357   -8.637  1.00 25.88 ? 91   GLY B OXT 1 
HETATM 1527 C C   . FMT C 2 .  ? 19.369  1.156   3.967   1.00 14.74 ? 1092 FMT A C   1 
HETATM 1528 O O1  . FMT C 2 .  ? 18.307  0.860   4.521   1.00 14.35 ? 1092 FMT A O1  1 
HETATM 1529 O O2  . FMT C 2 .  ? 19.420  1.639   2.849   1.00 15.21 ? 1092 FMT A O2  1 
HETATM 1530 C C   . FMT D 2 .  ? 24.636  0.723   -0.550  1.00 27.43 ? 1093 FMT A C   1 
HETATM 1531 O O1  . FMT D 2 .  ? 24.546  0.844   0.672   1.00 27.62 ? 1093 FMT A O1  1 
HETATM 1532 O O2  . FMT D 2 .  ? 23.805  0.072   -1.180  1.00 26.67 ? 1093 FMT A O2  1 
HETATM 1533 C C   . FMT E 2 .  ? -18.319 0.713   -7.444  1.00 14.67 ? 1092 FMT B C   1 
HETATM 1534 O O1  . FMT E 2 .  ? -17.569 0.320   -6.555  1.00 13.66 ? 1092 FMT B O1  1 
HETATM 1535 O O2  . FMT E 2 .  ? -17.947 1.383   -8.403  1.00 16.13 ? 1092 FMT B O2  1 
HETATM 1536 C C   . FMT F 2 .  ? -15.247 15.166  -0.367  1.00 48.65 ? 1093 FMT B C   1 
HETATM 1537 O O1  . FMT F 2 .  ? -15.326 15.511  0.821   1.00 48.60 ? 1093 FMT B O1  1 
HETATM 1538 O O2  . FMT F 2 .  ? -14.599 15.815  -1.199  1.00 48.71 ? 1093 FMT B O2  1 
HETATM 1539 O O   . HOH G 3 .  ? -3.510  -16.396 -3.664  1.00 39.11 ? 2001 HOH A O   1 
HETATM 1540 O O   . HOH G 3 .  ? -1.050  -15.929 -5.388  1.00 21.36 ? 2002 HOH A O   1 
HETATM 1541 O O   . HOH G 3 .  ? -3.080  -19.739 -1.157  1.00 36.79 ? 2003 HOH A O   1 
HETATM 1542 O O   . HOH G 3 .  ? 6.275   -3.697  -9.719  1.00 27.61 ? 2004 HOH A O   1 
HETATM 1543 O O   . HOH G 3 .  ? 23.365  3.088   -13.827 1.00 43.19 ? 2005 HOH A O   1 
HETATM 1544 O O   . HOH G 3 .  ? 7.875   -5.154  -11.313 1.00 48.19 ? 2006 HOH A O   1 
HETATM 1545 O O   . HOH G 3 .  ? 14.342  -7.687  13.271  1.00 35.64 ? 2007 HOH A O   1 
HETATM 1546 O O   . HOH G 3 .  ? 10.806  -9.476  14.608  1.00 44.48 ? 2008 HOH A O   1 
HETATM 1547 O O   . HOH G 3 .  ? 19.577  -12.072 5.303   1.00 42.88 ? 2009 HOH A O   1 
HETATM 1548 O O   . HOH G 3 .  ? 14.661  11.530  -4.771  1.00 36.16 ? 2010 HOH A O   1 
HETATM 1549 O O   . HOH G 3 .  ? 12.516  7.239   -6.348  1.00 16.46 ? 2011 HOH A O   1 
HETATM 1550 O O   . HOH G 3 .  ? 13.738  9.552   -5.786  1.00 21.01 ? 2012 HOH A O   1 
HETATM 1551 O O   . HOH G 3 .  ? 10.991  13.606  5.744   1.00 54.62 ? 2013 HOH A O   1 
HETATM 1552 O O   . HOH G 3 .  ? 18.720  10.512  1.087   1.00 38.37 ? 2014 HOH A O   1 
HETATM 1553 O O   . HOH G 3 .  ? 14.355  -17.843 7.786   1.00 41.64 ? 2015 HOH A O   1 
HETATM 1554 O O   . HOH G 3 .  ? 17.095  -11.932 -5.273  1.00 34.43 ? 2016 HOH A O   1 
HETATM 1555 O O   . HOH G 3 .  ? 22.090  -1.692  -9.620  1.00 27.88 ? 2017 HOH A O   1 
HETATM 1556 O O   . HOH G 3 .  ? 24.286  2.398   -11.463 1.00 38.69 ? 2018 HOH A O   1 
HETATM 1557 O O   . HOH G 3 .  ? 20.300  5.734   -6.884  1.00 42.25 ? 2019 HOH A O   1 
HETATM 1558 O O   . HOH G 3 .  ? 18.220  2.923   -14.135 1.00 44.31 ? 2020 HOH A O   1 
HETATM 1559 O O   . HOH G 3 .  ? 12.479  6.909   -11.529 1.00 52.06 ? 2021 HOH A O   1 
HETATM 1560 O O   . HOH G 3 .  ? 20.017  3.615   0.782   1.00 17.17 ? 2022 HOH A O   1 
HETATM 1561 O O   . HOH G 3 .  ? 21.890  8.818   4.176   1.00 16.73 ? 2023 HOH A O   1 
HETATM 1562 O O   . HOH G 3 .  ? 12.198  -10.591 -9.709  1.00 50.81 ? 2024 HOH A O   1 
HETATM 1563 O O   . HOH G 3 .  ? 14.198  7.225   8.502   1.00 16.00 ? 2025 HOH A O   1 
HETATM 1564 O O   . HOH G 3 .  ? 17.318  3.664   2.525   1.00 13.76 ? 2026 HOH A O   1 
HETATM 1565 O O   . HOH G 3 .  ? 16.737  -5.143  9.432   1.00 20.79 ? 2027 HOH A O   1 
HETATM 1566 O O   . HOH G 3 .  ? 11.707  -7.347  13.336  1.00 24.32 ? 2028 HOH A O   1 
HETATM 1567 O O   . HOH G 3 .  ? 17.687  -3.522  11.343  1.00 20.81 ? 2029 HOH A O   1 
HETATM 1568 O O   . HOH G 3 .  ? 10.483  12.837  -4.383  1.00 41.90 ? 2030 HOH A O   1 
HETATM 1569 O O   . HOH G 3 .  ? 4.117   0.292   12.102  1.00 52.93 ? 2031 HOH A O   1 
HETATM 1570 O O   . HOH G 3 .  ? 2.804   -3.442  10.131  1.00 40.19 ? 2032 HOH A O   1 
HETATM 1571 O O   . HOH G 3 .  ? 11.047  -1.712  13.401  1.00 46.68 ? 2033 HOH A O   1 
HETATM 1572 O O   . HOH G 3 .  ? 10.753  -0.811  10.890  1.00 49.42 ? 2034 HOH A O   1 
HETATM 1573 O O   . HOH G 3 .  ? 9.147   -0.832  -14.142 1.00 63.24 ? 2035 HOH A O   1 
HETATM 1574 O O   . HOH G 3 .  ? 17.241  -13.810 6.231   1.00 43.04 ? 2036 HOH A O   1 
HETATM 1575 O O   . HOH G 3 .  ? 15.672  -7.205  11.003  1.00 25.74 ? 2037 HOH A O   1 
HETATM 1576 O O   . HOH G 3 .  ? 14.539  -13.150 7.595   1.00 27.48 ? 2038 HOH A O   1 
HETATM 1577 O O   . HOH G 3 .  ? 6.065   -10.271 15.568  1.00 46.46 ? 2039 HOH A O   1 
HETATM 1578 O O   . HOH G 3 .  ? 10.506  -13.066 7.425   1.00 33.98 ? 2040 HOH A O   1 
HETATM 1579 O O   . HOH G 3 .  ? 7.815   -17.643 7.291   1.00 41.25 ? 2041 HOH A O   1 
HETATM 1580 O O   . HOH G 3 .  ? 11.209  -17.942 6.629   1.00 36.52 ? 2042 HOH A O   1 
HETATM 1581 O O   . HOH G 3 .  ? 19.227  -7.847  -11.456 1.00 42.92 ? 2043 HOH A O   1 
HETATM 1582 O O   . HOH G 3 .  ? 18.874  -9.900  -10.001 1.00 38.31 ? 2044 HOH A O   1 
HETATM 1583 O O   . HOH G 3 .  ? 17.004  -10.624 -7.258  1.00 51.00 ? 2045 HOH A O   1 
HETATM 1584 O O   . HOH G 3 .  ? 16.522  2.364   0.325   1.00 13.08 ? 2046 HOH A O   1 
HETATM 1585 O O   . HOH G 3 .  ? 20.112  -3.756  -6.620  1.00 20.96 ? 2047 HOH A O   1 
HETATM 1586 O O   . HOH G 3 .  ? 22.270  2.515   -3.432  1.00 37.94 ? 2048 HOH A O   1 
HETATM 1587 O O   . HOH G 3 .  ? 21.238  -0.008  -7.306  1.00 28.37 ? 2049 HOH A O   1 
HETATM 1588 O O   . HOH G 3 .  ? 23.075  4.429   -9.090  1.00 55.54 ? 2050 HOH A O   1 
HETATM 1589 O O   . HOH G 3 .  ? 14.442  9.622   -8.146  1.00 40.63 ? 2051 HOH A O   1 
HETATM 1590 O O   . HOH G 3 .  ? 16.708  1.423   -12.342 1.00 36.82 ? 2052 HOH A O   1 
HETATM 1591 O O   . HOH G 3 .  ? 13.034  7.100   -9.023  1.00 31.31 ? 2053 HOH A O   1 
HETATM 1592 O O   . HOH G 3 .  ? 15.959  8.677   -11.645 1.00 48.43 ? 2054 HOH A O   1 
HETATM 1593 O O   . HOH G 3 .  ? 15.582  7.979   -3.356  1.00 28.84 ? 2055 HOH A O   1 
HETATM 1594 O O   . HOH G 3 .  ? 14.682  -4.067  -11.809 1.00 41.65 ? 2056 HOH A O   1 
HETATM 1595 O O   . HOH G 3 .  ? 13.535  -7.521  -11.075 1.00 37.97 ? 2057 HOH A O   1 
HETATM 1596 O O   . HOH G 3 .  ? -4.722  -13.458 5.022   1.00 39.32 ? 2058 HOH A O   1 
HETATM 1597 O O   . HOH G 3 .  ? -3.309  -18.748 3.877   1.00 54.65 ? 2059 HOH A O   1 
HETATM 1598 O O   . HOH G 3 .  ? 2.947   -15.066 5.899   1.00 24.13 ? 2060 HOH A O   1 
HETATM 1599 O O   . HOH G 3 .  ? -3.740  -9.605  -1.651  1.00 25.64 ? 2061 HOH A O   1 
HETATM 1600 O O   . HOH G 3 .  ? -8.163  -13.920 -1.213  1.00 60.67 ? 2062 HOH A O   1 
HETATM 1601 O O   . HOH G 3 .  ? -5.974  -13.814 -3.048  1.00 58.91 ? 2063 HOH A O   1 
HETATM 1602 O O   . HOH G 3 .  ? -3.517  -6.276  6.572   1.00 16.35 ? 2064 HOH A O   1 
HETATM 1603 O O   . HOH G 3 .  ? -7.209  -8.953  0.031   1.00 27.30 ? 2065 HOH A O   1 
HETATM 1604 O O   . HOH G 3 .  ? -7.640  -7.786  3.276   1.00 42.46 ? 2066 HOH A O   1 
HETATM 1605 O O   . HOH G 3 .  ? 8.533   2.651   10.456  1.00 35.31 ? 2067 HOH A O   1 
HETATM 1606 O O   . HOH G 3 .  ? 6.418   8.496   3.131   1.00 16.57 ? 2068 HOH A O   1 
HETATM 1607 O O   . HOH G 3 .  ? 2.052   10.790  7.996   1.00 30.56 ? 2069 HOH A O   1 
HETATM 1608 O O   . HOH G 3 .  ? 6.651   8.626   9.363   1.00 39.80 ? 2070 HOH A O   1 
HETATM 1609 O O   . HOH G 3 .  ? 6.206   10.694  4.999   1.00 25.10 ? 2071 HOH A O   1 
HETATM 1610 O O   . HOH G 3 .  ? 7.924   8.213   6.617   1.00 19.31 ? 2072 HOH A O   1 
HETATM 1611 O O   . HOH G 3 .  ? 8.727   12.850  6.085   1.00 33.80 ? 2073 HOH A O   1 
HETATM 1612 O O   . HOH G 3 .  ? 6.851   11.143  8.158   1.00 40.29 ? 2074 HOH A O   1 
HETATM 1613 O O   . HOH G 3 .  ? 8.364   10.483  6.291   1.00 17.11 ? 2075 HOH A O   1 
HETATM 1614 O O   . HOH G 3 .  ? 9.358   13.318  -2.035  1.00 47.21 ? 2076 HOH A O   1 
HETATM 1615 O O   . HOH G 3 .  ? 3.378   10.761  -7.561  1.00 46.62 ? 2077 HOH A O   1 
HETATM 1616 O O   . HOH G 3 .  ? 9.052   10.992  -6.674  1.00 32.59 ? 2078 HOH A O   1 
HETATM 1617 O O   . HOH G 3 .  ? 5.754   9.528   -7.824  1.00 28.43 ? 2079 HOH A O   1 
HETATM 1618 O O   . HOH G 3 .  ? 2.378   11.435  -5.178  1.00 22.53 ? 2080 HOH A O   1 
HETATM 1619 O O   . HOH G 3 .  ? 9.614   9.628   -8.791  1.00 57.79 ? 2081 HOH A O   1 
HETATM 1620 O O   . HOH G 3 .  ? 2.704   2.620   -13.629 1.00 40.86 ? 2082 HOH A O   1 
HETATM 1621 O O   . HOH G 3 .  ? 6.505   -1.442  -11.683 1.00 39.62 ? 2083 HOH A O   1 
HETATM 1622 O O   . HOH G 3 .  ? 7.337   3.361   -13.357 1.00 54.99 ? 2084 HOH A O   1 
HETATM 1623 O O   . HOH G 3 .  ? 0.007   -1.096  -8.004  1.00 10.70 ? 2085 HOH A O   1 
HETATM 1624 O O   . HOH G 3 .  ? 6.280   -6.544  -15.801 1.00 43.48 ? 2086 HOH A O   1 
HETATM 1625 O O   . HOH G 3 .  ? -0.581  -7.765  -11.028 1.00 16.81 ? 2087 HOH A O   1 
HETATM 1626 O O   . HOH G 3 .  ? 9.788   -11.690 -9.288  1.00 21.31 ? 2088 HOH A O   1 
HETATM 1627 O O   . HOH G 3 .  ? 0.059   -13.412 -5.734  1.00 12.67 ? 2089 HOH A O   1 
HETATM 1628 O O   . HOH G 3 .  ? 6.807   -10.528 -13.139 1.00 31.58 ? 2090 HOH A O   1 
HETATM 1629 O O   . HOH G 3 .  ? 8.587   -13.849 -10.420 1.00 31.00 ? 2091 HOH A O   1 
HETATM 1630 O O   . HOH G 3 .  ? 0.888   -21.068 -7.140  1.00 31.50 ? 2092 HOH A O   1 
HETATM 1631 O O   . HOH G 3 .  ? 6.608   -15.677 -9.794  1.00 26.84 ? 2093 HOH A O   1 
HETATM 1632 O O   . HOH G 3 .  ? 4.372   -18.477 -12.508 1.00 38.72 ? 2094 HOH A O   1 
HETATM 1633 O O   . HOH G 3 .  ? 3.137   -21.173 -5.531  1.00 16.63 ? 2095 HOH A O   1 
HETATM 1634 O O   . HOH G 3 .  ? 12.280  -22.218 0.329   1.00 25.21 ? 2096 HOH A O   1 
HETATM 1635 O O   . HOH G 3 .  ? 12.671  -13.627 -6.123  1.00 18.65 ? 2097 HOH A O   1 
HETATM 1636 O O   . HOH G 3 .  ? 14.759  -15.088 -3.983  1.00 45.43 ? 2098 HOH A O   1 
HETATM 1637 O O   . HOH G 3 .  ? 7.374   -18.054 1.055   1.00 14.34 ? 2099 HOH A O   1 
HETATM 1638 O O   . HOH G 3 .  ? 13.747  -24.784 4.536   1.00 47.94 ? 2100 HOH A O   1 
HETATM 1639 O O   . HOH G 3 .  ? 14.561  -17.590 -0.755  1.00 31.28 ? 2101 HOH A O   1 
HETATM 1640 O O   . HOH G 3 .  ? 16.412  -17.474 1.074   1.00 38.96 ? 2102 HOH A O   1 
HETATM 1641 O O   . HOH G 3 .  ? 19.719  -9.408  4.530   1.00 20.52 ? 2103 HOH A O   1 
HETATM 1642 O O   . HOH G 3 .  ? 23.161  -9.153  0.380   1.00 24.32 ? 2104 HOH A O   1 
HETATM 1643 O O   . HOH G 3 .  ? 20.200  -7.970  -6.358  1.00 16.10 ? 2105 HOH A O   1 
HETATM 1644 O O   . HOH G 3 .  ? 22.197  -10.716 -2.767  1.00 35.00 ? 2106 HOH A O   1 
HETATM 1645 O O   . HOH G 3 .  ? 23.018  -0.061  -3.971  1.00 39.62 ? 2107 HOH A O   1 
HETATM 1646 O O   . HOH H 3 .  ? -2.014  10.690  16.678  1.00 31.42 ? 2001 HOH B O   1 
HETATM 1647 O O   . HOH H 3 .  ? -0.242  12.410  11.004  1.00 28.39 ? 2002 HOH B O   1 
HETATM 1648 O O   . HOH H 3 .  ? -0.170  12.243  -5.098  1.00 33.28 ? 2003 HOH B O   1 
HETATM 1649 O O   . HOH H 3 .  ? -18.504 3.354   -13.090 1.00 40.48 ? 2004 HOH B O   1 
HETATM 1650 O O   . HOH H 3 .  ? -16.399 -8.893  -9.133  1.00 31.01 ? 2005 HOH B O   1 
HETATM 1651 O O   . HOH H 3 .  ? -6.408  13.762  -10.464 1.00 46.64 ? 2006 HOH B O   1 
HETATM 1652 O O   . HOH H 3 .  ? -2.272  11.787  -4.024  1.00 27.50 ? 2007 HOH B O   1 
HETATM 1653 O O   . HOH H 3 .  ? -3.206  14.608  -3.635  1.00 65.39 ? 2008 HOH B O   1 
HETATM 1654 O O   . HOH H 3 .  ? -23.999 2.138   -9.308  1.00 48.83 ? 2009 HOH B O   1 
HETATM 1655 O O   . HOH H 3 .  ? -8.396  1.300   -17.739 1.00 41.03 ? 2010 HOH B O   1 
HETATM 1656 O O   . HOH H 3 .  ? -7.630  3.041   -16.069 1.00 19.86 ? 2011 HOH B O   1 
HETATM 1657 O O   . HOH H 3 .  ? -6.938  4.512   -14.020 1.00 16.41 ? 2012 HOH B O   1 
HETATM 1658 O O   . HOH H 3 .  ? -14.205 2.583   -8.750  1.00 11.91 ? 2013 HOH B O   1 
HETATM 1659 O O   . HOH H 3 .  ? -16.054 8.214   -13.967 1.00 49.66 ? 2014 HOH B O   1 
HETATM 1660 O O   . HOH H 3 .  ? -11.215 1.127   -14.983 1.00 24.54 ? 2015 HOH B O   1 
HETATM 1661 O O   . HOH H 3 .  ? -14.159 7.641   -15.742 1.00 52.49 ? 2016 HOH B O   1 
HETATM 1662 O O   . HOH H 3 .  ? -13.990 -2.261  -15.661 1.00 16.64 ? 2017 HOH B O   1 
HETATM 1663 O O   . HOH H 3 .  ? -4.511  8.564   -15.918 1.00 44.65 ? 2018 HOH B O   1 
HETATM 1664 O O   . HOH H 3 .  ? -10.899 4.712   -17.748 1.00 46.53 ? 2019 HOH B O   1 
HETATM 1665 O O   . HOH H 3 .  ? -17.162 -5.234  -14.582 1.00 24.95 ? 2020 HOH B O   1 
HETATM 1666 O O   . HOH H 3 .  ? -17.165 2.378   -11.007 1.00 14.49 ? 2021 HOH B O   1 
HETATM 1667 O O   . HOH H 3 .  ? -9.028  16.584  -0.515  1.00 46.68 ? 2022 HOH B O   1 
HETATM 1668 O O   . HOH H 3 .  ? -14.258 -7.076  -8.992  1.00 13.22 ? 2023 HOH B O   1 
HETATM 1669 O O   . HOH H 3 .  ? -18.668 -1.321  -10.157 1.00 21.94 ? 2024 HOH B O   1 
HETATM 1670 O O   . HOH H 3 .  ? -15.414 0.222   -9.345  1.00 11.77 ? 2025 HOH B O   1 
HETATM 1671 O O   . HOH H 3 .  ? 3.655   8.355   11.307  1.00 49.72 ? 2026 HOH B O   1 
HETATM 1672 O O   . HOH H 3 .  ? -21.699 2.142   -10.486 1.00 45.18 ? 2027 HOH B O   1 
HETATM 1673 O O   . HOH H 3 .  ? -21.562 6.402   -9.717  1.00 55.81 ? 2028 HOH B O   1 
HETATM 1674 O O   . HOH H 3 .  ? -19.589 -1.258  0.887   1.00 16.11 ? 2029 HOH B O   1 
HETATM 1675 O O   . HOH H 3 .  ? -15.486 -7.688  -4.034  1.00 46.52 ? 2030 HOH B O   1 
HETATM 1676 O O   . HOH H 3 .  ? -2.881  -9.374  -10.615 1.00 21.38 ? 2031 HOH B O   1 
HETATM 1677 O O   . HOH H 3 .  ? -21.225 5.715   0.914   1.00 21.92 ? 2032 HOH B O   1 
HETATM 1678 O O   . HOH H 3 .  ? -13.234 -7.790  -2.770  1.00 33.56 ? 2033 HOH B O   1 
HETATM 1679 O O   . HOH H 3 .  ? -17.298 -4.085  6.469   1.00 20.35 ? 2034 HOH B O   1 
HETATM 1680 O O   . HOH H 3 .  ? -10.618 -8.539  1.632   1.00 45.21 ? 2035 HOH B O   1 
HETATM 1681 O O   . HOH H 3 .  ? -7.875  -5.763  5.430   1.00 35.39 ? 2036 HOH B O   1 
HETATM 1682 O O   . HOH H 3 .  ? -21.425 -1.416  5.712   1.00 45.04 ? 2037 HOH B O   1 
HETATM 1683 O O   . HOH H 3 .  ? -15.755 -2.665  12.896  1.00 59.71 ? 2038 HOH B O   1 
HETATM 1684 O O   . HOH H 3 .  ? -19.955 -1.241  3.553   1.00 23.52 ? 2039 HOH B O   1 
HETATM 1685 O O   . HOH H 3 .  ? -16.106 1.408   11.079  1.00 42.47 ? 2040 HOH B O   1 
HETATM 1686 O O   . HOH H 3 .  ? -23.063 5.036   3.153   1.00 30.44 ? 2041 HOH B O   1 
HETATM 1687 O O   . HOH H 3 .  ? -17.092 14.159  8.181   1.00 52.78 ? 2042 HOH B O   1 
HETATM 1688 O O   . HOH H 3 .  ? -8.219  -7.284  7.264   1.00 42.35 ? 2043 HOH B O   1 
HETATM 1689 O O   . HOH H 3 .  ? -13.375 -1.350  13.666  1.00 56.23 ? 2044 HOH B O   1 
HETATM 1690 O O   . HOH H 3 .  ? -17.681 -3.801  9.157   1.00 37.57 ? 2045 HOH B O   1 
HETATM 1691 O O   . HOH H 3 .  ? -8.746  4.293   12.942  1.00 26.89 ? 2046 HOH B O   1 
HETATM 1692 O O   . HOH H 3 .  ? -14.931 3.585   9.550   1.00 28.90 ? 2047 HOH B O   1 
HETATM 1693 O O   . HOH H 3 .  ? -14.559 4.489   12.026  1.00 45.79 ? 2048 HOH B O   1 
HETATM 1694 O O   . HOH H 3 .  ? -9.121  9.016   13.353  1.00 33.60 ? 2049 HOH B O   1 
HETATM 1695 O O   . HOH H 3 .  ? -16.658 10.259  5.388   1.00 20.39 ? 2050 HOH B O   1 
HETATM 1696 O O   . HOH H 3 .  ? -18.479 7.109   -11.483 1.00 36.26 ? 2051 HOH B O   1 
HETATM 1697 O O   . HOH H 3 .  ? -16.295 10.635  -12.764 1.00 47.83 ? 2052 HOH B O   1 
HETATM 1698 O O   . HOH H 3 .  ? -9.906  13.463  -13.550 1.00 35.91 ? 2053 HOH B O   1 
HETATM 1699 O O   . HOH H 3 .  ? -5.949  11.266  -11.259 1.00 36.77 ? 2054 HOH B O   1 
HETATM 1700 O O   . HOH H 3 .  ? -6.461  6.858   -15.356 1.00 27.34 ? 2055 HOH B O   1 
HETATM 1701 O O   . HOH H 3 .  ? -5.708  13.669  -15.358 1.00 56.50 ? 2056 HOH B O   1 
HETATM 1702 O O   . HOH H 3 .  ? -7.397  5.107   -17.504 1.00 38.59 ? 2057 HOH B O   1 
HETATM 1703 O O   . HOH H 3 .  ? -10.015 3.481   -15.496 1.00 29.36 ? 2058 HOH B O   1 
HETATM 1704 O O   . HOH H 3 .  ? -9.457  16.398  -3.956  1.00 38.59 ? 2059 HOH B O   1 
HETATM 1705 O O   . HOH H 3 .  ? -9.280  15.610  -7.785  1.00 42.89 ? 2060 HOH B O   1 
HETATM 1706 O O   . HOH H 3 .  ? -1.345  1.899   14.568  1.00 32.45 ? 2061 HOH B O   1 
HETATM 1707 O O   . HOH H 3 .  ? -3.953  -0.351  15.609  1.00 53.33 ? 2062 HOH B O   1 
HETATM 1708 O O   . HOH H 3 .  ? 3.911   7.082   13.793  1.00 43.63 ? 2063 HOH B O   1 
HETATM 1709 O O   . HOH H 3 .  ? -1.310  -2.897  9.167   1.00 18.56 ? 2064 HOH B O   1 
HETATM 1710 O O   . HOH H 3 .  ? 3.841   2.557   10.632  1.00 31.45 ? 2065 HOH B O   1 
HETATM 1711 O O   . HOH H 3 .  ? 1.191   -2.125  8.348   1.00 16.02 ? 2066 HOH B O   1 
HETATM 1712 O O   . HOH H 3 .  ? -5.096  -5.417  4.476   1.00 14.61 ? 2067 HOH B O   1 
HETATM 1713 O O   . HOH H 3 .  ? -4.609  -5.247  -8.459  1.00 16.76 ? 2068 HOH B O   1 
HETATM 1714 O O   . HOH H 3 .  ? -3.785  -10.527 -8.039  1.00 24.14 ? 2069 HOH B O   1 
HETATM 1715 O O   . HOH H 3 .  ? -2.512  -12.090 -6.053  1.00 19.22 ? 2070 HOH B O   1 
HETATM 1716 O O   . HOH H 3 .  ? -7.482  -10.070 -6.885  1.00 38.58 ? 2071 HOH B O   1 
HETATM 1717 O O   . HOH H 3 .  ? -9.285  -9.780  -5.192  1.00 29.68 ? 2072 HOH B O   1 
HETATM 1718 O O   . HOH H 3 .  ? -9.020  -8.457  -2.032  1.00 45.11 ? 2073 HOH B O   1 
HETATM 1719 O O   . HOH H 3 .  ? -7.859  -7.630  -7.927  1.00 22.47 ? 2074 HOH B O   1 
HETATM 1720 O O   . HOH H 3 .  ? -6.498  -10.674 -9.548  1.00 54.69 ? 2075 HOH B O   1 
HETATM 1721 O O   . HOH H 3 .  ? -9.266  -7.983  -14.238 1.00 29.07 ? 2076 HOH B O   1 
HETATM 1722 O O   . HOH H 3 .  ? -7.426  -8.881  -12.292 1.00 36.22 ? 2077 HOH B O   1 
HETATM 1723 O O   . HOH H 3 .  ? -4.964  -7.891  -9.227  1.00 32.39 ? 2078 HOH B O   1 
HETATM 1724 O O   . HOH H 3 .  ? -10.088 -6.675  -18.555 1.00 31.73 ? 2079 HOH B O   1 
HETATM 1725 O O   . HOH H 3 .  ? -5.534  -0.089  -17.420 1.00 48.67 ? 2080 HOH B O   1 
HETATM 1726 O O   . HOH H 3 .  ? -0.765  -4.749  -13.277 1.00 37.69 ? 2081 HOH B O   1 
HETATM 1727 O O   . HOH H 3 .  ? -1.578  -4.912  -9.308  1.00 24.38 ? 2082 HOH B O   1 
HETATM 1728 O O   . HOH H 3 .  ? 1.882   -2.287  -11.170 1.00 22.14 ? 2083 HOH B O   1 
HETATM 1729 O O   . HOH H 3 .  ? -2.828  2.136   -15.615 1.00 29.22 ? 2084 HOH B O   1 
HETATM 1730 O O   . HOH H 3 .  ? 0.222   3.120   -13.679 1.00 25.87 ? 2085 HOH B O   1 
HETATM 1731 O O   . HOH H 3 .  ? -1.033  12.424  -7.494  1.00 38.60 ? 2086 HOH B O   1 
HETATM 1732 O O   . HOH H 3 .  ? 4.057   11.926  -0.937  1.00 27.19 ? 2087 HOH B O   1 
HETATM 1733 O O   . HOH H 3 .  ? 3.509   13.090  1.438   1.00 23.76 ? 2088 HOH B O   1 
HETATM 1734 O O   . HOH H 3 .  ? -7.130  16.407  1.431   1.00 27.33 ? 2089 HOH B O   1 
HETATM 1735 O O   . HOH H 3 .  ? -0.572  11.885  8.135   1.00 18.01 ? 2090 HOH B O   1 
HETATM 1736 O O   . HOH H 3 .  ? -1.951  18.615  5.105   1.00 33.34 ? 2091 HOH B O   1 
HETATM 1737 O O   . HOH H 3 .  ? -5.005  18.294  6.022   1.00 42.24 ? 2092 HOH B O   1 
HETATM 1738 O O   . HOH H 3 .  ? -10.307 10.296  11.362  1.00 28.68 ? 2093 HOH B O   1 
HETATM 1739 O O   . HOH H 3 .  ? -11.513 15.264  3.329   1.00 19.84 ? 2094 HOH B O   1 
HETATM 1740 O O   . HOH H 3 .  ? -12.779 16.893  6.877   1.00 43.28 ? 2095 HOH B O   1 
HETATM 1741 O O   . HOH H 3 .  ? -15.086 14.509  4.355   1.00 30.26 ? 2096 HOH B O   1 
HETATM 1742 O O   . HOH H 3 .  ? -15.583 12.155  7.250   1.00 22.99 ? 2097 HOH B O   1 
HETATM 1743 O O   . HOH H 3 .  ? -18.710 9.312   6.949   1.00 27.32 ? 2098 HOH B O   1 
HETATM 1744 O O   . HOH H 3 .  ? -20.339 6.668   7.065   1.00 39.16 ? 2099 HOH B O   1 
HETATM 1745 O O   . HOH H 3 .  ? -18.689 4.459   7.905   1.00 23.11 ? 2100 HOH B O   1 
HETATM 1746 O O   . HOH H 3 .  ? -17.460 13.719  -6.715  1.00 47.19 ? 2101 HOH B O   1 
HETATM 1747 O O   . HOH H 3 .  ? -19.879 0.517   -11.129 1.00 36.46 ? 2102 HOH B O   1 
# 
loop_
_pdbx_poly_seq_scheme.asym_id 
_pdbx_poly_seq_scheme.entity_id 
_pdbx_poly_seq_scheme.seq_id 
_pdbx_poly_seq_scheme.mon_id 
_pdbx_poly_seq_scheme.ndb_seq_num 
_pdbx_poly_seq_scheme.pdb_seq_num 
_pdbx_poly_seq_scheme.auth_seq_num 
_pdbx_poly_seq_scheme.pdb_mon_id 
_pdbx_poly_seq_scheme.auth_mon_id 
_pdbx_poly_seq_scheme.pdb_strand_id 
_pdbx_poly_seq_scheme.pdb_ins_code 
_pdbx_poly_seq_scheme.hetero 
A 1 1  MET 1  1  ?  ?   ?   A . n 
A 1 2  ALA 2  2  2  ALA ALA A . n 
A 1 3  ILE 3  3  3  ILE ILE A . n 
A 1 4  VAL 4  4  4  VAL VAL A . n 
A 1 5  ARG 5  5  5  ARG ARG A . n 
A 1 6  ALA 6  6  6  ALA ALA A . n 
A 1 7  HIS 7  7  7  HIS HIS A . n 
A 1 8  LEU 8  8  8  LEU LEU A . n 
A 1 9  LYS 9  9  9  LYS LYS A . n 
A 1 10 ILE 10 10 10 ILE ILE A . n 
A 1 11 TYR 11 11 11 TYR TYR A . n 
A 1 12 GLY 12 12 12 GLY GLY A . n 
A 1 13 ARG 13 13 13 ARG ARG A . n 
A 1 14 VAL 14 14 14 VAL VAL A . n 
A 1 15 GLN 15 15 15 GLN GLN A . n 
A 1 16 GLY 16 16 16 GLY GLY A . n 
A 1 17 VAL 17 17 17 VAL VAL A . n 
A 1 18 GLY 18 18 18 GLY GLY A . n 
A 1 19 PHE 19 19 19 PHE PHE A . n 
A 1 20 ARG 20 20 20 ARG ARG A . n 
A 1 21 TRP 21 21 21 TRP TRP A . n 
A 1 22 SER 22 22 22 SER SER A . n 
A 1 23 MET 23 23 23 MET MET A . n 
A 1 24 GLN 24 24 24 GLN GLN A . n 
A 1 25 ARG 25 25 25 ARG ARG A . n 
A 1 26 GLU 26 26 26 GLU GLU A . n 
A 1 27 ALA 27 27 27 ALA ALA A . n 
A 1 28 ARG 28 28 28 ARG ARG A . n 
A 1 29 LYS 29 29 29 LYS LYS A . n 
A 1 30 LEU 30 30 30 LEU LEU A . n 
A 1 31 GLY 31 31 31 GLY GLY A . n 
A 1 32 VAL 32 32 32 VAL VAL A . n 
A 1 33 ASN 33 33 33 ASN ASN A . n 
A 1 34 GLY 34 34 34 GLY GLY A . n 
A 1 35 TRP 35 35 35 TRP TRP A . n 
A 1 36 VAL 36 36 36 VAL VAL A . n 
A 1 37 ARG 37 37 37 ARG ARG A . n 
A 1 38 ASN 38 38 38 ASN ASN A . n 
A 1 39 LEU 39 39 39 LEU LEU A . n 
A 1 40 PRO 40 40 40 PRO PRO A . n 
A 1 41 ASP 41 41 41 ASP ASP A . n 
A 1 42 GLY 42 42 42 GLY GLY A . n 
A 1 43 SER 43 43 43 SER SER A . n 
A 1 44 VAL 44 44 44 VAL VAL A . n 
A 1 45 GLU 45 45 45 GLU GLU A . n 
A 1 46 ALA 46 46 46 ALA ALA A . n 
A 1 47 VAL 47 47 47 VAL VAL A . n 
A 1 48 LEU 48 48 48 LEU LEU A . n 
A 1 49 GLU 49 49 49 GLU GLU A . n 
A 1 50 GLY 50 50 50 GLY GLY A . n 
A 1 51 ASP 51 51 51 ASP ASP A . n 
A 1 52 GLU 52 52 52 GLU GLU A . n 
A 1 53 GLU 53 53 53 GLU GLU A . n 
A 1 54 ARG 54 54 54 ARG ARG A . n 
A 1 55 VAL 55 55 55 VAL VAL A . n 
A 1 56 GLU 56 56 56 GLU GLU A . n 
A 1 57 ALA 57 57 57 ALA ALA A . n 
A 1 58 LEU 58 58 58 LEU LEU A . n 
A 1 59 ILE 59 59 59 ILE ILE A . n 
A 1 60 GLY 60 60 60 GLY GLY A . n 
A 1 61 TRP 61 61 61 TRP TRP A . n 
A 1 62 ALA 62 62 62 ALA ALA A . n 
A 1 63 HIS 63 63 63 HIS HIS A . n 
A 1 64 GLN 64 64 64 GLN GLN A . n 
A 1 65 GLY 65 65 65 GLY GLY A . n 
A 1 66 PRO 66 66 66 PRO PRO A . n 
A 1 67 PRO 67 67 67 PRO PRO A . n 
A 1 68 LEU 68 68 68 LEU LEU A . n 
A 1 69 ALA 69 69 69 ALA ALA A . n 
A 1 70 ARG 70 70 70 ARG ARG A . n 
A 1 71 VAL 71 71 71 VAL VAL A . n 
A 1 72 THR 72 72 72 THR THR A . n 
A 1 73 ARG 73 73 73 ARG ARG A . n 
A 1 74 VAL 74 74 74 VAL VAL A . n 
A 1 75 GLU 75 75 75 GLU GLU A . n 
A 1 76 VAL 76 76 76 VAL VAL A . n 
A 1 77 LYS 77 77 77 LYS LYS A . n 
A 1 78 TRP 78 78 78 TRP TRP A . n 
A 1 79 GLU 79 79 79 GLU GLU A . n 
A 1 80 GLN 80 80 80 GLN GLN A . n 
A 1 81 PRO 81 81 81 PRO PRO A . n 
A 1 82 LYS 82 82 82 LYS LYS A . n 
A 1 83 GLY 83 83 83 GLY GLY A . n 
A 1 84 GLU 84 84 84 GLU GLU A . n 
A 1 85 LYS 85 85 85 LYS LYS A . n 
A 1 86 GLY 86 86 86 GLY GLY A . n 
A 1 87 PHE 87 87 87 PHE PHE A . n 
A 1 88 ARG 88 88 88 ARG ARG A . n 
A 1 89 ILE 89 89 89 ILE ILE A . n 
A 1 90 VAL 90 90 90 VAL VAL A . n 
A 1 91 GLY 91 91 91 GLY GLY A . n 
B 1 1  MET 1  1  ?  ?   ?   B . n 
B 1 2  ALA 2  2  2  ALA ALA B . n 
B 1 3  ILE 3  3  3  ILE ILE B . n 
B 1 4  VAL 4  4  4  VAL VAL B . n 
B 1 5  ARG 5  5  5  ARG ARG B . n 
B 1 6  ALA 6  6  6  ALA ALA B . n 
B 1 7  HIS 7  7  7  HIS HIS B . n 
B 1 8  LEU 8  8  8  LEU LEU B . n 
B 1 9  LYS 9  9  9  LYS LYS B . n 
B 1 10 ILE 10 10 10 ILE ILE B . n 
B 1 11 TYR 11 11 11 TYR TYR B . n 
B 1 12 GLY 12 12 12 GLY GLY B . n 
B 1 13 ARG 13 13 13 ARG ARG B . n 
B 1 14 VAL 14 14 14 VAL VAL B . n 
B 1 15 GLN 15 15 15 GLN GLN B . n 
B 1 16 GLY 16 16 16 GLY GLY B . n 
B 1 17 VAL 17 17 17 VAL VAL B . n 
B 1 18 GLY 18 18 18 GLY GLY B . n 
B 1 19 PHE 19 19 19 PHE PHE B . n 
B 1 20 ARG 20 20 20 ARG ARG B . n 
B 1 21 TRP 21 21 21 TRP TRP B . n 
B 1 22 SER 22 22 22 SER SER B . n 
B 1 23 MET 23 23 23 MET MET B . n 
B 1 24 GLN 24 24 24 GLN GLN B . n 
B 1 25 ARG 25 25 25 ARG ARG B . n 
B 1 26 GLU 26 26 26 GLU GLU B . n 
B 1 27 ALA 27 27 27 ALA ALA B . n 
B 1 28 ARG 28 28 28 ARG ARG B . n 
B 1 29 LYS 29 29 29 LYS LYS B . n 
B 1 30 LEU 30 30 30 LEU LEU B . n 
B 1 31 GLY 31 31 31 GLY GLY B . n 
B 1 32 VAL 32 32 32 VAL VAL B . n 
B 1 33 ASN 33 33 33 ASN ASN B . n 
B 1 34 GLY 34 34 34 GLY GLY B . n 
B 1 35 TRP 35 35 35 TRP TRP B . n 
B 1 36 VAL 36 36 36 VAL VAL B . n 
B 1 37 ARG 37 37 37 ARG ARG B . n 
B 1 38 ASN 38 38 38 ASN ASN B . n 
B 1 39 LEU 39 39 39 LEU LEU B . n 
B 1 40 PRO 40 40 40 PRO PRO B . n 
B 1 41 ASP 41 41 41 ASP ASP B . n 
B 1 42 GLY 42 42 42 GLY GLY B . n 
B 1 43 SER 43 43 43 SER SER B . n 
B 1 44 VAL 44 44 44 VAL VAL B . n 
B 1 45 GLU 45 45 45 GLU GLU B . n 
B 1 46 ALA 46 46 46 ALA ALA B . n 
B 1 47 VAL 47 47 47 VAL VAL B . n 
B 1 48 LEU 48 48 48 LEU LEU B . n 
B 1 49 GLU 49 49 49 GLU GLU B . n 
B 1 50 GLY 50 50 50 GLY GLY B . n 
B 1 51 ASP 51 51 51 ASP ASP B . n 
B 1 52 GLU 52 52 52 GLU GLU B . n 
B 1 53 GLU 53 53 53 GLU GLU B . n 
B 1 54 ARG 54 54 54 ARG ARG B . n 
B 1 55 VAL 55 55 55 VAL VAL B . n 
B 1 56 GLU 56 56 56 GLU GLU B . n 
B 1 57 ALA 57 57 57 ALA ALA B . n 
B 1 58 LEU 58 58 58 LEU LEU B . n 
B 1 59 ILE 59 59 59 ILE ILE B . n 
B 1 60 GLY 60 60 60 GLY GLY B . n 
B 1 61 TRP 61 61 61 TRP TRP B . n 
B 1 62 ALA 62 62 62 ALA ALA B . n 
B 1 63 HIS 63 63 63 HIS HIS B . n 
B 1 64 GLN 64 64 64 GLN GLN B . n 
B 1 65 GLY 65 65 65 GLY GLY B . n 
B 1 66 PRO 66 66 66 PRO PRO B . n 
B 1 67 PRO 67 67 67 PRO PRO B . n 
B 1 68 LEU 68 68 68 LEU LEU B . n 
B 1 69 ALA 69 69 69 ALA ALA B . n 
B 1 70 ARG 70 70 70 ARG ARG B . n 
B 1 71 VAL 71 71 71 VAL VAL B . n 
B 1 72 THR 72 72 72 THR THR B . n 
B 1 73 ARG 73 73 73 ARG ARG B . n 
B 1 74 VAL 74 74 74 VAL VAL B . n 
B 1 75 GLU 75 75 75 GLU GLU B . n 
B 1 76 VAL 76 76 76 VAL VAL B . n 
B 1 77 LYS 77 77 77 LYS LYS B . n 
B 1 78 TRP 78 78 78 TRP TRP B . n 
B 1 79 GLU 79 79 79 GLU GLU B . n 
B 1 80 GLN 80 80 80 GLN GLN B . n 
B 1 81 PRO 81 81 81 PRO PRO B . n 
B 1 82 LYS 82 82 82 LYS LYS B . n 
B 1 83 GLY 83 83 83 GLY GLY B . n 
B 1 84 GLU 84 84 84 GLU GLU B . n 
B 1 85 LYS 85 85 85 LYS LYS B . n 
B 1 86 GLY 86 86 86 GLY GLY B . n 
B 1 87 PHE 87 87 87 PHE PHE B . n 
B 1 88 ARG 88 88 88 ARG ARG B . n 
B 1 89 ILE 89 89 89 ILE ILE B . n 
B 1 90 VAL 90 90 90 VAL VAL B . n 
B 1 91 GLY 91 91 91 GLY GLY B . n 
# 
loop_
_pdbx_nonpoly_scheme.asym_id 
_pdbx_nonpoly_scheme.entity_id 
_pdbx_nonpoly_scheme.mon_id 
_pdbx_nonpoly_scheme.ndb_seq_num 
_pdbx_nonpoly_scheme.pdb_seq_num 
_pdbx_nonpoly_scheme.auth_seq_num 
_pdbx_nonpoly_scheme.pdb_mon_id 
_pdbx_nonpoly_scheme.auth_mon_id 
_pdbx_nonpoly_scheme.pdb_strand_id 
_pdbx_nonpoly_scheme.pdb_ins_code 
C 2 FMT 1   1092 1092 FMT FMT A . 
D 2 FMT 1   1093 1093 FMT FMT A . 
E 2 FMT 1   1092 1092 FMT FMT B . 
F 2 FMT 1   1093 1093 FMT FMT B . 
G 3 HOH 1   2001 2001 HOH HOH A . 
G 3 HOH 2   2002 2002 HOH HOH A . 
G 3 HOH 3   2003 2003 HOH HOH A . 
G 3 HOH 4   2004 2004 HOH HOH A . 
G 3 HOH 5   2005 2005 HOH HOH A . 
G 3 HOH 6   2006 2006 HOH HOH A . 
G 3 HOH 7   2007 2007 HOH HOH A . 
G 3 HOH 8   2008 2008 HOH HOH A . 
G 3 HOH 9   2009 2009 HOH HOH A . 
G 3 HOH 10  2010 2010 HOH HOH A . 
G 3 HOH 11  2011 2011 HOH HOH A . 
G 3 HOH 12  2012 2012 HOH HOH A . 
G 3 HOH 13  2013 2013 HOH HOH A . 
G 3 HOH 14  2014 2014 HOH HOH A . 
G 3 HOH 15  2015 2015 HOH HOH A . 
G 3 HOH 16  2016 2016 HOH HOH A . 
G 3 HOH 17  2017 2017 HOH HOH A . 
G 3 HOH 18  2018 2018 HOH HOH A . 
G 3 HOH 19  2019 2019 HOH HOH A . 
G 3 HOH 20  2020 2020 HOH HOH A . 
G 3 HOH 21  2021 2021 HOH HOH A . 
G 3 HOH 22  2022 2022 HOH HOH A . 
G 3 HOH 23  2023 2023 HOH HOH A . 
G 3 HOH 24  2024 2024 HOH HOH A . 
G 3 HOH 25  2025 2025 HOH HOH A . 
G 3 HOH 26  2026 2026 HOH HOH A . 
G 3 HOH 27  2027 2027 HOH HOH A . 
G 3 HOH 28  2028 2028 HOH HOH A . 
G 3 HOH 29  2029 2029 HOH HOH A . 
G 3 HOH 30  2030 2030 HOH HOH A . 
G 3 HOH 31  2031 2031 HOH HOH A . 
G 3 HOH 32  2032 2032 HOH HOH A . 
G 3 HOH 33  2033 2033 HOH HOH A . 
G 3 HOH 34  2034 2034 HOH HOH A . 
G 3 HOH 35  2035 2035 HOH HOH A . 
G 3 HOH 36  2036 2036 HOH HOH A . 
G 3 HOH 37  2037 2037 HOH HOH A . 
G 3 HOH 38  2038 2038 HOH HOH A . 
G 3 HOH 39  2039 2039 HOH HOH A . 
G 3 HOH 40  2040 2040 HOH HOH A . 
G 3 HOH 41  2041 2041 HOH HOH A . 
G 3 HOH 42  2042 2042 HOH HOH A . 
G 3 HOH 43  2043 2043 HOH HOH A . 
G 3 HOH 44  2044 2044 HOH HOH A . 
G 3 HOH 45  2045 2045 HOH HOH A . 
G 3 HOH 46  2046 2046 HOH HOH A . 
G 3 HOH 47  2047 2047 HOH HOH A . 
G 3 HOH 48  2048 2048 HOH HOH A . 
G 3 HOH 49  2049 2049 HOH HOH A . 
G 3 HOH 50  2050 2050 HOH HOH A . 
G 3 HOH 51  2051 2051 HOH HOH A . 
G 3 HOH 52  2052 2052 HOH HOH A . 
G 3 HOH 53  2053 2053 HOH HOH A . 
G 3 HOH 54  2054 2054 HOH HOH A . 
G 3 HOH 55  2055 2055 HOH HOH A . 
G 3 HOH 56  2056 2056 HOH HOH A . 
G 3 HOH 57  2057 2057 HOH HOH A . 
G 3 HOH 58  2058 2058 HOH HOH A . 
G 3 HOH 59  2059 2059 HOH HOH A . 
G 3 HOH 60  2060 2060 HOH HOH A . 
G 3 HOH 61  2061 2061 HOH HOH A . 
G 3 HOH 62  2062 2062 HOH HOH A . 
G 3 HOH 63  2063 2063 HOH HOH A . 
G 3 HOH 64  2064 2064 HOH HOH A . 
G 3 HOH 65  2065 2065 HOH HOH A . 
G 3 HOH 66  2066 2066 HOH HOH A . 
G 3 HOH 67  2067 2067 HOH HOH A . 
G 3 HOH 68  2068 2068 HOH HOH A . 
G 3 HOH 69  2069 2069 HOH HOH A . 
G 3 HOH 70  2070 2070 HOH HOH A . 
G 3 HOH 71  2071 2071 HOH HOH A . 
G 3 HOH 72  2072 2072 HOH HOH A . 
G 3 HOH 73  2073 2073 HOH HOH A . 
G 3 HOH 74  2074 2074 HOH HOH A . 
G 3 HOH 75  2075 2075 HOH HOH A . 
G 3 HOH 76  2076 2076 HOH HOH A . 
G 3 HOH 77  2077 2077 HOH HOH A . 
G 3 HOH 78  2078 2078 HOH HOH A . 
G 3 HOH 79  2079 2079 HOH HOH A . 
G 3 HOH 80  2080 2080 HOH HOH A . 
G 3 HOH 81  2081 2081 HOH HOH A . 
G 3 HOH 82  2082 2082 HOH HOH A . 
G 3 HOH 83  2083 2083 HOH HOH A . 
G 3 HOH 84  2084 2084 HOH HOH A . 
G 3 HOH 85  2085 2085 HOH HOH A . 
G 3 HOH 86  2086 2086 HOH HOH A . 
G 3 HOH 87  2087 2087 HOH HOH A . 
G 3 HOH 88  2088 2088 HOH HOH A . 
G 3 HOH 89  2089 2089 HOH HOH A . 
G 3 HOH 90  2090 2090 HOH HOH A . 
G 3 HOH 91  2091 2091 HOH HOH A . 
G 3 HOH 92  2092 2092 HOH HOH A . 
G 3 HOH 93  2093 2093 HOH HOH A . 
G 3 HOH 94  2094 2094 HOH HOH A . 
G 3 HOH 95  2095 2095 HOH HOH A . 
G 3 HOH 96  2096 2096 HOH HOH A . 
G 3 HOH 97  2097 2097 HOH HOH A . 
G 3 HOH 98  2098 2098 HOH HOH A . 
G 3 HOH 99  2099 2099 HOH HOH A . 
G 3 HOH 100 2100 2100 HOH HOH A . 
G 3 HOH 101 2101 2101 HOH HOH A . 
G 3 HOH 102 2102 2102 HOH HOH A . 
G 3 HOH 103 2103 2103 HOH HOH A . 
G 3 HOH 104 2104 2104 HOH HOH A . 
G 3 HOH 105 2105 2105 HOH HOH A . 
G 3 HOH 106 2106 2106 HOH HOH A . 
G 3 HOH 107 2107 2107 HOH HOH A . 
H 3 HOH 1   2001 2001 HOH HOH B . 
H 3 HOH 2   2002 2002 HOH HOH B . 
H 3 HOH 3   2003 2003 HOH HOH B . 
H 3 HOH 4   2004 2004 HOH HOH B . 
H 3 HOH 5   2005 2005 HOH HOH B . 
H 3 HOH 6   2006 2006 HOH HOH B . 
H 3 HOH 7   2007 2007 HOH HOH B . 
H 3 HOH 8   2008 2008 HOH HOH B . 
H 3 HOH 9   2009 2009 HOH HOH B . 
H 3 HOH 10  2010 2010 HOH HOH B . 
H 3 HOH 11  2011 2011 HOH HOH B . 
H 3 HOH 12  2012 2012 HOH HOH B . 
H 3 HOH 13  2013 2013 HOH HOH B . 
H 3 HOH 14  2014 2014 HOH HOH B . 
H 3 HOH 15  2015 2015 HOH HOH B . 
H 3 HOH 16  2016 2016 HOH HOH B . 
H 3 HOH 17  2017 2017 HOH HOH B . 
H 3 HOH 18  2018 2018 HOH HOH B . 
H 3 HOH 19  2019 2019 HOH HOH B . 
H 3 HOH 20  2020 2020 HOH HOH B . 
H 3 HOH 21  2021 2021 HOH HOH B . 
H 3 HOH 22  2022 2022 HOH HOH B . 
H 3 HOH 23  2023 2023 HOH HOH B . 
H 3 HOH 24  2024 2024 HOH HOH B . 
H 3 HOH 25  2025 2025 HOH HOH B . 
H 3 HOH 26  2026 2026 HOH HOH B . 
H 3 HOH 27  2027 2027 HOH HOH B . 
H 3 HOH 28  2028 2028 HOH HOH B . 
H 3 HOH 29  2029 2029 HOH HOH B . 
H 3 HOH 30  2030 2030 HOH HOH B . 
H 3 HOH 31  2031 2031 HOH HOH B . 
H 3 HOH 32  2032 2032 HOH HOH B . 
H 3 HOH 33  2033 2033 HOH HOH B . 
H 3 HOH 34  2034 2034 HOH HOH B . 
H 3 HOH 35  2035 2035 HOH HOH B . 
H 3 HOH 36  2036 2036 HOH HOH B . 
H 3 HOH 37  2037 2037 HOH HOH B . 
H 3 HOH 38  2038 2038 HOH HOH B . 
H 3 HOH 39  2039 2039 HOH HOH B . 
H 3 HOH 40  2040 2040 HOH HOH B . 
H 3 HOH 41  2041 2041 HOH HOH B . 
H 3 HOH 42  2042 2042 HOH HOH B . 
H 3 HOH 43  2043 2043 HOH HOH B . 
H 3 HOH 44  2044 2044 HOH HOH B . 
H 3 HOH 45  2045 2045 HOH HOH B . 
H 3 HOH 46  2046 2046 HOH HOH B . 
H 3 HOH 47  2047 2047 HOH HOH B . 
H 3 HOH 48  2048 2048 HOH HOH B . 
H 3 HOH 49  2049 2049 HOH HOH B . 
H 3 HOH 50  2050 2050 HOH HOH B . 
H 3 HOH 51  2051 2051 HOH HOH B . 
H 3 HOH 52  2052 2052 HOH HOH B . 
H 3 HOH 53  2053 2053 HOH HOH B . 
H 3 HOH 54  2054 2054 HOH HOH B . 
H 3 HOH 55  2055 2055 HOH HOH B . 
H 3 HOH 56  2056 2056 HOH HOH B . 
H 3 HOH 57  2057 2057 HOH HOH B . 
H 3 HOH 58  2058 2058 HOH HOH B . 
H 3 HOH 59  2059 2059 HOH HOH B . 
H 3 HOH 60  2060 2060 HOH HOH B . 
H 3 HOH 61  2061 2061 HOH HOH B . 
H 3 HOH 62  2062 2062 HOH HOH B . 
H 3 HOH 63  2063 2063 HOH HOH B . 
H 3 HOH 64  2064 2064 HOH HOH B . 
H 3 HOH 65  2065 2065 HOH HOH B . 
H 3 HOH 66  2066 2066 HOH HOH B . 
H 3 HOH 67  2067 2067 HOH HOH B . 
H 3 HOH 68  2068 2068 HOH HOH B . 
H 3 HOH 69  2069 2069 HOH HOH B . 
H 3 HOH 70  2070 2070 HOH HOH B . 
H 3 HOH 71  2071 2071 HOH HOH B . 
H 3 HOH 72  2072 2072 HOH HOH B . 
H 3 HOH 73  2073 2073 HOH HOH B . 
H 3 HOH 74  2074 2074 HOH HOH B . 
H 3 HOH 75  2075 2075 HOH HOH B . 
H 3 HOH 76  2076 2076 HOH HOH B . 
H 3 HOH 77  2077 2077 HOH HOH B . 
H 3 HOH 78  2078 2078 HOH HOH B . 
H 3 HOH 79  2079 2079 HOH HOH B . 
H 3 HOH 80  2080 2080 HOH HOH B . 
H 3 HOH 81  2081 2081 HOH HOH B . 
H 3 HOH 82  2082 2082 HOH HOH B . 
H 3 HOH 83  2083 2083 HOH HOH B . 
H 3 HOH 84  2084 2084 HOH HOH B . 
H 3 HOH 85  2085 2085 HOH HOH B . 
H 3 HOH 86  2086 2086 HOH HOH B . 
H 3 HOH 87  2087 2087 HOH HOH B . 
H 3 HOH 88  2088 2088 HOH HOH B . 
H 3 HOH 89  2089 2089 HOH HOH B . 
H 3 HOH 90  2090 2090 HOH HOH B . 
H 3 HOH 91  2091 2091 HOH HOH B . 
H 3 HOH 92  2092 2092 HOH HOH B . 
H 3 HOH 93  2093 2093 HOH HOH B . 
H 3 HOH 94  2094 2094 HOH HOH B . 
H 3 HOH 95  2095 2095 HOH HOH B . 
H 3 HOH 96  2096 2096 HOH HOH B . 
H 3 HOH 97  2097 2097 HOH HOH B . 
H 3 HOH 98  2098 2098 HOH HOH B . 
H 3 HOH 99  2099 2099 HOH HOH B . 
H 3 HOH 100 2100 2100 HOH HOH B . 
H 3 HOH 101 2101 2101 HOH HOH B . 
H 3 HOH 102 2102 2102 HOH HOH B . 
# 
_pdbx_struct_assembly.id                   1 
_pdbx_struct_assembly.details              author_and_software_defined_assembly 
_pdbx_struct_assembly.method_details       PQS 
_pdbx_struct_assembly.oligomeric_details   dimeric 
_pdbx_struct_assembly.oligomeric_count     2 
# 
_pdbx_struct_assembly_gen.assembly_id       1 
_pdbx_struct_assembly_gen.oper_expression   1 
_pdbx_struct_assembly_gen.asym_id_list      A,B,C,D,E,F,G,H 
# 
_pdbx_struct_oper_list.id                   1 
_pdbx_struct_oper_list.type                 'identity operation' 
_pdbx_struct_oper_list.name                 1_555 
_pdbx_struct_oper_list.symmetry_operation   x,y,z 
_pdbx_struct_oper_list.matrix[1][1]         1.0000000000 
_pdbx_struct_oper_list.matrix[1][2]         0.0000000000 
_pdbx_struct_oper_list.matrix[1][3]         0.0000000000 
_pdbx_struct_oper_list.vector[1]            0.0000000000 
_pdbx_struct_oper_list.matrix[2][1]         0.0000000000 
_pdbx_struct_oper_list.matrix[2][2]         1.0000000000 
_pdbx_struct_oper_list.matrix[2][3]         0.0000000000 
_pdbx_struct_oper_list.vector[2]            0.0000000000 
_pdbx_struct_oper_list.matrix[3][1]         0.0000000000 
_pdbx_struct_oper_list.matrix[3][2]         0.0000000000 
_pdbx_struct_oper_list.matrix[3][3]         1.0000000000 
_pdbx_struct_oper_list.vector[3]            0.0000000000 
# 
loop_
_pdbx_audit_revision_history.ordinal 
_pdbx_audit_revision_history.data_content_type 
_pdbx_audit_revision_history.major_revision 
_pdbx_audit_revision_history.minor_revision 
_pdbx_audit_revision_history.revision_date 
1 'Structure model' 1 0 2004-08-04 
2 'Structure model' 1 1 2011-05-08 
3 'Structure model' 1 2 2011-07-13 
4 'Structure model' 1 3 2018-01-24 
5 'Structure model' 1 4 2019-05-08 
6 'Structure model' 1 5 2023-12-13 
# 
_pdbx_audit_revision_details.ordinal             1 
_pdbx_audit_revision_details.revision_ordinal    1 
_pdbx_audit_revision_details.data_content_type   'Structure model' 
_pdbx_audit_revision_details.provider            repository 
_pdbx_audit_revision_details.type                'Initial release' 
_pdbx_audit_revision_details.description         ? 
_pdbx_audit_revision_details.details             ? 
# 
loop_
_pdbx_audit_revision_group.ordinal 
_pdbx_audit_revision_group.revision_ordinal 
_pdbx_audit_revision_group.data_content_type 
_pdbx_audit_revision_group.group 
1 2 'Structure model' 'Version format compliance' 
2 3 'Structure model' 'Version format compliance' 
3 4 'Structure model' 'Source and taxonomy'       
4 5 'Structure model' 'Data collection'           
5 5 'Structure model' 'Experimental preparation'  
6 6 'Structure model' 'Data collection'           
7 6 'Structure model' 'Database references'       
8 6 'Structure model' Other                       
9 6 'Structure model' 'Refinement description'    
# 
loop_
_pdbx_audit_revision_category.ordinal 
_pdbx_audit_revision_category.revision_ordinal 
_pdbx_audit_revision_category.data_content_type 
_pdbx_audit_revision_category.category 
1 4 'Structure model' entity_src_gen                
2 5 'Structure model' database_PDB_rev              
3 5 'Structure model' database_PDB_rev_record       
4 5 'Structure model' exptl_crystal_grow            
5 6 'Structure model' chem_comp_atom                
6 6 'Structure model' chem_comp_bond                
7 6 'Structure model' database_2                    
8 6 'Structure model' pdbx_database_status          
9 6 'Structure model' pdbx_initial_refinement_model 
# 
loop_
_pdbx_audit_revision_item.ordinal 
_pdbx_audit_revision_item.revision_ordinal 
_pdbx_audit_revision_item.data_content_type 
_pdbx_audit_revision_item.item 
1 4 'Structure model' '_entity_src_gen.pdbx_host_org_ncbi_taxonomy_id' 
2 4 'Structure model' '_entity_src_gen.pdbx_host_org_scientific_name'  
3 4 'Structure model' '_entity_src_gen.pdbx_host_org_strain'           
4 4 'Structure model' '_entity_src_gen.pdbx_host_org_variant'          
5 5 'Structure model' '_exptl_crystal_grow.temp'                       
6 6 'Structure model' '_database_2.pdbx_DOI'                           
7 6 'Structure model' '_database_2.pdbx_database_accession'            
8 6 'Structure model' '_pdbx_database_status.status_code_sf'           
# 
loop_
_software.name 
_software.classification 
_software.version 
_software.citation_id 
_software.pdbx_ordinal 
REFMAC refinement       5.2.0003 ? 1 
MOSFLM 'data reduction' .        ? 2 
SCALA  'data scaling'   .        ? 3 
MOLREP phasing          .        ? 4 
# 
_pdbx_validate_rmsd_angle.id                         1 
_pdbx_validate_rmsd_angle.PDB_model_num              1 
_pdbx_validate_rmsd_angle.auth_atom_id_1             NE 
_pdbx_validate_rmsd_angle.auth_asym_id_1             A 
_pdbx_validate_rmsd_angle.auth_comp_id_1             ARG 
_pdbx_validate_rmsd_angle.auth_seq_id_1              88 
_pdbx_validate_rmsd_angle.PDB_ins_code_1             ? 
_pdbx_validate_rmsd_angle.label_alt_id_1             B 
_pdbx_validate_rmsd_angle.auth_atom_id_2             CZ 
_pdbx_validate_rmsd_angle.auth_asym_id_2             A 
_pdbx_validate_rmsd_angle.auth_comp_id_2             ARG 
_pdbx_validate_rmsd_angle.auth_seq_id_2              88 
_pdbx_validate_rmsd_angle.PDB_ins_code_2             ? 
_pdbx_validate_rmsd_angle.label_alt_id_2             B 
_pdbx_validate_rmsd_angle.auth_atom_id_3             NH2 
_pdbx_validate_rmsd_angle.auth_asym_id_3             A 
_pdbx_validate_rmsd_angle.auth_comp_id_3             ARG 
_pdbx_validate_rmsd_angle.auth_seq_id_3              88 
_pdbx_validate_rmsd_angle.PDB_ins_code_3             ? 
_pdbx_validate_rmsd_angle.label_alt_id_3             B 
_pdbx_validate_rmsd_angle.angle_value                123.72 
_pdbx_validate_rmsd_angle.angle_target_value         120.30 
_pdbx_validate_rmsd_angle.angle_deviation            3.42 
_pdbx_validate_rmsd_angle.angle_standard_deviation   0.50 
_pdbx_validate_rmsd_angle.linker_flag                N 
# 
loop_
_pdbx_unobs_or_zero_occ_residues.id 
_pdbx_unobs_or_zero_occ_residues.PDB_model_num 
_pdbx_unobs_or_zero_occ_residues.polymer_flag 
_pdbx_unobs_or_zero_occ_residues.occupancy_flag 
_pdbx_unobs_or_zero_occ_residues.auth_asym_id 
_pdbx_unobs_or_zero_occ_residues.auth_comp_id 
_pdbx_unobs_or_zero_occ_residues.auth_seq_id 
_pdbx_unobs_or_zero_occ_residues.PDB_ins_code 
_pdbx_unobs_or_zero_occ_residues.label_asym_id 
_pdbx_unobs_or_zero_occ_residues.label_comp_id 
_pdbx_unobs_or_zero_occ_residues.label_seq_id 
1 1 Y 1 A MET 1 ? A MET 1 
2 1 Y 1 B MET 1 ? B MET 1 
# 
loop_
_chem_comp_atom.comp_id 
_chem_comp_atom.atom_id 
_chem_comp_atom.type_symbol 
_chem_comp_atom.pdbx_aromatic_flag 
_chem_comp_atom.pdbx_stereo_config 
_chem_comp_atom.pdbx_ordinal 
ALA N    N N N 1   
ALA CA   C N S 2   
ALA C    C N N 3   
ALA O    O N N 4   
ALA CB   C N N 5   
ALA OXT  O N N 6   
ALA H    H N N 7   
ALA H2   H N N 8   
ALA HA   H N N 9   
ALA HB1  H N N 10  
ALA HB2  H N N 11  
ALA HB3  H N N 12  
ALA HXT  H N N 13  
ARG N    N N N 14  
ARG CA   C N S 15  
ARG C    C N N 16  
ARG O    O N N 17  
ARG CB   C N N 18  
ARG CG   C N N 19  
ARG CD   C N N 20  
ARG NE   N N N 21  
ARG CZ   C N N 22  
ARG NH1  N N N 23  
ARG NH2  N N N 24  
ARG OXT  O N N 25  
ARG H    H N N 26  
ARG H2   H N N 27  
ARG HA   H N N 28  
ARG HB2  H N N 29  
ARG HB3  H N N 30  
ARG HG2  H N N 31  
ARG HG3  H N N 32  
ARG HD2  H N N 33  
ARG HD3  H N N 34  
ARG HE   H N N 35  
ARG HH11 H N N 36  
ARG HH12 H N N 37  
ARG HH21 H N N 38  
ARG HH22 H N N 39  
ARG HXT  H N N 40  
ASN N    N N N 41  
ASN CA   C N S 42  
ASN C    C N N 43  
ASN O    O N N 44  
ASN CB   C N N 45  
ASN CG   C N N 46  
ASN OD1  O N N 47  
ASN ND2  N N N 48  
ASN OXT  O N N 49  
ASN H    H N N 50  
ASN H2   H N N 51  
ASN HA   H N N 52  
ASN HB2  H N N 53  
ASN HB3  H N N 54  
ASN HD21 H N N 55  
ASN HD22 H N N 56  
ASN HXT  H N N 57  
ASP N    N N N 58  
ASP CA   C N S 59  
ASP C    C N N 60  
ASP O    O N N 61  
ASP CB   C N N 62  
ASP CG   C N N 63  
ASP OD1  O N N 64  
ASP OD2  O N N 65  
ASP OXT  O N N 66  
ASP H    H N N 67  
ASP H2   H N N 68  
ASP HA   H N N 69  
ASP HB2  H N N 70  
ASP HB3  H N N 71  
ASP HD2  H N N 72  
ASP HXT  H N N 73  
FMT C    C N N 74  
FMT O1   O N N 75  
FMT O2   O N N 76  
FMT H    H N N 77  
FMT HO2  H N N 78  
GLN N    N N N 79  
GLN CA   C N S 80  
GLN C    C N N 81  
GLN O    O N N 82  
GLN CB   C N N 83  
GLN CG   C N N 84  
GLN CD   C N N 85  
GLN OE1  O N N 86  
GLN NE2  N N N 87  
GLN OXT  O N N 88  
GLN H    H N N 89  
GLN H2   H N N 90  
GLN HA   H N N 91  
GLN HB2  H N N 92  
GLN HB3  H N N 93  
GLN HG2  H N N 94  
GLN HG3  H N N 95  
GLN HE21 H N N 96  
GLN HE22 H N N 97  
GLN HXT  H N N 98  
GLU N    N N N 99  
GLU CA   C N S 100 
GLU C    C N N 101 
GLU O    O N N 102 
GLU CB   C N N 103 
GLU CG   C N N 104 
GLU CD   C N N 105 
GLU OE1  O N N 106 
GLU OE2  O N N 107 
GLU OXT  O N N 108 
GLU H    H N N 109 
GLU H2   H N N 110 
GLU HA   H N N 111 
GLU HB2  H N N 112 
GLU HB3  H N N 113 
GLU HG2  H N N 114 
GLU HG3  H N N 115 
GLU HE2  H N N 116 
GLU HXT  H N N 117 
GLY N    N N N 118 
GLY CA   C N N 119 
GLY C    C N N 120 
GLY O    O N N 121 
GLY OXT  O N N 122 
GLY H    H N N 123 
GLY H2   H N N 124 
GLY HA2  H N N 125 
GLY HA3  H N N 126 
GLY HXT  H N N 127 
HIS N    N N N 128 
HIS CA   C N S 129 
HIS C    C N N 130 
HIS O    O N N 131 
HIS CB   C N N 132 
HIS CG   C Y N 133 
HIS ND1  N Y N 134 
HIS CD2  C Y N 135 
HIS CE1  C Y N 136 
HIS NE2  N Y N 137 
HIS OXT  O N N 138 
HIS H    H N N 139 
HIS H2   H N N 140 
HIS HA   H N N 141 
HIS HB2  H N N 142 
HIS HB3  H N N 143 
HIS HD1  H N N 144 
HIS HD2  H N N 145 
HIS HE1  H N N 146 
HIS HE2  H N N 147 
HIS HXT  H N N 148 
HOH O    O N N 149 
HOH H1   H N N 150 
HOH H2   H N N 151 
ILE N    N N N 152 
ILE CA   C N S 153 
ILE C    C N N 154 
ILE O    O N N 155 
ILE CB   C N S 156 
ILE CG1  C N N 157 
ILE CG2  C N N 158 
ILE CD1  C N N 159 
ILE OXT  O N N 160 
ILE H    H N N 161 
ILE H2   H N N 162 
ILE HA   H N N 163 
ILE HB   H N N 164 
ILE HG12 H N N 165 
ILE HG13 H N N 166 
ILE HG21 H N N 167 
ILE HG22 H N N 168 
ILE HG23 H N N 169 
ILE HD11 H N N 170 
ILE HD12 H N N 171 
ILE HD13 H N N 172 
ILE HXT  H N N 173 
LEU N    N N N 174 
LEU CA   C N S 175 
LEU C    C N N 176 
LEU O    O N N 177 
LEU CB   C N N 178 
LEU CG   C N N 179 
LEU CD1  C N N 180 
LEU CD2  C N N 181 
LEU OXT  O N N 182 
LEU H    H N N 183 
LEU H2   H N N 184 
LEU HA   H N N 185 
LEU HB2  H N N 186 
LEU HB3  H N N 187 
LEU HG   H N N 188 
LEU HD11 H N N 189 
LEU HD12 H N N 190 
LEU HD13 H N N 191 
LEU HD21 H N N 192 
LEU HD22 H N N 193 
LEU HD23 H N N 194 
LEU HXT  H N N 195 
LYS N    N N N 196 
LYS CA   C N S 197 
LYS C    C N N 198 
LYS O    O N N 199 
LYS CB   C N N 200 
LYS CG   C N N 201 
LYS CD   C N N 202 
LYS CE   C N N 203 
LYS NZ   N N N 204 
LYS OXT  O N N 205 
LYS H    H N N 206 
LYS H2   H N N 207 
LYS HA   H N N 208 
LYS HB2  H N N 209 
LYS HB3  H N N 210 
LYS HG2  H N N 211 
LYS HG3  H N N 212 
LYS HD2  H N N 213 
LYS HD3  H N N 214 
LYS HE2  H N N 215 
LYS HE3  H N N 216 
LYS HZ1  H N N 217 
LYS HZ2  H N N 218 
LYS HZ3  H N N 219 
LYS HXT  H N N 220 
MET N    N N N 221 
MET CA   C N S 222 
MET C    C N N 223 
MET O    O N N 224 
MET CB   C N N 225 
MET CG   C N N 226 
MET SD   S N N 227 
MET CE   C N N 228 
MET OXT  O N N 229 
MET H    H N N 230 
MET H2   H N N 231 
MET HA   H N N 232 
MET HB2  H N N 233 
MET HB3  H N N 234 
MET HG2  H N N 235 
MET HG3  H N N 236 
MET HE1  H N N 237 
MET HE2  H N N 238 
MET HE3  H N N 239 
MET HXT  H N N 240 
PHE N    N N N 241 
PHE CA   C N S 242 
PHE C    C N N 243 
PHE O    O N N 244 
PHE CB   C N N 245 
PHE CG   C Y N 246 
PHE CD1  C Y N 247 
PHE CD2  C Y N 248 
PHE CE1  C Y N 249 
PHE CE2  C Y N 250 
PHE CZ   C Y N 251 
PHE OXT  O N N 252 
PHE H    H N N 253 
PHE H2   H N N 254 
PHE HA   H N N 255 
PHE HB2  H N N 256 
PHE HB3  H N N 257 
PHE HD1  H N N 258 
PHE HD2  H N N 259 
PHE HE1  H N N 260 
PHE HE2  H N N 261 
PHE HZ   H N N 262 
PHE HXT  H N N 263 
PRO N    N N N 264 
PRO CA   C N S 265 
PRO C    C N N 266 
PRO O    O N N 267 
PRO CB   C N N 268 
PRO CG   C N N 269 
PRO CD   C N N 270 
PRO OXT  O N N 271 
PRO H    H N N 272 
PRO HA   H N N 273 
PRO HB2  H N N 274 
PRO HB3  H N N 275 
PRO HG2  H N N 276 
PRO HG3  H N N 277 
PRO HD2  H N N 278 
PRO HD3  H N N 279 
PRO HXT  H N N 280 
SER N    N N N 281 
SER CA   C N S 282 
SER C    C N N 283 
SER O    O N N 284 
SER CB   C N N 285 
SER OG   O N N 286 
SER OXT  O N N 287 
SER H    H N N 288 
SER H2   H N N 289 
SER HA   H N N 290 
SER HB2  H N N 291 
SER HB3  H N N 292 
SER HG   H N N 293 
SER HXT  H N N 294 
THR N    N N N 295 
THR CA   C N S 296 
THR C    C N N 297 
THR O    O N N 298 
THR CB   C N R 299 
THR OG1  O N N 300 
THR CG2  C N N 301 
THR OXT  O N N 302 
THR H    H N N 303 
THR H2   H N N 304 
THR HA   H N N 305 
THR HB   H N N 306 
THR HG1  H N N 307 
THR HG21 H N N 308 
THR HG22 H N N 309 
THR HG23 H N N 310 
THR HXT  H N N 311 
TRP N    N N N 312 
TRP CA   C N S 313 
TRP C    C N N 314 
TRP O    O N N 315 
TRP CB   C N N 316 
TRP CG   C Y N 317 
TRP CD1  C Y N 318 
TRP CD2  C Y N 319 
TRP NE1  N Y N 320 
TRP CE2  C Y N 321 
TRP CE3  C Y N 322 
TRP CZ2  C Y N 323 
TRP CZ3  C Y N 324 
TRP CH2  C Y N 325 
TRP OXT  O N N 326 
TRP H    H N N 327 
TRP H2   H N N 328 
TRP HA   H N N 329 
TRP HB2  H N N 330 
TRP HB3  H N N 331 
TRP HD1  H N N 332 
TRP HE1  H N N 333 
TRP HE3  H N N 334 
TRP HZ2  H N N 335 
TRP HZ3  H N N 336 
TRP HH2  H N N 337 
TRP HXT  H N N 338 
TYR N    N N N 339 
TYR CA   C N S 340 
TYR C    C N N 341 
TYR O    O N N 342 
TYR CB   C N N 343 
TYR CG   C Y N 344 
TYR CD1  C Y N 345 
TYR CD2  C Y N 346 
TYR CE1  C Y N 347 
TYR CE2  C Y N 348 
TYR CZ   C Y N 349 
TYR OH   O N N 350 
TYR OXT  O N N 351 
TYR H    H N N 352 
TYR H2   H N N 353 
TYR HA   H N N 354 
TYR HB2  H N N 355 
TYR HB3  H N N 356 
TYR HD1  H N N 357 
TYR HD2  H N N 358 
TYR HE1  H N N 359 
TYR HE2  H N N 360 
TYR HH   H N N 361 
TYR HXT  H N N 362 
VAL N    N N N 363 
VAL CA   C N S 364 
VAL C    C N N 365 
VAL O    O N N 366 
VAL CB   C N N 367 
VAL CG1  C N N 368 
VAL CG2  C N N 369 
VAL OXT  O N N 370 
VAL H    H N N 371 
VAL H2   H N N 372 
VAL HA   H N N 373 
VAL HB   H N N 374 
VAL HG11 H N N 375 
VAL HG12 H N N 376 
VAL HG13 H N N 377 
VAL HG21 H N N 378 
VAL HG22 H N N 379 
VAL HG23 H N N 380 
VAL HXT  H N N 381 
# 
loop_
_chem_comp_bond.comp_id 
_chem_comp_bond.atom_id_1 
_chem_comp_bond.atom_id_2 
_chem_comp_bond.value_order 
_chem_comp_bond.pdbx_aromatic_flag 
_chem_comp_bond.pdbx_stereo_config 
_chem_comp_bond.pdbx_ordinal 
ALA N   CA   sing N N 1   
ALA N   H    sing N N 2   
ALA N   H2   sing N N 3   
ALA CA  C    sing N N 4   
ALA CA  CB   sing N N 5   
ALA CA  HA   sing N N 6   
ALA C   O    doub N N 7   
ALA C   OXT  sing N N 8   
ALA CB  HB1  sing N N 9   
ALA CB  HB2  sing N N 10  
ALA CB  HB3  sing N N 11  
ALA OXT HXT  sing N N 12  
ARG N   CA   sing N N 13  
ARG N   H    sing N N 14  
ARG N   H2   sing N N 15  
ARG CA  C    sing N N 16  
ARG CA  CB   sing N N 17  
ARG CA  HA   sing N N 18  
ARG C   O    doub N N 19  
ARG C   OXT  sing N N 20  
ARG CB  CG   sing N N 21  
ARG CB  HB2  sing N N 22  
ARG CB  HB3  sing N N 23  
ARG CG  CD   sing N N 24  
ARG CG  HG2  sing N N 25  
ARG CG  HG3  sing N N 26  
ARG CD  NE   sing N N 27  
ARG CD  HD2  sing N N 28  
ARG CD  HD3  sing N N 29  
ARG NE  CZ   sing N N 30  
ARG NE  HE   sing N N 31  
ARG CZ  NH1  sing N N 32  
ARG CZ  NH2  doub N N 33  
ARG NH1 HH11 sing N N 34  
ARG NH1 HH12 sing N N 35  
ARG NH2 HH21 sing N N 36  
ARG NH2 HH22 sing N N 37  
ARG OXT HXT  sing N N 38  
ASN N   CA   sing N N 39  
ASN N   H    sing N N 40  
ASN N   H2   sing N N 41  
ASN CA  C    sing N N 42  
ASN CA  CB   sing N N 43  
ASN CA  HA   sing N N 44  
ASN C   O    doub N N 45  
ASN C   OXT  sing N N 46  
ASN CB  CG   sing N N 47  
ASN CB  HB2  sing N N 48  
ASN CB  HB3  sing N N 49  
ASN CG  OD1  doub N N 50  
ASN CG  ND2  sing N N 51  
ASN ND2 HD21 sing N N 52  
ASN ND2 HD22 sing N N 53  
ASN OXT HXT  sing N N 54  
ASP N   CA   sing N N 55  
ASP N   H    sing N N 56  
ASP N   H2   sing N N 57  
ASP CA  C    sing N N 58  
ASP CA  CB   sing N N 59  
ASP CA  HA   sing N N 60  
ASP C   O    doub N N 61  
ASP C   OXT  sing N N 62  
ASP CB  CG   sing N N 63  
ASP CB  HB2  sing N N 64  
ASP CB  HB3  sing N N 65  
ASP CG  OD1  doub N N 66  
ASP CG  OD2  sing N N 67  
ASP OD2 HD2  sing N N 68  
ASP OXT HXT  sing N N 69  
FMT C   O1   doub N N 70  
FMT C   O2   sing N N 71  
FMT C   H    sing N N 72  
FMT O2  HO2  sing N N 73  
GLN N   CA   sing N N 74  
GLN N   H    sing N N 75  
GLN N   H2   sing N N 76  
GLN CA  C    sing N N 77  
GLN CA  CB   sing N N 78  
GLN CA  HA   sing N N 79  
GLN C   O    doub N N 80  
GLN C   OXT  sing N N 81  
GLN CB  CG   sing N N 82  
GLN CB  HB2  sing N N 83  
GLN CB  HB3  sing N N 84  
GLN CG  CD   sing N N 85  
GLN CG  HG2  sing N N 86  
GLN CG  HG3  sing N N 87  
GLN CD  OE1  doub N N 88  
GLN CD  NE2  sing N N 89  
GLN NE2 HE21 sing N N 90  
GLN NE2 HE22 sing N N 91  
GLN OXT HXT  sing N N 92  
GLU N   CA   sing N N 93  
GLU N   H    sing N N 94  
GLU N   H2   sing N N 95  
GLU CA  C    sing N N 96  
GLU CA  CB   sing N N 97  
GLU CA  HA   sing N N 98  
GLU C   O    doub N N 99  
GLU C   OXT  sing N N 100 
GLU CB  CG   sing N N 101 
GLU CB  HB2  sing N N 102 
GLU CB  HB3  sing N N 103 
GLU CG  CD   sing N N 104 
GLU CG  HG2  sing N N 105 
GLU CG  HG3  sing N N 106 
GLU CD  OE1  doub N N 107 
GLU CD  OE2  sing N N 108 
GLU OE2 HE2  sing N N 109 
GLU OXT HXT  sing N N 110 
GLY N   CA   sing N N 111 
GLY N   H    sing N N 112 
GLY N   H2   sing N N 113 
GLY CA  C    sing N N 114 
GLY CA  HA2  sing N N 115 
GLY CA  HA3  sing N N 116 
GLY C   O    doub N N 117 
GLY C   OXT  sing N N 118 
GLY OXT HXT  sing N N 119 
HIS N   CA   sing N N 120 
HIS N   H    sing N N 121 
HIS N   H2   sing N N 122 
HIS CA  C    sing N N 123 
HIS CA  CB   sing N N 124 
HIS CA  HA   sing N N 125 
HIS C   O    doub N N 126 
HIS C   OXT  sing N N 127 
HIS CB  CG   sing N N 128 
HIS CB  HB2  sing N N 129 
HIS CB  HB3  sing N N 130 
HIS CG  ND1  sing Y N 131 
HIS CG  CD2  doub Y N 132 
HIS ND1 CE1  doub Y N 133 
HIS ND1 HD1  sing N N 134 
HIS CD2 NE2  sing Y N 135 
HIS CD2 HD2  sing N N 136 
HIS CE1 NE2  sing Y N 137 
HIS CE1 HE1  sing N N 138 
HIS NE2 HE2  sing N N 139 
HIS OXT HXT  sing N N 140 
HOH O   H1   sing N N 141 
HOH O   H2   sing N N 142 
ILE N   CA   sing N N 143 
ILE N   H    sing N N 144 
ILE N   H2   sing N N 145 
ILE CA  C    sing N N 146 
ILE CA  CB   sing N N 147 
ILE CA  HA   sing N N 148 
ILE C   O    doub N N 149 
ILE C   OXT  sing N N 150 
ILE CB  CG1  sing N N 151 
ILE CB  CG2  sing N N 152 
ILE CB  HB   sing N N 153 
ILE CG1 CD1  sing N N 154 
ILE CG1 HG12 sing N N 155 
ILE CG1 HG13 sing N N 156 
ILE CG2 HG21 sing N N 157 
ILE CG2 HG22 sing N N 158 
ILE CG2 HG23 sing N N 159 
ILE CD1 HD11 sing N N 160 
ILE CD1 HD12 sing N N 161 
ILE CD1 HD13 sing N N 162 
ILE OXT HXT  sing N N 163 
LEU N   CA   sing N N 164 
LEU N   H    sing N N 165 
LEU N   H2   sing N N 166 
LEU CA  C    sing N N 167 
LEU CA  CB   sing N N 168 
LEU CA  HA   sing N N 169 
LEU C   O    doub N N 170 
LEU C   OXT  sing N N 171 
LEU CB  CG   sing N N 172 
LEU CB  HB2  sing N N 173 
LEU CB  HB3  sing N N 174 
LEU CG  CD1  sing N N 175 
LEU CG  CD2  sing N N 176 
LEU CG  HG   sing N N 177 
LEU CD1 HD11 sing N N 178 
LEU CD1 HD12 sing N N 179 
LEU CD1 HD13 sing N N 180 
LEU CD2 HD21 sing N N 181 
LEU CD2 HD22 sing N N 182 
LEU CD2 HD23 sing N N 183 
LEU OXT HXT  sing N N 184 
LYS N   CA   sing N N 185 
LYS N   H    sing N N 186 
LYS N   H2   sing N N 187 
LYS CA  C    sing N N 188 
LYS CA  CB   sing N N 189 
LYS CA  HA   sing N N 190 
LYS C   O    doub N N 191 
LYS C   OXT  sing N N 192 
LYS CB  CG   sing N N 193 
LYS CB  HB2  sing N N 194 
LYS CB  HB3  sing N N 195 
LYS CG  CD   sing N N 196 
LYS CG  HG2  sing N N 197 
LYS CG  HG3  sing N N 198 
LYS CD  CE   sing N N 199 
LYS CD  HD2  sing N N 200 
LYS CD  HD3  sing N N 201 
LYS CE  NZ   sing N N 202 
LYS CE  HE2  sing N N 203 
LYS CE  HE3  sing N N 204 
LYS NZ  HZ1  sing N N 205 
LYS NZ  HZ2  sing N N 206 
LYS NZ  HZ3  sing N N 207 
LYS OXT HXT  sing N N 208 
MET N   CA   sing N N 209 
MET N   H    sing N N 210 
MET N   H2   sing N N 211 
MET CA  C    sing N N 212 
MET CA  CB   sing N N 213 
MET CA  HA   sing N N 214 
MET C   O    doub N N 215 
MET C   OXT  sing N N 216 
MET CB  CG   sing N N 217 
MET CB  HB2  sing N N 218 
MET CB  HB3  sing N N 219 
MET CG  SD   sing N N 220 
MET CG  HG2  sing N N 221 
MET CG  HG3  sing N N 222 
MET SD  CE   sing N N 223 
MET CE  HE1  sing N N 224 
MET CE  HE2  sing N N 225 
MET CE  HE3  sing N N 226 
MET OXT HXT  sing N N 227 
PHE N   CA   sing N N 228 
PHE N   H    sing N N 229 
PHE N   H2   sing N N 230 
PHE CA  C    sing N N 231 
PHE CA  CB   sing N N 232 
PHE CA  HA   sing N N 233 
PHE C   O    doub N N 234 
PHE C   OXT  sing N N 235 
PHE CB  CG   sing N N 236 
PHE CB  HB2  sing N N 237 
PHE CB  HB3  sing N N 238 
PHE CG  CD1  doub Y N 239 
PHE CG  CD2  sing Y N 240 
PHE CD1 CE1  sing Y N 241 
PHE CD1 HD1  sing N N 242 
PHE CD2 CE2  doub Y N 243 
PHE CD2 HD2  sing N N 244 
PHE CE1 CZ   doub Y N 245 
PHE CE1 HE1  sing N N 246 
PHE CE2 CZ   sing Y N 247 
PHE CE2 HE2  sing N N 248 
PHE CZ  HZ   sing N N 249 
PHE OXT HXT  sing N N 250 
PRO N   CA   sing N N 251 
PRO N   CD   sing N N 252 
PRO N   H    sing N N 253 
PRO CA  C    sing N N 254 
PRO CA  CB   sing N N 255 
PRO CA  HA   sing N N 256 
PRO C   O    doub N N 257 
PRO C   OXT  sing N N 258 
PRO CB  CG   sing N N 259 
PRO CB  HB2  sing N N 260 
PRO CB  HB3  sing N N 261 
PRO CG  CD   sing N N 262 
PRO CG  HG2  sing N N 263 
PRO CG  HG3  sing N N 264 
PRO CD  HD2  sing N N 265 
PRO CD  HD3  sing N N 266 
PRO OXT HXT  sing N N 267 
SER N   CA   sing N N 268 
SER N   H    sing N N 269 
SER N   H2   sing N N 270 
SER CA  C    sing N N 271 
SER CA  CB   sing N N 272 
SER CA  HA   sing N N 273 
SER C   O    doub N N 274 
SER C   OXT  sing N N 275 
SER CB  OG   sing N N 276 
SER CB  HB2  sing N N 277 
SER CB  HB3  sing N N 278 
SER OG  HG   sing N N 279 
SER OXT HXT  sing N N 280 
THR N   CA   sing N N 281 
THR N   H    sing N N 282 
THR N   H2   sing N N 283 
THR CA  C    sing N N 284 
THR CA  CB   sing N N 285 
THR CA  HA   sing N N 286 
THR C   O    doub N N 287 
THR C   OXT  sing N N 288 
THR CB  OG1  sing N N 289 
THR CB  CG2  sing N N 290 
THR CB  HB   sing N N 291 
THR OG1 HG1  sing N N 292 
THR CG2 HG21 sing N N 293 
THR CG2 HG22 sing N N 294 
THR CG2 HG23 sing N N 295 
THR OXT HXT  sing N N 296 
TRP N   CA   sing N N 297 
TRP N   H    sing N N 298 
TRP N   H2   sing N N 299 
TRP CA  C    sing N N 300 
TRP CA  CB   sing N N 301 
TRP CA  HA   sing N N 302 
TRP C   O    doub N N 303 
TRP C   OXT  sing N N 304 
TRP CB  CG   sing N N 305 
TRP CB  HB2  sing N N 306 
TRP CB  HB3  sing N N 307 
TRP CG  CD1  doub Y N 308 
TRP CG  CD2  sing Y N 309 
TRP CD1 NE1  sing Y N 310 
TRP CD1 HD1  sing N N 311 
TRP CD2 CE2  doub Y N 312 
TRP CD2 CE3  sing Y N 313 
TRP NE1 CE2  sing Y N 314 
TRP NE1 HE1  sing N N 315 
TRP CE2 CZ2  sing Y N 316 
TRP CE3 CZ3  doub Y N 317 
TRP CE3 HE3  sing N N 318 
TRP CZ2 CH2  doub Y N 319 
TRP CZ2 HZ2  sing N N 320 
TRP CZ3 CH2  sing Y N 321 
TRP CZ3 HZ3  sing N N 322 
TRP CH2 HH2  sing N N 323 
TRP OXT HXT  sing N N 324 
TYR N   CA   sing N N 325 
TYR N   H    sing N N 326 
TYR N   H2   sing N N 327 
TYR CA  C    sing N N 328 
TYR CA  CB   sing N N 329 
TYR CA  HA   sing N N 330 
TYR C   O    doub N N 331 
TYR C   OXT  sing N N 332 
TYR CB  CG   sing N N 333 
TYR CB  HB2  sing N N 334 
TYR CB  HB3  sing N N 335 
TYR CG  CD1  doub Y N 336 
TYR CG  CD2  sing Y N 337 
TYR CD1 CE1  sing Y N 338 
TYR CD1 HD1  sing N N 339 
TYR CD2 CE2  doub Y N 340 
TYR CD2 HD2  sing N N 341 
TYR CE1 CZ   doub Y N 342 
TYR CE1 HE1  sing N N 343 
TYR CE2 CZ   sing Y N 344 
TYR CE2 HE2  sing N N 345 
TYR CZ  OH   sing N N 346 
TYR OH  HH   sing N N 347 
TYR OXT HXT  sing N N 348 
VAL N   CA   sing N N 349 
VAL N   H    sing N N 350 
VAL N   H2   sing N N 351 
VAL CA  C    sing N N 352 
VAL CA  CB   sing N N 353 
VAL CA  HA   sing N N 354 
VAL C   O    doub N N 355 
VAL C   OXT  sing N N 356 
VAL CB  CG1  sing N N 357 
VAL CB  CG2  sing N N 358 
VAL CB  HB   sing N N 359 
VAL CG1 HG11 sing N N 360 
VAL CG1 HG12 sing N N 361 
VAL CG1 HG13 sing N N 362 
VAL CG2 HG21 sing N N 363 
VAL CG2 HG22 sing N N 364 
VAL CG2 HG23 sing N N 365 
VAL OXT HXT  sing N N 366 
# 
loop_
_pdbx_entity_nonpoly.entity_id 
_pdbx_entity_nonpoly.name 
_pdbx_entity_nonpoly.comp_id 
2 'FORMIC ACID' FMT 
3 water         HOH 
# 
_pdbx_initial_refinement_model.id               1 
_pdbx_initial_refinement_model.entity_id_list   ? 
_pdbx_initial_refinement_model.type             'experimental model' 
_pdbx_initial_refinement_model.source_name      PDB 
_pdbx_initial_refinement_model.accession_code   2ACY 
_pdbx_initial_refinement_model.details          'PDB ENTRY 2ACY' 
# 
